data_1XQ1
# 
_entry.id   1XQ1 
# 
_audit_conform.dict_name       mmcif_pdbx.dic 
_audit_conform.dict_version    5.376 
_audit_conform.dict_location   http://mmcif.pdb.org/dictionaries/ascii/mmcif_pdbx.dic 
# 
loop_
_database_2.database_id 
_database_2.database_code 
_database_2.pdbx_database_accession 
_database_2.pdbx_DOI 
PDB   1XQ1         pdb_00001xq1 10.2210/pdb1xq1/pdb 
RCSB  RCSB030631   ?            ?                   
WWPDB D_1000030631 ?            ?                   
# 
_pdbx_database_related.db_name        TargetDB 
_pdbx_database_related.db_id          GO.2303 
_pdbx_database_related.details        . 
_pdbx_database_related.content_type   unspecified 
# 
_pdbx_database_status.entry_id                        1XQ1 
_pdbx_database_status.deposit_site                    RCSB 
_pdbx_database_status.process_site                    RCSB 
_pdbx_database_status.recvd_initial_deposition_date   2004-10-11 
_pdbx_database_status.status_code                     REL 
_pdbx_database_status.SG_entry                        Y 
_pdbx_database_status.status_code_sf                  REL 
_pdbx_database_status.pdb_format_compatible           Y 
_pdbx_database_status.status_code_mr                  ? 
_pdbx_database_status.status_code_cs                  ? 
_pdbx_database_status.methods_development_category    ? 
_pdbx_database_status.status_code_nmr_data            ? 
# 
loop_
_audit_author.name 
_audit_author.pdbx_ordinal 
'Wesenberg, G.E.'                                  1 
'Smith, D.W.'                                      2 
'Phillips Jr., G.N.'                               3 
'Bitto, E.'                                        4 
'Bingman, C.A.'                                    5 
'Allard, S.T.M.'                                   6 
'Center for Eukaryotic Structural Genomics (CESG)' 7 
# 
_citation.id                        primary 
_citation.title                     'X-RAY STRUCTURE OF PUTATIVE TROPINONE REDUCATSE FROM ARABIDOPSIS THALIANA GENE AT1G07440' 
_citation.journal_abbrev            'To be published' 
_citation.journal_volume            ? 
_citation.page_first                ? 
_citation.page_last                 ? 
_citation.year                      ? 
_citation.journal_id_ASTM           ? 
_citation.country                   ? 
_citation.journal_id_ISSN           ? 
_citation.journal_id_CSD            0353 
_citation.book_publisher            ? 
_citation.pdbx_database_id_PubMed   ? 
_citation.pdbx_database_id_DOI      ? 
# 
_citation_author.citation_id        primary 
_citation_author.name               'Center for Eukaryotic Structural Genomics' 
_citation_author.ordinal            1 
_citation_author.identifier_ORCID   ? 
# 
_cell.length_a           56.335 
_cell.length_b           76.599 
_cell.length_c           112.134 
_cell.angle_alpha        90.00 
_cell.angle_beta         90.00 
_cell.angle_gamma        90.00 
_cell.entry_id           1XQ1 
_cell.pdbx_unique_axis   ? 
_cell.Z_PDB              8 
# 
_symmetry.space_group_name_H-M             'I 2 2 2' 
_symmetry.Int_Tables_number                23 
_symmetry.entry_id                         1XQ1 
_symmetry.pdbx_full_space_group_name_H-M   ? 
_symmetry.cell_setting                     ? 
_symmetry.space_group_name_Hall            ? 
# 
loop_
_entity.id 
_entity.type 
_entity.src_method 
_entity.pdbx_description 
_entity.formula_weight 
_entity.pdbx_number_of_molecules 
_entity.pdbx_ec 
_entity.pdbx_mutation 
_entity.pdbx_fragment 
_entity.details 
1 polymer man 'PUTATIVE TROPINONE REDUCATSE' 28360.336 1  ? ? ? ? 
2 water   nat water                          18.015    57 ? ? ? ? 
# 
_entity_poly.entity_id                      1 
_entity_poly.type                           'polypeptide(L)' 
_entity_poly.nstd_linkage                   no 
_entity_poly.nstd_monomer                   no 
_entity_poly.pdbx_seq_one_letter_code       
;MAGAEQSQRWSLKAKTVLVTGGTKGIGHAIVEEFAGFGAVIHTCARNEYELNECLSKWQKKGFQVTGSVCDASLRPEREK
LMQTVSSMFGGKLDILINNLGAIRSKPTLDYTAEDFSFHISTNLESAYHLSQLAHPLLKASGCGNIIFMSSIAGVVSASV
GSIYSATKGALNQLARNLACEWASDGIRANAVAPAVIATPLAEAVYDDEFKKVVISRKPLGRFGEPEEVSSLVAFLCMPA
ASYITGQTICVDGGLTVNGFSYQPQG
;
_entity_poly.pdbx_seq_one_letter_code_can   
;MAGAEQSQRWSLKAKTVLVTGGTKGIGHAIVEEFAGFGAVIHTCARNEYELNECLSKWQKKGFQVTGSVCDASLRPEREK
LMQTVSSMFGGKLDILINNLGAIRSKPTLDYTAEDFSFHISTNLESAYHLSQLAHPLLKASGCGNIIFMSSIAGVVSASV
GSIYSATKGALNQLARNLACEWASDGIRANAVAPAVIATPLAEAVYDDEFKKVVISRKPLGRFGEPEEVSSLVAFLCMPA
ASYITGQTICVDGGLTVNGFSYQPQG
;
_entity_poly.pdbx_strand_id                 A 
_entity_poly.pdbx_target_identifier         GO.2303 
# 
loop_
_entity_poly_seq.entity_id 
_entity_poly_seq.num 
_entity_poly_seq.mon_id 
_entity_poly_seq.hetero 
1 1   MET n 
1 2   ALA n 
1 3   GLY n 
1 4   ALA n 
1 5   GLU n 
1 6   GLN n 
1 7   SER n 
1 8   GLN n 
1 9   ARG n 
1 10  TRP n 
1 11  SER n 
1 12  LEU n 
1 13  LYS n 
1 14  ALA n 
1 15  LYS n 
1 16  THR n 
1 17  VAL n 
1 18  LEU n 
1 19  VAL n 
1 20  THR n 
1 21  GLY n 
1 22  GLY n 
1 23  THR n 
1 24  LYS n 
1 25  GLY n 
1 26  ILE n 
1 27  GLY n 
1 28  HIS n 
1 29  ALA n 
1 30  ILE n 
1 31  VAL n 
1 32  GLU n 
1 33  GLU n 
1 34  PHE n 
1 35  ALA n 
1 36  GLY n 
1 37  PHE n 
1 38  GLY n 
1 39  ALA n 
1 40  VAL n 
1 41  ILE n 
1 42  HIS n 
1 43  THR n 
1 44  CYS n 
1 45  ALA n 
1 46  ARG n 
1 47  ASN n 
1 48  GLU n 
1 49  TYR n 
1 50  GLU n 
1 51  LEU n 
1 52  ASN n 
1 53  GLU n 
1 54  CYS n 
1 55  LEU n 
1 56  SER n 
1 57  LYS n 
1 58  TRP n 
1 59  GLN n 
1 60  LYS n 
1 61  LYS n 
1 62  GLY n 
1 63  PHE n 
1 64  GLN n 
1 65  VAL n 
1 66  THR n 
1 67  GLY n 
1 68  SER n 
1 69  VAL n 
1 70  CYS n 
1 71  ASP n 
1 72  ALA n 
1 73  SER n 
1 74  LEU n 
1 75  ARG n 
1 76  PRO n 
1 77  GLU n 
1 78  ARG n 
1 79  GLU n 
1 80  LYS n 
1 81  LEU n 
1 82  MET n 
1 83  GLN n 
1 84  THR n 
1 85  VAL n 
1 86  SER n 
1 87  SER n 
1 88  MET n 
1 89  PHE n 
1 90  GLY n 
1 91  GLY n 
1 92  LYS n 
1 93  LEU n 
1 94  ASP n 
1 95  ILE n 
1 96  LEU n 
1 97  ILE n 
1 98  ASN n 
1 99  ASN n 
1 100 LEU n 
1 101 GLY n 
1 102 ALA n 
1 103 ILE n 
1 104 ARG n 
1 105 SER n 
1 106 LYS n 
1 107 PRO n 
1 108 THR n 
1 109 LEU n 
1 110 ASP n 
1 111 TYR n 
1 112 THR n 
1 113 ALA n 
1 114 GLU n 
1 115 ASP n 
1 116 PHE n 
1 117 SER n 
1 118 PHE n 
1 119 HIS n 
1 120 ILE n 
1 121 SER n 
1 122 THR n 
1 123 ASN n 
1 124 LEU n 
1 125 GLU n 
1 126 SER n 
1 127 ALA n 
1 128 TYR n 
1 129 HIS n 
1 130 LEU n 
1 131 SER n 
1 132 GLN n 
1 133 LEU n 
1 134 ALA n 
1 135 HIS n 
1 136 PRO n 
1 137 LEU n 
1 138 LEU n 
1 139 LYS n 
1 140 ALA n 
1 141 SER n 
1 142 GLY n 
1 143 CYS n 
1 144 GLY n 
1 145 ASN n 
1 146 ILE n 
1 147 ILE n 
1 148 PHE n 
1 149 MET n 
1 150 SER n 
1 151 SER n 
1 152 ILE n 
1 153 ALA n 
1 154 GLY n 
1 155 VAL n 
1 156 VAL n 
1 157 SER n 
1 158 ALA n 
1 159 SER n 
1 160 VAL n 
1 161 GLY n 
1 162 SER n 
1 163 ILE n 
1 164 TYR n 
1 165 SER n 
1 166 ALA n 
1 167 THR n 
1 168 LYS n 
1 169 GLY n 
1 170 ALA n 
1 171 LEU n 
1 172 ASN n 
1 173 GLN n 
1 174 LEU n 
1 175 ALA n 
1 176 ARG n 
1 177 ASN n 
1 178 LEU n 
1 179 ALA n 
1 180 CYS n 
1 181 GLU n 
1 182 TRP n 
1 183 ALA n 
1 184 SER n 
1 185 ASP n 
1 186 GLY n 
1 187 ILE n 
1 188 ARG n 
1 189 ALA n 
1 190 ASN n 
1 191 ALA n 
1 192 VAL n 
1 193 ALA n 
1 194 PRO n 
1 195 ALA n 
1 196 VAL n 
1 197 ILE n 
1 198 ALA n 
1 199 THR n 
1 200 PRO n 
1 201 LEU n 
1 202 ALA n 
1 203 GLU n 
1 204 ALA n 
1 205 VAL n 
1 206 TYR n 
1 207 ASP n 
1 208 ASP n 
1 209 GLU n 
1 210 PHE n 
1 211 LYS n 
1 212 LYS n 
1 213 VAL n 
1 214 VAL n 
1 215 ILE n 
1 216 SER n 
1 217 ARG n 
1 218 LYS n 
1 219 PRO n 
1 220 LEU n 
1 221 GLY n 
1 222 ARG n 
1 223 PHE n 
1 224 GLY n 
1 225 GLU n 
1 226 PRO n 
1 227 GLU n 
1 228 GLU n 
1 229 VAL n 
1 230 SER n 
1 231 SER n 
1 232 LEU n 
1 233 VAL n 
1 234 ALA n 
1 235 PHE n 
1 236 LEU n 
1 237 CYS n 
1 238 MET n 
1 239 PRO n 
1 240 ALA n 
1 241 ALA n 
1 242 SER n 
1 243 TYR n 
1 244 ILE n 
1 245 THR n 
1 246 GLY n 
1 247 GLN n 
1 248 THR n 
1 249 ILE n 
1 250 CYS n 
1 251 VAL n 
1 252 ASP n 
1 253 GLY n 
1 254 GLY n 
1 255 LEU n 
1 256 THR n 
1 257 VAL n 
1 258 ASN n 
1 259 GLY n 
1 260 PHE n 
1 261 SER n 
1 262 TYR n 
1 263 GLN n 
1 264 PRO n 
1 265 GLN n 
1 266 GLY n 
# 
_entity_src_gen.entity_id                          1 
_entity_src_gen.pdbx_src_id                        1 
_entity_src_gen.pdbx_alt_source_flag               sample 
_entity_src_gen.pdbx_seq_type                      ? 
_entity_src_gen.pdbx_beg_seq_num                   ? 
_entity_src_gen.pdbx_end_seq_num                   ? 
_entity_src_gen.gene_src_common_name               'thale cress' 
_entity_src_gen.gene_src_genus                     Arabidopsis 
_entity_src_gen.pdbx_gene_src_gene                 At1g07440 
_entity_src_gen.gene_src_species                   ? 
_entity_src_gen.gene_src_strain                    ? 
_entity_src_gen.gene_src_tissue                    ? 
_entity_src_gen.gene_src_tissue_fraction           ? 
_entity_src_gen.gene_src_details                   ? 
_entity_src_gen.pdbx_gene_src_fragment             ? 
_entity_src_gen.pdbx_gene_src_scientific_name      'Arabidopsis thaliana' 
_entity_src_gen.pdbx_gene_src_ncbi_taxonomy_id     3702 
_entity_src_gen.pdbx_gene_src_variant              ? 
_entity_src_gen.pdbx_gene_src_cell_line            ? 
_entity_src_gen.pdbx_gene_src_atcc                 ? 
_entity_src_gen.pdbx_gene_src_organ                ? 
_entity_src_gen.pdbx_gene_src_organelle            ? 
_entity_src_gen.pdbx_gene_src_cell                 ? 
_entity_src_gen.pdbx_gene_src_cellular_location    ? 
_entity_src_gen.host_org_common_name               ? 
_entity_src_gen.pdbx_host_org_scientific_name      'Escherichia coli' 
_entity_src_gen.pdbx_host_org_ncbi_taxonomy_id     562 
_entity_src_gen.host_org_genus                     Escherichia 
_entity_src_gen.pdbx_host_org_gene                 ? 
_entity_src_gen.pdbx_host_org_organ                ? 
_entity_src_gen.host_org_species                   ? 
_entity_src_gen.pdbx_host_org_tissue               ? 
_entity_src_gen.pdbx_host_org_tissue_fraction      ? 
_entity_src_gen.pdbx_host_org_strain               'B834(DE3) p(LacI+RARE)' 
_entity_src_gen.pdbx_host_org_variant              ? 
_entity_src_gen.pdbx_host_org_cell_line            ? 
_entity_src_gen.pdbx_host_org_atcc                 ? 
_entity_src_gen.pdbx_host_org_culture_collection   ? 
_entity_src_gen.pdbx_host_org_cell                 ? 
_entity_src_gen.pdbx_host_org_organelle            ? 
_entity_src_gen.pdbx_host_org_cellular_location    ? 
_entity_src_gen.pdbx_host_org_vector_type          plasmid 
_entity_src_gen.pdbx_host_org_vector               ? 
_entity_src_gen.host_org_details                   ? 
_entity_src_gen.expression_system_id               ? 
_entity_src_gen.plasmid_name                       'pVP-13 (pQE derivative)' 
_entity_src_gen.plasmid_details                    ? 
_entity_src_gen.pdbx_description                   ? 
# 
_struct_ref.id                         1 
_struct_ref.db_name                    UNP 
_struct_ref.db_code                    Q9ASX2_ARATH 
_struct_ref.pdbx_db_accession          Q9ASX2 
_struct_ref.entity_id                  1 
_struct_ref.pdbx_seq_one_letter_code   
;MAGAEQSQRWSLKAKTVLVTGGTKGIGHAIVEEFAGFGAVIHTCARNEYELNECLSKWQKKGFQVTGSVCDASLRPEREK
LMQTVSSMFGGKLDILINNLGAIRSKPTLDYTAEDFSFHISTNLESAYHLSQLAHPLLKASGCGNIIFMSSIAGVVSASV
GSIYSATKGALNQLARNLACEWASDGIRANAVAPAVIATPLAEAVYDDEFKKVVISRKPLGRFGEPEEVSSLVAFLCMPA
ASYITGQTICVDGGLTVNGFSYQPQG
;
_struct_ref.pdbx_align_begin           1 
_struct_ref.pdbx_db_isoform            ? 
# 
_struct_ref_seq.align_id                      1 
_struct_ref_seq.ref_id                        1 
_struct_ref_seq.pdbx_PDB_id_code              1XQ1 
_struct_ref_seq.pdbx_strand_id                A 
_struct_ref_seq.seq_align_beg                 1 
_struct_ref_seq.pdbx_seq_align_beg_ins_code   ? 
_struct_ref_seq.seq_align_end                 266 
_struct_ref_seq.pdbx_seq_align_end_ins_code   ? 
_struct_ref_seq.pdbx_db_accession             Q9ASX2 
_struct_ref_seq.db_align_beg                  1 
_struct_ref_seq.pdbx_db_align_beg_ins_code    ? 
_struct_ref_seq.db_align_end                  266 
_struct_ref_seq.pdbx_db_align_end_ins_code    ? 
_struct_ref_seq.pdbx_auth_seq_align_beg       1 
_struct_ref_seq.pdbx_auth_seq_align_end       266 
# 
loop_
_chem_comp.id 
_chem_comp.type 
_chem_comp.mon_nstd_flag 
_chem_comp.name 
_chem_comp.pdbx_synonyms 
_chem_comp.formula 
_chem_comp.formula_weight 
ALA 'L-peptide linking' y ALANINE         ? 'C3 H7 N O2'     89.093  
ARG 'L-peptide linking' y ARGININE        ? 'C6 H15 N4 O2 1' 175.209 
ASN 'L-peptide linking' y ASPARAGINE      ? 'C4 H8 N2 O3'    132.118 
ASP 'L-peptide linking' y 'ASPARTIC ACID' ? 'C4 H7 N O4'     133.103 
CYS 'L-peptide linking' y CYSTEINE        ? 'C3 H7 N O2 S'   121.158 
GLN 'L-peptide linking' y GLUTAMINE       ? 'C5 H10 N2 O3'   146.144 
GLU 'L-peptide linking' y 'GLUTAMIC ACID' ? 'C5 H9 N O4'     147.129 
GLY 'peptide linking'   y GLYCINE         ? 'C2 H5 N O2'     75.067  
HIS 'L-peptide linking' y HISTIDINE       ? 'C6 H10 N3 O2 1' 156.162 
HOH non-polymer         . WATER           ? 'H2 O'           18.015  
ILE 'L-peptide linking' y ISOLEUCINE      ? 'C6 H13 N O2'    131.173 
LEU 'L-peptide linking' y LEUCINE         ? 'C6 H13 N O2'    131.173 
LYS 'L-peptide linking' y LYSINE          ? 'C6 H15 N2 O2 1' 147.195 
MET 'L-peptide linking' y METHIONINE      ? 'C5 H11 N O2 S'  149.211 
PHE 'L-peptide linking' y PHENYLALANINE   ? 'C9 H11 N O2'    165.189 
PRO 'L-peptide linking' y PROLINE         ? 'C5 H9 N O2'     115.130 
SER 'L-peptide linking' y SERINE          ? 'C3 H7 N O3'     105.093 
THR 'L-peptide linking' y THREONINE       ? 'C4 H9 N O3'     119.119 
TRP 'L-peptide linking' y TRYPTOPHAN      ? 'C11 H12 N2 O2'  204.225 
TYR 'L-peptide linking' y TYROSINE        ? 'C9 H11 N O3'    181.189 
VAL 'L-peptide linking' y VALINE          ? 'C5 H11 N O2'    117.146 
# 
_exptl.crystals_number   1 
_exptl.method            'X-RAY DIFFRACTION' 
_exptl.entry_id          1XQ1 
# 
_exptl_crystal.id                    1 
_exptl_crystal.density_meas          ? 
_exptl_crystal.density_percent_sol   42.33 
_exptl_crystal.density_Matthews      2.13 
_exptl_crystal.description           ? 
_exptl_crystal.F_000                 ? 
_exptl_crystal.preparation           ? 
# 
_exptl_crystal_grow.crystal_id      1 
_exptl_crystal_grow.method          'VAPOR DIFFUSION, HANGING DROP' 
_exptl_crystal_grow.pH              6.5 
_exptl_crystal_grow.temp            293 
_exptl_crystal_grow.pdbx_details    
;10 MG/ML PROTEIN, 12 PERCENT MEPEG 2000, 0.21 M AMMONIUM SULFATE, 0.10 M PIPES, pH 6.5, VAPOR DIFFUSION, HANGING DROP, temperature 293K
;
_exptl_crystal_grow.temp_details    ? 
_exptl_crystal_grow.pdbx_pH_range   . 
# 
_diffrn.id                     1 
_diffrn.ambient_temp           110 
_diffrn.ambient_temp_details   ? 
_diffrn.crystal_id             1 
# 
_diffrn_detector.diffrn_id              1 
_diffrn_detector.detector               CCD 
_diffrn_detector.type                   APS-1 
_diffrn_detector.pdbx_collection_date   2004-07-31 
_diffrn_detector.details                ? 
# 
_diffrn_radiation.diffrn_id                        1 
_diffrn_radiation.pdbx_diffrn_protocol             'SINGLE WAVELENGTH' 
_diffrn_radiation.monochromator                    
;Rosenbaum-Rock double-crystal monochromator: water cooled;
 sagitally focusing 2nd crystal, Rosenbaum-Rock vertical focusing mirror
;
_diffrn_radiation.wavelength_id                    1 
_diffrn_radiation.pdbx_monochromatic_or_laue_m_l   M 
_diffrn_radiation.pdbx_scattering_type             x-ray 
# 
_diffrn_radiation_wavelength.id           1 
_diffrn_radiation_wavelength.wavelength   0.97934 
_diffrn_radiation_wavelength.wt           1.0 
# 
_diffrn_source.pdbx_wavelength_list        0.97934 
_diffrn_source.diffrn_id                   1 
_diffrn_source.source                      SYNCHROTRON 
_diffrn_source.type                        'APS BEAMLINE 19-BM' 
_diffrn_source.pdbx_wavelength             ? 
_diffrn_source.pdbx_synchrotron_site       APS 
_diffrn_source.pdbx_synchrotron_beamline   19-BM 
# 
_reflns.entry_id                     1XQ1 
_reflns.d_resolution_high            2.10 
_reflns.d_resolution_low             38.30 
_reflns.limit_h_max                  26 
_reflns.limit_h_min                  0 
_reflns.limit_k_max                  36 
_reflns.limit_k_min                  0 
_reflns.limit_l_max                  53 
_reflns.limit_l_min                  0 
_reflns.number_all                   14486 
_reflns.observed_criterion_sigma_F   0.0 
_reflns.observed_criterion_F_max     117786.47 
_reflns.observed_criterion_F_min     0.300000 
_reflns.B_iso_Wilson_estimate        25.4 
_reflns.observed_criterion_sigma_I   ? 
_reflns.number_obs                   14488 
_reflns.percent_possible_obs         99.6 
_reflns.pdbx_Rmerge_I_obs            0.052 
_reflns.pdbx_Rsym_value              ? 
_reflns.pdbx_netI_over_sigmaI        21.533 
_reflns.pdbx_redundancy              5.9 
_reflns.R_free_details               ? 
_reflns.pdbx_chi_squared             ? 
_reflns.pdbx_scaling_rejects         ? 
_reflns.pdbx_ordinal                 1 
_reflns.pdbx_diffrn_id               1 
# 
loop_
_reflns_shell.d_res_low 
_reflns_shell.d_res_high 
_reflns_shell.number_measured_all 
_reflns_shell.percent_possible_all 
_reflns_shell.Rmerge_I_obs 
_reflns_shell.pdbx_chi_squared 
_reflns_shell.number_unique_all 
_reflns_shell.meanI_over_sigI_obs 
_reflns_shell.pdbx_Rsym_value 
_reflns_shell.percent_possible_obs 
_reflns_shell.pdbx_redundancy 
_reflns_shell.number_measured_obs 
_reflns_shell.number_unique_obs 
_reflns_shell.pdbx_ordinal 
_reflns_shell.pdbx_diffrn_id 
2.15  2.10 931 99.900  0.327 0.922 ? 5.65 ? ? 6.0 ? ? 1  1 
2.20  2.15 955 100.000 0.272 0.998 ? ?    ? ? ?   ? ? 2  1 
2.26  2.20 962 100.000 0.246 0.979 ? ?    ? ? ?   ? ? 3  1 
2.33  2.26 949 100.000 0.207 1.016 ? ?    ? ? ?   ? ? 4  1 
2.40  2.33 949 100.000 0.173 1.122 ? ?    ? ? ?   ? ? 5  1 
2.49  2.40 951 100.000 0.139 1.103 ? ?    ? ? ?   ? ? 6  1 
2.59  2.49 960 100.000 0.114 1.154 ? ?    ? ? ?   ? ? 7  1 
2.71  2.59 981 100.000 0.099 1.211 ? ?    ? ? ?   ? ? 8  1 
2.85  2.71 968 100.000 0.078 1.027 ? ?    ? ? ?   ? ? 9  1 
3.03  2.85 948 100.000 0.062 1.079 ? ?    ? ? ?   ? ? 10 1 
3.26  3.03 980 99.900  0.051 0.975 ? ?    ? ? ?   ? ? 11 1 
3.59  3.26 974 100.000 0.045 1.147 ? ?    ? ? ?   ? ? 12 1 
4.11  3.59 988 99.900  0.041 1.193 ? ?    ? ? ?   ? ? 13 1 
5.18  4.11 993 99.900  0.034 1.026 ? ?    ? ? ?   ? ? 14 1 
50.00 5.18 999 94.500  0.022 0.985 ? ?    ? ? ?   ? ? 15 1 
# 
_refine.entry_id                                 1XQ1 
_refine.ls_number_reflns_all                     14583 
_refine.ls_number_reflns_obs                     14486 
_refine.ls_percent_reflns_obs                    99.3 
_refine.ls_d_res_high                            2.10 
_refine.ls_d_res_low                             38.30 
_refine.B_iso_min                                18.53 
_refine.B_iso_max                                77.00 
_refine.B_iso_mean                               36.62 
_refine.occupancy_min                            0.00 
_refine.occupancy_max                            1.00 
_refine.aniso_B[1][1]                            5.62 
_refine.aniso_B[2][2]                            -1.34 
_refine.aniso_B[3][3]                            -4.28 
_refine.aniso_B[1][2]                            0.00 
_refine.aniso_B[1][3]                            0.00 
_refine.aniso_B[2][3]                            0.00 
_refine.solvent_model_param_bsol                 55.0751 
_refine.solvent_model_param_ksol                 0.360732 
_refine.solvent_model_details                    'CNS bulk solvent model used' 
_refine.ls_R_factor_R_work                       0.255 
_refine.ls_R_factor_R_free                       0.316 
_refine.ls_R_factor_R_free_error                 0.012 
_refine.ls_number_reflns_R_free                  729 
_refine.ls_percent_reflns_R_free                 5.0 
_refine.details                                  ? 
_refine.pdbx_ls_sigma_F                          ? 
_refine.pdbx_ls_sigma_I                          ? 
_refine.ls_R_factor_all                          ? 
_refine.ls_R_factor_obs                          ? 
_refine.ls_redundancy_reflns_obs                 ? 
_refine.pdbx_data_cutoff_high_absF               ? 
_refine.pdbx_data_cutoff_low_absF                ? 
_refine.ls_number_parameters                     ? 
_refine.ls_number_restraints                     ? 
_refine.ls_R_factor_R_free_error_details         ? 
_refine.pdbx_method_to_determine_struct          'MOLECULAR REPLACEMENT' 
_refine.pdbx_starting_model                      'PDB entry 1AE1' 
_refine.pdbx_ls_cross_valid_method               THROUGHOUT 
_refine.pdbx_R_Free_selection_details            random 
_refine.pdbx_stereochem_target_val_spec_case     ? 
_refine.pdbx_stereochemistry_target_values       ? 
_refine.pdbx_isotropic_thermal_model             ? 
_refine.correlation_coeff_Fo_to_Fc               ? 
_refine.correlation_coeff_Fo_to_Fc_free          ? 
_refine.pdbx_solvent_vdw_probe_radii             ? 
_refine.pdbx_solvent_ion_probe_radii             ? 
_refine.pdbx_solvent_shrinkage_radii             ? 
_refine.overall_SU_R_Cruickshank_DPI             ? 
_refine.overall_SU_R_free                        ? 
_refine.overall_SU_B                             ? 
_refine.overall_SU_ML                            ? 
_refine.pdbx_overall_ESU_R                       ? 
_refine.pdbx_overall_ESU_R_Free                  ? 
_refine.pdbx_data_cutoff_high_rms_absF           ? 
_refine.ls_wR_factor_R_free                      ? 
_refine.ls_wR_factor_R_work                      ? 
_refine.overall_FOM_free_R_set                   ? 
_refine.overall_FOM_work_R_set                   ? 
_refine.pdbx_refine_id                           'X-RAY DIFFRACTION' 
_refine.pdbx_diffrn_id                           1 
_refine.pdbx_TLS_residual_ADP_flag               ? 
_refine.pdbx_overall_phase_error                 ? 
_refine.pdbx_overall_SU_R_free_Cruickshank_DPI   ? 
_refine.pdbx_overall_SU_R_Blow_DPI               ? 
_refine.pdbx_overall_SU_R_free_Blow_DPI          ? 
# 
_refine_analyze.entry_id                        1XQ1 
_refine_analyze.Luzzati_d_res_low_obs           5.00 
_refine_analyze.Luzzati_coordinate_error_obs    0.28 
_refine_analyze.Luzzati_sigma_a_obs             0.13 
_refine_analyze.Luzzati_coordinate_error_free   0.35 
_refine_analyze.Luzzati_sigma_a_free            0.21 
_refine_analyze.Luzzati_d_res_low_free          ? 
_refine_analyze.number_disordered_residues      ? 
_refine_analyze.occupancy_sum_non_hydrogen      ? 
_refine_analyze.occupancy_sum_hydrogen          ? 
_refine_analyze.pdbx_Luzzati_d_res_high_obs     ? 
_refine_analyze.pdbx_refine_id                  'X-RAY DIFFRACTION' 
# 
_refine_hist.pdbx_refine_id                   'X-RAY DIFFRACTION' 
_refine_hist.cycle_id                         LAST 
_refine_hist.pdbx_number_atoms_protein        1632 
_refine_hist.pdbx_number_atoms_nucleic_acid   0 
_refine_hist.pdbx_number_atoms_ligand         0 
_refine_hist.number_atoms_solvent             57 
_refine_hist.number_atoms_total               1689 
_refine_hist.d_res_high                       2.10 
_refine_hist.d_res_low                        38.30 
# 
loop_
_refine_ls_restr.type 
_refine_ls_restr.dev_ideal 
_refine_ls_restr.dev_ideal_target 
_refine_ls_restr.number 
_refine_ls_restr.weight 
_refine_ls_restr.pdbx_refine_id 
_refine_ls_restr.pdbx_restraint_function 
c_bond_d           0.005 . ? ? 'X-RAY DIFFRACTION' ? 
c_angle_deg        1.1   . ? ? 'X-RAY DIFFRACTION' ? 
c_torsion_deg      21.9  . ? ? 'X-RAY DIFFRACTION' ? 
c_torsion_impr_deg 0.69  . ? ? 'X-RAY DIFFRACTION' ? 
# 
loop_
_refine_ls_shell.d_res_high 
_refine_ls_shell.d_res_low 
_refine_ls_shell.number_reflns_all 
_refine_ls_shell.number_reflns_obs 
_refine_ls_shell.number_reflns_R_work 
_refine_ls_shell.percent_reflns_obs 
_refine_ls_shell.R_factor_R_work 
_refine_ls_shell.R_factor_R_free 
_refine_ls_shell.R_factor_R_free_error 
_refine_ls_shell.number_reflns_R_free 
_refine_ls_shell.percent_reflns_R_free 
_refine_ls_shell.pdbx_total_number_of_bins_used 
_refine_ls_shell.redundancy_reflns_obs 
_refine_ls_shell.pdbx_refine_id 
_refine_ls_shell.R_factor_all 
2.10 2.19  1782 1741 1654 97.7  0.241 0.293 0.031 87  5.0 . . 'X-RAY DIFFRACTION' . 
2.19 2.31  1798 1797 1690 99.9  0.268 0.328 0.032 107 6.0 . . 'X-RAY DIFFRACTION' . 
2.31 2.45  1809 1807 1692 99.9  0.257 0.319 0.030 115 6.4 . . 'X-RAY DIFFRACTION' . 
2.45 2.64  1810 1805 1706 99.7  0.253 0.29  0.029 99  5.5 . . 'X-RAY DIFFRACTION' . 
2.64 2.91  1796 1796 1709 100.0 0.257 0.335 0.036 87  4.8 . . 'X-RAY DIFFRACTION' . 
2.91 3.33  1837 1836 1766 99.9  0.247 0.308 0.037 70  3.8 . . 'X-RAY DIFFRACTION' . 
3.33 4.19  1822 1821 1737 99.9  0.237 0.238 0.026 84  4.6 . . 'X-RAY DIFFRACTION' . 
4.19 38.30 1942 1883 1803 96.9  0.273 0.409 0.046 80  4.2 . . 'X-RAY DIFFRACTION' . 
# 
loop_
_pdbx_xplor_file.serial_no 
_pdbx_xplor_file.param_file 
_pdbx_xplor_file.topol_file 
_pdbx_xplor_file.pdbx_refine_id 
1 protein_rep.param protein.top 'X-RAY DIFFRACTION' 
2 water_rep.param   water.top   'X-RAY DIFFRACTION' 
# 
_struct.entry_id                  1XQ1 
_struct.title                     'X-RAY STRUCTURE OF PUTATIVE TROPINONE REDUCATSE FROM ARABIDOPSIS THALIANA GENE AT1G07440' 
_struct.pdbx_model_details        ? 
_struct.pdbx_CASP_flag            ? 
_struct.pdbx_model_type_details   ? 
# 
_struct_keywords.text            
;STRUCTURAL GENOMICS, PROTEIN STRUCTURE INITIATIVE, CESG, AT1G07440, REDUCTIVELY METHYLATED PROTEIN, PUTATIVE TROPINONE REDUCTASE, PSI, Center for Eukaryotic Structural Genomics, OXIDOREDUCTASE
;
_struct_keywords.entry_id        1XQ1 
_struct_keywords.pdbx_keywords   OXIDOREDUCTASE 
# 
loop_
_struct_asym.id 
_struct_asym.pdbx_blank_PDB_chainid_flag 
_struct_asym.pdbx_modified 
_struct_asym.entity_id 
_struct_asym.details 
A N N 1 ? 
B N N 2 ? 
# 
_struct_biol.id   1 
# 
loop_
_struct_conf.conf_type_id 
_struct_conf.id 
_struct_conf.pdbx_PDB_helix_id 
_struct_conf.beg_label_comp_id 
_struct_conf.beg_label_asym_id 
_struct_conf.beg_label_seq_id 
_struct_conf.pdbx_beg_PDB_ins_code 
_struct_conf.end_label_comp_id 
_struct_conf.end_label_asym_id 
_struct_conf.end_label_seq_id 
_struct_conf.pdbx_end_PDB_ins_code 
_struct_conf.beg_auth_comp_id 
_struct_conf.beg_auth_asym_id 
_struct_conf.beg_auth_seq_id 
_struct_conf.end_auth_comp_id 
_struct_conf.end_auth_asym_id 
_struct_conf.end_auth_seq_id 
_struct_conf.pdbx_PDB_helix_class 
_struct_conf.details 
_struct_conf.pdbx_PDB_helix_length 
HELX_P HELX_P1 1 LYS A 24  ? PHE A 37  ? LYS A 24  PHE A 37  1 ? 14 
HELX_P HELX_P2 2 ASN A 47  ? LYS A 61  ? ASN A 47  LYS A 61  1 ? 15 
HELX_P HELX_P3 3 LEU A 74  ? GLY A 90  ? LEU A 74  GLY A 90  1 ? 17 
HELX_P HELX_P4 4 THR A 112 ? GLY A 142 ? THR A 112 GLY A 142 1 ? 31 
HELX_P HELX_P5 5 SER A 162 ? ALA A 183 ? SER A 162 ALA A 183 1 ? 22 
HELX_P HELX_P6 6 SER A 184 ? GLY A 186 ? SER A 184 GLY A 186 5 ? 3  
HELX_P HELX_P7 7 GLU A 225 ? GLU A 228 ? GLU A 225 GLU A 228 5 ? 4  
HELX_P HELX_P8 8 VAL A 229 ? CYS A 237 ? VAL A 229 CYS A 237 1 ? 9  
HELX_P HELX_P9 9 MET A 238 ? SER A 242 ? MET A 238 SER A 242 5 ? 5  
# 
_struct_conf_type.id          HELX_P 
_struct_conf_type.criteria    ? 
_struct_conf_type.reference   ? 
# 
loop_
_struct_sheet.id 
_struct_sheet.type 
_struct_sheet.number_strands 
_struct_sheet.details 
A ? 7 ? 
B ? 2 ? 
# 
loop_
_struct_sheet_order.sheet_id 
_struct_sheet_order.range_id_1 
_struct_sheet_order.range_id_2 
_struct_sheet_order.offset 
_struct_sheet_order.sense 
A 1 2 ? parallel      
A 2 3 ? parallel      
A 3 4 ? parallel      
A 4 5 ? parallel      
A 5 6 ? parallel      
A 6 7 ? parallel      
B 1 2 ? anti-parallel 
# 
loop_
_struct_sheet_range.sheet_id 
_struct_sheet_range.id 
_struct_sheet_range.beg_label_comp_id 
_struct_sheet_range.beg_label_asym_id 
_struct_sheet_range.beg_label_seq_id 
_struct_sheet_range.pdbx_beg_PDB_ins_code 
_struct_sheet_range.end_label_comp_id 
_struct_sheet_range.end_label_asym_id 
_struct_sheet_range.end_label_seq_id 
_struct_sheet_range.pdbx_end_PDB_ins_code 
_struct_sheet_range.beg_auth_comp_id 
_struct_sheet_range.beg_auth_asym_id 
_struct_sheet_range.beg_auth_seq_id 
_struct_sheet_range.end_auth_comp_id 
_struct_sheet_range.end_auth_asym_id 
_struct_sheet_range.end_auth_seq_id 
A 1 VAL A 65  ? VAL A 69  ? VAL A 65  VAL A 69  
A 2 VAL A 40  ? ALA A 45  ? VAL A 40  ALA A 45  
A 3 THR A 16  ? VAL A 19  ? THR A 16  VAL A 19  
A 4 ILE A 95  ? ASN A 99  ? ILE A 95  ASN A 99  
A 5 ASN A 145 ? MET A 149 ? ASN A 145 MET A 149 
A 6 ARG A 188 ? ALA A 193 ? ARG A 188 ALA A 193 
A 7 THR A 248 ? CYS A 250 ? THR A 248 CYS A 250 
B 1 LEU A 255 ? VAL A 257 ? LEU A 255 VAL A 257 
B 2 PHE A 260 ? TYR A 262 ? PHE A 260 TYR A 262 
# 
loop_
_pdbx_struct_sheet_hbond.sheet_id 
_pdbx_struct_sheet_hbond.range_id_1 
_pdbx_struct_sheet_hbond.range_id_2 
_pdbx_struct_sheet_hbond.range_1_label_atom_id 
_pdbx_struct_sheet_hbond.range_1_label_comp_id 
_pdbx_struct_sheet_hbond.range_1_label_asym_id 
_pdbx_struct_sheet_hbond.range_1_label_seq_id 
_pdbx_struct_sheet_hbond.range_1_PDB_ins_code 
_pdbx_struct_sheet_hbond.range_1_auth_atom_id 
_pdbx_struct_sheet_hbond.range_1_auth_comp_id 
_pdbx_struct_sheet_hbond.range_1_auth_asym_id 
_pdbx_struct_sheet_hbond.range_1_auth_seq_id 
_pdbx_struct_sheet_hbond.range_2_label_atom_id 
_pdbx_struct_sheet_hbond.range_2_label_comp_id 
_pdbx_struct_sheet_hbond.range_2_label_asym_id 
_pdbx_struct_sheet_hbond.range_2_label_seq_id 
_pdbx_struct_sheet_hbond.range_2_PDB_ins_code 
_pdbx_struct_sheet_hbond.range_2_auth_atom_id 
_pdbx_struct_sheet_hbond.range_2_auth_comp_id 
_pdbx_struct_sheet_hbond.range_2_auth_asym_id 
_pdbx_struct_sheet_hbond.range_2_auth_seq_id 
A 1 2 O THR A 66  ? O THR A 66  N ILE A 41  ? N ILE A 41  
A 2 3 O HIS A 42  ? O HIS A 42  N VAL A 17  ? N VAL A 17  
A 3 4 N LEU A 18  ? N LEU A 18  O ILE A 97  ? O ILE A 97  
A 4 5 N ASN A 98  ? N ASN A 98  O ILE A 147 ? O ILE A 147 
A 5 6 N PHE A 148 ? N PHE A 148 O VAL A 192 ? O VAL A 192 
A 6 7 N ALA A 193 ? N ALA A 193 O ILE A 249 ? O ILE A 249 
B 1 2 N VAL A 257 ? N VAL A 257 O PHE A 260 ? O PHE A 260 
# 
_atom_sites.entry_id                    1XQ1 
_atom_sites.fract_transf_matrix[1][1]   0.01115383 
_atom_sites.fract_transf_matrix[1][2]   -0.01032386 
_atom_sites.fract_transf_matrix[1][3]   0.00917104 
_atom_sites.fract_transf_matrix[2][1]   -0.00921165 
_atom_sites.fract_transf_matrix[2][2]   -0.00191173 
_atom_sites.fract_transf_matrix[2][3]   0.00905118 
_atom_sites.fract_transf_matrix[3][1]   -0.00292126 
_atom_sites.fract_transf_matrix[3][2]   -0.00713610 
_atom_sites.fract_transf_matrix[3][3]   -0.00448029 
_atom_sites.fract_transf_vector[1]      0.497009 
_atom_sites.fract_transf_vector[2]      0.272458 
_atom_sites.fract_transf_vector[3]      0.134865 
# 
loop_
_atom_type.symbol 
C 
N 
O 
S 
# 
loop_
_atom_site.group_PDB 
_atom_site.id 
_atom_site.type_symbol 
_atom_site.label_atom_id 
_atom_site.label_alt_id 
_atom_site.label_comp_id 
_atom_site.label_asym_id 
_atom_site.label_entity_id 
_atom_site.label_seq_id 
_atom_site.pdbx_PDB_ins_code 
_atom_site.Cartn_x 
_atom_site.Cartn_y 
_atom_site.Cartn_z 
_atom_site.occupancy 
_atom_site.B_iso_or_equiv 
_atom_site.pdbx_formal_charge 
_atom_site.auth_seq_id 
_atom_site.auth_comp_id 
_atom_site.auth_asym_id 
_atom_site.auth_atom_id 
_atom_site.pdbx_PDB_model_num 
ATOM   1    N N   . SER A 1 7   ? 20.823  12.668  -0.381  1.00 47.36 ? 7   SER A N   1 
ATOM   2    C CA  . SER A 1 7   ? 21.663  11.698  0.376   1.00 44.33 ? 7   SER A CA  1 
ATOM   3    C C   . SER A 1 7   ? 21.100  10.295  0.203   1.00 44.12 ? 7   SER A C   1 
ATOM   4    O O   . SER A 1 7   ? 20.070  10.104  -0.447  1.00 42.59 ? 7   SER A O   1 
ATOM   5    C CB  . SER A 1 7   ? 21.672  12.055  1.865   1.00 44.84 ? 7   SER A CB  1 
ATOM   6    O OG  . SER A 1 7   ? 20.387  11.856  2.439   1.00 43.41 ? 7   SER A OG  1 
ATOM   7    N N   . GLN A 1 8   ? 21.779  9.316   0.794   1.00 42.50 ? 8   GLN A N   1 
ATOM   8    C CA  . GLN A 1 8   ? 21.341  7.932   0.716   1.00 42.37 ? 8   GLN A CA  1 
ATOM   9    C C   . GLN A 1 8   ? 20.097  7.692   1.569   1.00 40.48 ? 8   GLN A C   1 
ATOM   10   O O   . GLN A 1 8   ? 19.300  6.807   1.271   1.00 40.96 ? 8   GLN A O   1 
ATOM   11   C CB  . GLN A 1 8   ? 22.465  6.996   1.167   1.00 45.34 ? 8   GLN A CB  1 
ATOM   12   C CG  . GLN A 1 8   ? 23.638  6.925   0.202   1.00 47.54 ? 8   GLN A CG  1 
ATOM   13   C CD  . GLN A 1 8   ? 23.218  6.479   -1.188  1.00 50.08 ? 8   GLN A CD  1 
ATOM   14   O OE1 . GLN A 1 8   ? 22.563  7.221   -1.921  1.00 51.77 ? 8   GLN A OE1 1 
ATOM   15   N NE2 . GLN A 1 8   ? 23.588  5.255   -1.552  1.00 51.85 ? 8   GLN A NE2 1 
ATOM   16   N N   . ARG A 1 9   ? 19.930  8.482   2.627   1.00 38.94 ? 9   ARG A N   1 
ATOM   17   C CA  . ARG A 1 9   ? 18.774  8.327   3.506   1.00 37.70 ? 9   ARG A CA  1 
ATOM   18   C C   . ARG A 1 9   ? 17.458  8.689   2.817   1.00 36.02 ? 9   ARG A C   1 
ATOM   19   O O   . ARG A 1 9   ? 16.413  8.127   3.138   1.00 35.33 ? 9   ARG A O   1 
ATOM   20   C CB  . ARG A 1 9   ? 18.926  9.189   4.762   1.00 38.56 ? 9   ARG A CB  1 
ATOM   21   C CG  . ARG A 1 9   ? 19.975  8.705   5.753   1.00 41.96 ? 9   ARG A CG  1 
ATOM   22   C CD  . ARG A 1 9   ? 19.937  9.551   7.025   1.00 43.62 ? 9   ARG A CD  1 
ATOM   23   N NE  . ARG A 1 9   ? 20.046  10.975  6.719   1.00 46.53 ? 9   ARG A NE  1 
ATOM   24   C CZ  . ARG A 1 9   ? 19.105  11.877  6.986   1.00 46.04 ? 9   ARG A CZ  1 
ATOM   25   N NH1 . ARG A 1 9   ? 19.297  13.146  6.665   1.00 47.10 ? 9   ARG A NH1 1 
ATOM   26   N NH2 . ARG A 1 9   ? 17.976  11.513  7.583   1.00 48.38 ? 9   ARG A NH2 1 
ATOM   27   N N   . TRP A 1 10  ? 17.511  9.629   1.879   1.00 31.64 ? 10  TRP A N   1 
ATOM   28   C CA  . TRP A 1 10  ? 16.311  10.065  1.170   1.00 32.98 ? 10  TRP A CA  1 
ATOM   29   C C   . TRP A 1 10  ? 16.218  9.482   -0.235  1.00 32.78 ? 10  TRP A C   1 
ATOM   30   O O   . TRP A 1 10  ? 15.614  10.079  -1.126  1.00 33.43 ? 10  TRP A O   1 
ATOM   31   C CB  . TRP A 1 10  ? 16.267  11.592  1.088   1.00 31.79 ? 10  TRP A CB  1 
ATOM   32   C CG  . TRP A 1 10  ? 16.051  12.284  2.413   1.00 30.39 ? 10  TRP A CG  1 
ATOM   33   C CD1 . TRP A 1 10  ? 16.956  12.428  3.426   1.00 32.48 ? 10  TRP A CD1 1 
ATOM   34   C CD2 . TRP A 1 10  ? 14.853  12.938  2.849   1.00 28.39 ? 10  TRP A CD2 1 
ATOM   35   N NE1 . TRP A 1 10  ? 16.395  13.135  4.466   1.00 30.74 ? 10  TRP A NE1 1 
ATOM   36   C CE2 . TRP A 1 10  ? 15.106  13.460  4.139   1.00 27.91 ? 10  TRP A CE2 1 
ATOM   37   C CE3 . TRP A 1 10  ? 13.590  13.136  2.272   1.00 24.77 ? 10  TRP A CE3 1 
ATOM   38   C CZ2 . TRP A 1 10  ? 14.139  14.169  4.869   1.00 25.93 ? 10  TRP A CZ2 1 
ATOM   39   C CZ3 . TRP A 1 10  ? 12.624  13.845  2.998   1.00 26.34 ? 10  TRP A CZ3 1 
ATOM   40   C CH2 . TRP A 1 10  ? 12.909  14.352  4.285   1.00 26.17 ? 10  TRP A CH2 1 
ATOM   41   N N   . SER A 1 11  ? 16.810  8.309   -0.421  1.00 33.55 ? 11  SER A N   1 
ATOM   42   C CA  . SER A 1 11  ? 16.808  7.640   -1.713  1.00 34.18 ? 11  SER A CA  1 
ATOM   43   C C   . SER A 1 11  ? 16.036  6.317   -1.699  1.00 32.70 ? 11  SER A C   1 
ATOM   44   O O   . SER A 1 11  ? 16.141  5.540   -0.753  1.00 31.70 ? 11  SER A O   1 
ATOM   45   C CB  . SER A 1 11  ? 18.253  7.381   -2.153  1.00 35.52 ? 11  SER A CB  1 
ATOM   46   O OG  . SER A 1 11  ? 18.307  6.433   -3.204  1.00 37.87 ? 11  SER A OG  1 
ATOM   47   N N   . LEU A 1 12  ? 15.263  6.079   -2.756  1.00 31.81 ? 12  LEU A N   1 
ATOM   48   C CA  . LEU A 1 12  ? 14.499  4.842   -2.913  1.00 31.17 ? 12  LEU A CA  1 
ATOM   49   C C   . LEU A 1 12  ? 15.015  4.138   -4.170  1.00 31.76 ? 12  LEU A C   1 
ATOM   50   O O   . LEU A 1 12  ? 14.404  3.194   -4.677  1.00 30.64 ? 12  LEU A O   1 
ATOM   51   C CB  . LEU A 1 12  ? 13.010  5.152   -3.070  1.00 29.82 ? 12  LEU A CB  1 
ATOM   52   C CG  . LEU A 1 12  ? 12.291  5.722   -1.846  1.00 31.77 ? 12  LEU A CG  1 
ATOM   53   C CD1 . LEU A 1 12  ? 10.947  6.327   -2.255  1.00 31.73 ? 12  LEU A CD1 1 
ATOM   54   C CD2 . LEU A 1 12  ? 12.112  4.622   -0.813  1.00 32.36 ? 12  LEU A CD2 1 
ATOM   55   N N   . LYS A 1 13  ? 16.154  4.610   -4.661  1.00 31.35 ? 13  LYS A N   1 
ATOM   56   C CA  . LYS A 1 13  ? 16.765  4.066   -5.866  1.00 32.04 ? 13  LYS A CA  1 
ATOM   57   C C   . LYS A 1 13  ? 17.023  2.568   -5.777  1.00 30.57 ? 13  LYS A C   1 
ATOM   58   O O   . LYS A 1 13  ? 17.684  2.089   -4.852  1.00 29.98 ? 13  LYS A O   1 
ATOM   59   C CB  . LYS A 1 13  ? 18.079  4.802   -6.164  1.00 34.06 ? 13  LYS A CB  1 
ATOM   60   C CG  . LYS A 1 13  ? 18.969  4.140   -7.215  1.00 37.37 ? 13  LYS A CG  1 
ATOM   61   C CD  . LYS A 1 13  ? 18.389  4.188   -8.623  0.00 38.57 ? 13  LYS A CD  1 
ATOM   62   C CE  . LYS A 1 13  ? 19.439  3.765   -9.654  1.00 41.19 ? 13  LYS A CE  1 
ATOM   63   N NZ  . LYS A 1 13  ? 18.888  3.622   -11.030 1.00 40.96 ? 13  LYS A NZ  1 
ATOM   64   N N   . ALA A 1 14  ? 16.494  1.842   -6.756  1.00 30.41 ? 14  ALA A N   1 
ATOM   65   C CA  . ALA A 1 14  ? 16.656  0.393   -6.844  1.00 31.55 ? 14  ALA A CA  1 
ATOM   66   C C   . ALA A 1 14  ? 15.955  -0.402  -5.733  1.00 32.39 ? 14  ALA A C   1 
ATOM   67   O O   . ALA A 1 14  ? 16.167  -1.604  -5.608  1.00 34.03 ? 14  ALA A O   1 
ATOM   68   C CB  . ALA A 1 14  ? 18.146  0.034   -6.892  1.00 30.64 ? 14  ALA A CB  1 
ATOM   69   N N   . LYS A 1 15  ? 15.132  0.265   -4.927  1.00 31.93 ? 15  LYS A N   1 
ATOM   70   C CA  . LYS A 1 15  ? 14.393  -0.427  -3.870  1.00 30.19 ? 15  LYS A CA  1 
ATOM   71   C C   . LYS A 1 15  ? 13.273  -1.200  -4.562  1.00 29.00 ? 15  LYS A C   1 
ATOM   72   O O   . LYS A 1 15  ? 12.642  -0.676  -5.477  1.00 30.73 ? 15  LYS A O   1 
ATOM   73   C CB  . LYS A 1 15  ? 13.795  0.579   -2.879  1.00 28.47 ? 15  LYS A CB  1 
ATOM   74   C CG  . LYS A 1 15  ? 14.822  1.284   -1.994  1.00 30.95 ? 15  LYS A CG  1 
ATOM   75   C CD  . LYS A 1 15  ? 15.454  0.310   -1.003  1.00 33.11 ? 15  LYS A CD  1 
ATOM   76   C CE  . LYS A 1 15  ? 16.501  0.991   -0.132  1.00 37.13 ? 15  LYS A CE  1 
ATOM   77   N NZ  . LYS A 1 15  ? 17.072  0.062   0.892   1.00 37.10 ? 15  LYS A NZ  1 
ATOM   78   N N   . THR A 1 16  ? 13.025  -2.438  -4.144  1.00 29.50 ? 16  THR A N   1 
ATOM   79   C CA  . THR A 1 16  ? 11.971  -3.240  -4.778  1.00 29.17 ? 16  THR A CA  1 
ATOM   80   C C   . THR A 1 16  ? 10.619  -3.016  -4.112  1.00 29.29 ? 16  THR A C   1 
ATOM   81   O O   . THR A 1 16  ? 10.500  -3.068  -2.891  1.00 30.13 ? 16  THR A O   1 
ATOM   82   C CB  . THR A 1 16  ? 12.319  -4.735  -4.761  1.00 27.59 ? 16  THR A CB  1 
ATOM   83   O OG1 . THR A 1 16  ? 12.672  -5.135  -3.430  1.00 27.86 ? 16  THR A OG1 1 
ATOM   84   C CG2 . THR A 1 16  ? 13.481  -5.007  -5.722  1.00 26.20 ? 16  THR A CG2 1 
ATOM   85   N N   . VAL A 1 17  ? 9.603   -2.774  -4.933  1.00 28.99 ? 17  VAL A N   1 
ATOM   86   C CA  . VAL A 1 17  ? 8.268   -2.476  -4.435  1.00 27.81 ? 17  VAL A CA  1 
ATOM   87   C C   . VAL A 1 17  ? 7.138   -3.284  -5.054  1.00 27.78 ? 17  VAL A C   1 
ATOM   88   O O   . VAL A 1 17  ? 7.107   -3.499  -6.267  1.00 27.87 ? 17  VAL A O   1 
ATOM   89   C CB  . VAL A 1 17  ? 7.931   -0.982  -4.681  1.00 28.04 ? 17  VAL A CB  1 
ATOM   90   C CG1 . VAL A 1 17  ? 6.643   -0.597  -3.955  1.00 27.31 ? 17  VAL A CG1 1 
ATOM   91   C CG2 . VAL A 1 17  ? 9.101   -0.099  -4.242  1.00 27.38 ? 17  VAL A CG2 1 
ATOM   92   N N   . LEU A 1 18  ? 6.216   -3.741  -4.211  1.00 25.13 ? 18  LEU A N   1 
ATOM   93   C CA  . LEU A 1 18  ? 5.039   -4.433  -4.713  1.00 25.96 ? 18  LEU A CA  1 
ATOM   94   C C   . LEU A 1 18  ? 3.863   -3.547  -4.340  1.00 25.93 ? 18  LEU A C   1 
ATOM   95   O O   . LEU A 1 18  ? 3.620   -3.282  -3.160  1.00 27.99 ? 18  LEU A O   1 
ATOM   96   C CB  . LEU A 1 18  ? 4.839   -5.812  -4.080  1.00 26.42 ? 18  LEU A CB  1 
ATOM   97   C CG  . LEU A 1 18  ? 3.424   -6.353  -4.349  1.00 27.69 ? 18  LEU A CG  1 
ATOM   98   C CD1 . LEU A 1 18  ? 3.156   -6.378  -5.855  1.00 24.36 ? 18  LEU A CD1 1 
ATOM   99   C CD2 . LEU A 1 18  ? 3.262   -7.750  -3.749  1.00 28.76 ? 18  LEU A CD2 1 
ATOM   100  N N   . VAL A 1 19  ? 3.151   -3.063  -5.345  1.00 26.41 ? 19  VAL A N   1 
ATOM   101  C CA  . VAL A 1 19  ? 1.987   -2.224  -5.098  1.00 28.14 ? 19  VAL A CA  1 
ATOM   102  C C   . VAL A 1 19  ? 0.790   -2.869  -5.777  1.00 28.48 ? 19  VAL A C   1 
ATOM   103  O O   . VAL A 1 19  ? 0.792   -3.065  -6.989  1.00 28.51 ? 19  VAL A O   1 
ATOM   104  C CB  . VAL A 1 19  ? 2.180   -0.796  -5.659  1.00 27.74 ? 19  VAL A CB  1 
ATOM   105  C CG1 . VAL A 1 19  ? 2.655   -0.868  -7.094  1.00 33.36 ? 19  VAL A CG1 1 
ATOM   106  C CG2 . VAL A 1 19  ? 0.864   -0.018  -5.571  1.00 26.72 ? 19  VAL A CG2 1 
ATOM   107  N N   . THR A 1 20  ? -0.221  -3.215  -4.986  1.00 28.24 ? 20  THR A N   1 
ATOM   108  C CA  . THR A 1 20  ? -1.432  -3.832  -5.521  1.00 27.93 ? 20  THR A CA  1 
ATOM   109  C C   . THR A 1 20  ? -2.345  -2.748  -6.099  1.00 27.62 ? 20  THR A C   1 
ATOM   110  O O   . THR A 1 20  ? -2.370  -1.626  -5.597  1.00 27.60 ? 20  THR A O   1 
ATOM   111  C CB  . THR A 1 20  ? -2.216  -4.570  -4.412  1.00 26.92 ? 20  THR A CB  1 
ATOM   112  O OG1 . THR A 1 20  ? -2.466  -3.665  -3.332  1.00 26.26 ? 20  THR A OG1 1 
ATOM   113  C CG2 . THR A 1 20  ? -1.434  -5.774  -3.903  1.00 28.27 ? 20  THR A CG2 1 
ATOM   114  N N   . GLY A 1 21  ? -3.098  -3.096  -7.142  1.00 27.72 ? 21  GLY A N   1 
ATOM   115  C CA  . GLY A 1 21  ? -4.015  -2.148  -7.760  1.00 25.32 ? 21  GLY A CA  1 
ATOM   116  C C   . GLY A 1 21  ? -3.341  -0.889  -8.271  1.00 26.86 ? 21  GLY A C   1 
ATOM   117  O O   . GLY A 1 21  ? -3.813  0.221   -8.037  1.00 25.66 ? 21  GLY A O   1 
ATOM   118  N N   . GLY A 1 22  ? -2.250  -1.061  -9.006  1.00 27.51 ? 22  GLY A N   1 
ATOM   119  C CA  . GLY A 1 22  ? -1.510  0.088   -9.501  1.00 29.84 ? 22  GLY A CA  1 
ATOM   120  C C   . GLY A 1 22  ? -1.974  0.750   -10.784 1.00 31.01 ? 22  GLY A C   1 
ATOM   121  O O   . GLY A 1 22  ? -1.369  1.729   -11.215 1.00 30.20 ? 22  GLY A O   1 
ATOM   122  N N   . THR A 1 23  ? -3.040  0.249   -11.394 1.00 32.57 ? 23  THR A N   1 
ATOM   123  C CA  . THR A 1 23  ? -3.517  0.842   -12.641 1.00 33.63 ? 23  THR A CA  1 
ATOM   124  C C   . THR A 1 23  ? -4.411  2.064   -12.462 1.00 34.90 ? 23  THR A C   1 
ATOM   125  O O   . THR A 1 23  ? -4.649  2.798   -13.416 1.00 34.80 ? 23  THR A O   1 
ATOM   126  C CB  . THR A 1 23  ? -4.292  -0.175  -13.490 1.00 33.13 ? 23  THR A CB  1 
ATOM   127  O OG1 . THR A 1 23  ? -5.465  -0.590  -12.786 1.00 33.10 ? 23  THR A OG1 1 
ATOM   128  C CG2 . THR A 1 23  ? -3.428  -1.377  -13.795 1.00 32.94 ? 23  THR A CG2 1 
ATOM   129  N N   . LYS A 1 24  ? -4.901  2.299   -11.251 1.00 36.02 ? 24  LYS A N   1 
ATOM   130  C CA  . LYS A 1 24  ? -5.778  3.447   -11.048 1.00 38.45 ? 24  LYS A CA  1 
ATOM   131  C C   . LYS A 1 24  ? -5.722  4.081   -9.665  1.00 37.51 ? 24  LYS A C   1 
ATOM   132  O O   . LYS A 1 24  ? -5.167  3.512   -8.721  1.00 37.17 ? 24  LYS A O   1 
ATOM   133  C CB  . LYS A 1 24  ? -7.222  3.041   -11.360 1.00 41.03 ? 24  LYS A CB  1 
ATOM   134  C CG  . LYS A 1 24  ? -7.734  1.893   -10.507 1.00 43.68 ? 24  LYS A CG  1 
ATOM   135  C CD  . LYS A 1 24  ? -9.103  1.405   -10.975 1.00 46.01 ? 24  LYS A CD  1 
ATOM   136  C CE  . LYS A 1 24  ? -9.042  0.842   -12.387 0.00 45.34 ? 24  LYS A CE  1 
ATOM   137  N NZ  . LYS A 1 24  ? -10.372 0.355   -12.846 0.00 45.65 ? 24  LYS A NZ  1 
ATOM   138  N N   . GLY A 1 25  ? -6.300  5.275   -9.570  1.00 35.23 ? 25  GLY A N   1 
ATOM   139  C CA  . GLY A 1 25  ? -6.353  6.007   -8.316  1.00 33.75 ? 25  GLY A CA  1 
ATOM   140  C C   . GLY A 1 25  ? -5.036  6.216   -7.588  1.00 32.22 ? 25  GLY A C   1 
ATOM   141  O O   . GLY A 1 25  ? -4.006  6.470   -8.201  1.00 28.59 ? 25  GLY A O   1 
ATOM   142  N N   . ILE A 1 26  ? -5.078  6.110   -6.263  1.00 31.09 ? 26  ILE A N   1 
ATOM   143  C CA  . ILE A 1 26  ? -3.889  6.298   -5.440  1.00 31.94 ? 26  ILE A CA  1 
ATOM   144  C C   . ILE A 1 26  ? -2.797  5.277   -5.771  1.00 28.39 ? 26  ILE A C   1 
ATOM   145  O O   . ILE A 1 26  ? -1.615  5.618   -5.788  1.00 30.11 ? 26  ILE A O   1 
ATOM   146  C CB  . ILE A 1 26  ? -4.239  6.221   -3.928  1.00 36.15 ? 26  ILE A CB  1 
ATOM   147  C CG1 . ILE A 1 26  ? -5.157  7.384   -3.540  1.00 40.48 ? 26  ILE A CG1 1 
ATOM   148  C CG2 . ILE A 1 26  ? -2.976  6.318   -3.089  1.00 35.69 ? 26  ILE A CG2 1 
ATOM   149  C CD1 . ILE A 1 26  ? -6.511  7.377   -4.220  1.00 46.36 ? 26  ILE A CD1 1 
ATOM   150  N N   . GLY A 1 27  ? -3.191  4.031   -6.036  1.00 26.71 ? 27  GLY A N   1 
ATOM   151  C CA  . GLY A 1 27  ? -2.219  3.005   -6.382  1.00 25.96 ? 27  GLY A CA  1 
ATOM   152  C C   . GLY A 1 27  ? -1.383  3.410   -7.589  1.00 27.08 ? 27  GLY A C   1 
ATOM   153  O O   . GLY A 1 27  ? -0.166  3.194   -7.626  1.00 26.52 ? 27  GLY A O   1 
ATOM   154  N N   . HIS A 1 28  ? -2.041  3.997   -8.585  1.00 25.84 ? 28  HIS A N   1 
ATOM   155  C CA  . HIS A 1 28  ? -1.364  4.456   -9.790  1.00 27.43 ? 28  HIS A CA  1 
ATOM   156  C C   . HIS A 1 28  ? -0.458  5.631   -9.426  1.00 25.17 ? 28  HIS A C   1 
ATOM   157  O O   . HIS A 1 28  ? 0.645   5.762   -9.945  1.00 26.90 ? 28  HIS A O   1 
ATOM   158  C CB  . HIS A 1 28  ? -2.387  4.915   -10.831 1.00 30.68 ? 28  HIS A CB  1 
ATOM   159  C CG  . HIS A 1 28  ? -1.778  5.344   -12.130 1.00 34.32 ? 28  HIS A CG  1 
ATOM   160  N ND1 . HIS A 1 28  ? -1.771  4.540   -13.251 1.00 35.95 ? 28  HIS A ND1 1 
ATOM   161  C CD2 . HIS A 1 28  ? -1.168  6.497   -12.491 1.00 34.07 ? 28  HIS A CD2 1 
ATOM   162  C CE1 . HIS A 1 28  ? -1.187  5.182   -14.248 1.00 35.73 ? 28  HIS A CE1 1 
ATOM   163  N NE2 . HIS A 1 28  ? -0.813  6.372   -13.813 1.00 36.45 ? 28  HIS A NE2 1 
ATOM   164  N N   . ALA A 1 29  ? -0.936  6.496   -8.537  1.00 23.50 ? 29  ALA A N   1 
ATOM   165  C CA  . ALA A 1 29  ? -0.134  7.637   -8.116  1.00 25.68 ? 29  ALA A CA  1 
ATOM   166  C C   . ALA A 1 29  ? 1.076   7.146   -7.313  1.00 24.26 ? 29  ALA A C   1 
ATOM   167  O O   . ALA A 1 29  ? 2.170   7.688   -7.435  1.00 26.62 ? 29  ALA A O   1 
ATOM   168  C CB  . ALA A 1 29  ? -0.976  8.600   -7.285  1.00 25.71 ? 29  ALA A CB  1 
ATOM   169  N N   . ILE A 1 30  ? 0.883   6.110   -6.504  1.00 24.91 ? 30  ILE A N   1 
ATOM   170  C CA  . ILE A 1 30  ? 1.981   5.570   -5.699  1.00 24.04 ? 30  ILE A CA  1 
ATOM   171  C C   . ILE A 1 30  ? 3.051   4.942   -6.599  1.00 25.20 ? 30  ILE A C   1 
ATOM   172  O O   . ILE A 1 30  ? 4.247   5.128   -6.379  1.00 24.53 ? 30  ILE A O   1 
ATOM   173  C CB  . ILE A 1 30  ? 1.452   4.537   -4.671  1.00 25.16 ? 30  ILE A CB  1 
ATOM   174  C CG1 . ILE A 1 30  ? 0.713   5.279   -3.547  1.00 24.65 ? 30  ILE A CG1 1 
ATOM   175  C CG2 . ILE A 1 30  ? 2.604   3.682   -4.111  1.00 23.53 ? 30  ILE A CG2 1 
ATOM   176  C CD1 . ILE A 1 30  ? -0.101  4.380   -2.630  1.00 25.68 ? 30  ILE A CD1 1 
ATOM   177  N N   . VAL A 1 31  ? 2.626   4.203   -7.617  1.00 24.66 ? 31  VAL A N   1 
ATOM   178  C CA  . VAL A 1 31  ? 3.588   3.606   -8.538  1.00 27.35 ? 31  VAL A CA  1 
ATOM   179  C C   . VAL A 1 31  ? 4.448   4.695   -9.186  1.00 26.65 ? 31  VAL A C   1 
ATOM   180  O O   . VAL A 1 31  ? 5.667   4.579   -9.231  1.00 26.92 ? 31  VAL A O   1 
ATOM   181  C CB  . VAL A 1 31  ? 2.889   2.801   -9.657  1.00 28.54 ? 31  VAL A CB  1 
ATOM   182  C CG1 . VAL A 1 31  ? 3.910   2.383   -10.709 1.00 30.34 ? 31  VAL A CG1 1 
ATOM   183  C CG2 . VAL A 1 31  ? 2.223   1.564   -9.072  1.00 27.69 ? 31  VAL A CG2 1 
ATOM   184  N N   . GLU A 1 32  ? 3.813   5.757   -9.676  1.00 28.23 ? 32  GLU A N   1 
ATOM   185  C CA  . GLU A 1 32  ? 4.549   6.842   -10.321 1.00 31.01 ? 32  GLU A CA  1 
ATOM   186  C C   . GLU A 1 32  ? 5.476   7.581   -9.350  1.00 31.22 ? 32  GLU A C   1 
ATOM   187  O O   . GLU A 1 32  ? 6.603   7.926   -9.702  1.00 31.34 ? 32  GLU A O   1 
ATOM   188  C CB  . GLU A 1 32  ? 3.572   7.825   -10.986 1.00 34.53 ? 32  GLU A CB  1 
ATOM   189  C CG  . GLU A 1 32  ? 2.651   7.144   -11.994 1.00 39.92 ? 32  GLU A CG  1 
ATOM   190  C CD  . GLU A 1 32  ? 2.279   8.025   -13.175 1.00 42.61 ? 32  GLU A CD  1 
ATOM   191  O OE1 . GLU A 1 32  ? 1.636   7.506   -14.113 1.00 43.79 ? 32  GLU A OE1 1 
ATOM   192  O OE2 . GLU A 1 32  ? 2.625   9.226   -13.173 1.00 46.69 ? 32  GLU A OE2 1 
ATOM   193  N N   . GLU A 1 33  ? 5.005   7.810   -8.127  1.00 30.85 ? 33  GLU A N   1 
ATOM   194  C CA  . GLU A 1 33  ? 5.814   8.498   -7.122  1.00 30.47 ? 33  GLU A CA  1 
ATOM   195  C C   . GLU A 1 33  ? 7.109   7.711   -6.904  1.00 30.89 ? 33  GLU A C   1 
ATOM   196  O O   . GLU A 1 33  ? 8.202   8.266   -7.009  1.00 30.83 ? 33  GLU A O   1 
ATOM   197  C CB  . GLU A 1 33  ? 5.043   8.615   -5.801  1.00 29.28 ? 33  GLU A CB  1 
ATOM   198  C CG  . GLU A 1 33  ? 5.698   9.519   -4.743  1.00 29.88 ? 33  GLU A CG  1 
ATOM   199  C CD  . GLU A 1 33  ? 5.478   11.002  -5.013  1.00 31.81 ? 33  GLU A CD  1 
ATOM   200  O OE1 . GLU A 1 33  ? 4.305   11.433  -5.064  1.00 32.38 ? 33  GLU A OE1 1 
ATOM   201  O OE2 . GLU A 1 33  ? 6.473   11.738  -5.170  1.00 30.79 ? 33  GLU A OE2 1 
ATOM   202  N N   . PHE A 1 34  ? 6.984   6.418   -6.608  1.00 30.31 ? 34  PHE A N   1 
ATOM   203  C CA  . PHE A 1 34  ? 8.159   5.578   -6.394  1.00 28.07 ? 34  PHE A CA  1 
ATOM   204  C C   . PHE A 1 34  ? 9.029   5.465   -7.650  1.00 30.25 ? 34  PHE A C   1 
ATOM   205  O O   . PHE A 1 34  ? 10.265  5.451   -7.567  1.00 28.53 ? 34  PHE A O   1 
ATOM   206  C CB  . PHE A 1 34  ? 7.737   4.186   -5.922  1.00 26.82 ? 34  PHE A CB  1 
ATOM   207  C CG  . PHE A 1 34  ? 7.436   4.104   -4.439  1.00 26.87 ? 34  PHE A CG  1 
ATOM   208  C CD1 . PHE A 1 34  ? 8.441   4.303   -3.499  1.00 29.98 ? 34  PHE A CD1 1 
ATOM   209  C CD2 . PHE A 1 34  ? 6.154   3.827   -3.989  1.00 28.30 ? 34  PHE A CD2 1 
ATOM   210  C CE1 . PHE A 1 34  ? 8.173   4.225   -2.129  1.00 30.30 ? 34  PHE A CE1 1 
ATOM   211  C CE2 . PHE A 1 34  ? 5.871   3.745   -2.622  1.00 29.96 ? 34  PHE A CE2 1 
ATOM   212  C CZ  . PHE A 1 34  ? 6.883   3.945   -1.690  1.00 26.26 ? 34  PHE A CZ  1 
ATOM   213  N N   . ALA A 1 35  ? 8.389   5.390   -8.812  1.00 31.03 ? 35  ALA A N   1 
ATOM   214  C CA  . ALA A 1 35  ? 9.116   5.277   -10.074 1.00 31.59 ? 35  ALA A CA  1 
ATOM   215  C C   . ALA A 1 35  ? 9.944   6.538   -10.319 1.00 32.79 ? 35  ALA A C   1 
ATOM   216  O O   . ALA A 1 35  ? 11.016  6.485   -10.918 1.00 32.92 ? 35  ALA A O   1 
ATOM   217  C CB  . ALA A 1 35  ? 8.143   5.058   -11.224 1.00 26.72 ? 35  ALA A CB  1 
ATOM   218  N N   . GLY A 1 36  ? 9.436   7.674   -9.854  1.00 35.28 ? 36  GLY A N   1 
ATOM   219  C CA  . GLY A 1 36  ? 10.157  8.919   -10.023 1.00 33.32 ? 36  GLY A CA  1 
ATOM   220  C C   . GLY A 1 36  ? 11.452  8.863   -9.237  1.00 35.52 ? 36  GLY A C   1 
ATOM   221  O O   . GLY A 1 36  ? 12.437  9.511   -9.598  1.00 35.53 ? 36  GLY A O   1 
ATOM   222  N N   . PHE A 1 37  ? 11.447  8.080   -8.159  1.00 33.23 ? 37  PHE A N   1 
ATOM   223  C CA  . PHE A 1 37  ? 12.625  7.928   -7.310  1.00 32.08 ? 37  PHE A CA  1 
ATOM   224  C C   . PHE A 1 37  ? 13.567  6.824   -7.762  1.00 32.61 ? 37  PHE A C   1 
ATOM   225  O O   . PHE A 1 37  ? 14.522  6.505   -7.060  1.00 35.02 ? 37  PHE A O   1 
ATOM   226  C CB  . PHE A 1 37  ? 12.219  7.654   -5.857  1.00 30.36 ? 37  PHE A CB  1 
ATOM   227  C CG  . PHE A 1 37  ? 11.857  8.887   -5.084  1.00 29.10 ? 37  PHE A CG  1 
ATOM   228  C CD1 . PHE A 1 37  ? 10.530  9.280   -4.954  1.00 28.55 ? 37  PHE A CD1 1 
ATOM   229  C CD2 . PHE A 1 37  ? 12.850  9.672   -4.507  1.00 30.17 ? 37  PHE A CD2 1 
ATOM   230  C CE1 . PHE A 1 37  ? 10.196  10.441  -4.262  1.00 27.59 ? 37  PHE A CE1 1 
ATOM   231  C CE2 . PHE A 1 37  ? 12.529  10.837  -3.813  1.00 30.58 ? 37  PHE A CE2 1 
ATOM   232  C CZ  . PHE A 1 37  ? 11.192  11.222  -3.692  1.00 28.82 ? 37  PHE A CZ  1 
ATOM   233  N N   . GLY A 1 38  ? 13.301  6.232   -8.923  1.00 33.97 ? 38  GLY A N   1 
ATOM   234  C CA  . GLY A 1 38  ? 14.168  5.175   -9.418  1.00 33.16 ? 38  GLY A CA  1 
ATOM   235  C C   . GLY A 1 38  ? 13.995  3.829   -8.735  1.00 32.07 ? 38  GLY A C   1 
ATOM   236  O O   . GLY A 1 38  ? 14.904  3.000   -8.743  1.00 31.97 ? 38  GLY A O   1 
ATOM   237  N N   . ALA A 1 39  ? 12.829  3.603   -8.138  1.00 31.72 ? 39  ALA A N   1 
ATOM   238  C CA  . ALA A 1 39  ? 12.558  2.335   -7.475  1.00 30.14 ? 39  ALA A CA  1 
ATOM   239  C C   . ALA A 1 39  ? 12.125  1.294   -8.516  1.00 29.91 ? 39  ALA A C   1 
ATOM   240  O O   . ALA A 1 39  ? 11.650  1.649   -9.598  1.00 28.87 ? 39  ALA A O   1 
ATOM   241  C CB  . ALA A 1 39  ? 11.458  2.517   -6.433  1.00 30.86 ? 39  ALA A CB  1 
ATOM   242  N N   . VAL A 1 40  ? 12.300  0.017   -8.192  1.00 28.57 ? 40  VAL A N   1 
ATOM   243  C CA  . VAL A 1 40  ? 11.892  -1.062  -9.090  1.00 28.80 ? 40  VAL A CA  1 
ATOM   244  C C   . VAL A 1 40  ? 10.567  -1.585  -8.554  1.00 28.63 ? 40  VAL A C   1 
ATOM   245  O O   . VAL A 1 40  ? 10.488  -2.099  -7.440  1.00 27.05 ? 40  VAL A O   1 
ATOM   246  C CB  . VAL A 1 40  ? 12.934  -2.184  -9.137  1.00 28.52 ? 40  VAL A CB  1 
ATOM   247  C CG1 . VAL A 1 40  ? 12.465  -3.288  -10.078 1.00 28.09 ? 40  VAL A CG1 1 
ATOM   248  C CG2 . VAL A 1 40  ? 14.271  -1.616  -9.620  1.00 27.91 ? 40  VAL A CG2 1 
ATOM   249  N N   . ILE A 1 41  ? 9.526   -1.451  -9.364  1.00 27.30 ? 41  ILE A N   1 
ATOM   250  C CA  . ILE A 1 41  ? 8.189   -1.815  -8.938  1.00 28.75 ? 41  ILE A CA  1 
ATOM   251  C C   . ILE A 1 41  ? 7.473   -2.919  -9.703  1.00 29.05 ? 41  ILE A C   1 
ATOM   252  O O   . ILE A 1 41  ? 7.622   -3.060  -10.916 1.00 28.49 ? 41  ILE A O   1 
ATOM   253  C CB  . ILE A 1 41  ? 7.272   -0.557  -8.983  1.00 29.18 ? 41  ILE A CB  1 
ATOM   254  C CG1 . ILE A 1 41  ? 7.857   0.547   -8.098  1.00 30.96 ? 41  ILE A CG1 1 
ATOM   255  C CG2 . ILE A 1 41  ? 5.860   -0.900  -8.548  1.00 27.89 ? 41  ILE A CG2 1 
ATOM   256  C CD1 . ILE A 1 41  ? 8.598   1.616   -8.870  1.00 29.61 ? 41  ILE A CD1 1 
ATOM   257  N N   . HIS A 1 42  ? 6.688   -3.694  -8.966  1.00 27.68 ? 42  HIS A N   1 
ATOM   258  C CA  . HIS A 1 42  ? 5.869   -4.727  -9.563  1.00 26.86 ? 42  HIS A CA  1 
ATOM   259  C C   . HIS A 1 42  ? 4.475   -4.393  -9.070  1.00 28.09 ? 42  HIS A C   1 
ATOM   260  O O   . HIS A 1 42  ? 4.290   -4.084  -7.891  1.00 28.88 ? 42  HIS A O   1 
ATOM   261  C CB  . HIS A 1 42  ? 6.257   -6.130  -9.099  1.00 26.29 ? 42  HIS A CB  1 
ATOM   262  C CG  . HIS A 1 42  ? 5.498   -7.209  -9.806  1.00 27.61 ? 42  HIS A CG  1 
ATOM   263  N ND1 . HIS A 1 42  ? 5.697   -7.506  -11.139 1.00 28.76 ? 42  HIS A ND1 1 
ATOM   264  C CD2 . HIS A 1 42  ? 4.472   -7.993  -9.395  1.00 26.89 ? 42  HIS A CD2 1 
ATOM   265  C CE1 . HIS A 1 42  ? 4.824   -8.423  -11.519 1.00 27.04 ? 42  HIS A CE1 1 
ATOM   266  N NE2 . HIS A 1 42  ? 4.069   -8.736  -10.480 1.00 27.62 ? 42  HIS A NE2 1 
ATOM   267  N N   . THR A 1 43  ? 3.498   -4.422  -9.969  1.00 28.58 ? 43  THR A N   1 
ATOM   268  C CA  . THR A 1 43  ? 2.126   -4.115  -9.596  1.00 29.17 ? 43  THR A CA  1 
ATOM   269  C C   . THR A 1 43  ? 1.185   -5.137  -10.228 1.00 30.41 ? 43  THR A C   1 
ATOM   270  O O   . THR A 1 43  ? 1.612   -5.994  -10.994 1.00 30.56 ? 43  THR A O   1 
ATOM   271  C CB  . THR A 1 43  ? 1.732   -2.691  -10.048 1.00 28.74 ? 43  THR A CB  1 
ATOM   272  O OG1 . THR A 1 43  ? 0.452   -2.348  -9.497  1.00 27.12 ? 43  THR A OG1 1 
ATOM   273  C CG2 . THR A 1 43  ? 1.670   -2.610  -11.564 1.00 28.36 ? 43  THR A CG2 1 
ATOM   274  N N   . CYS A 1 44  ? -0.096  -5.048  -9.908  1.00 31.47 ? 44  CYS A N   1 
ATOM   275  C CA  . CYS A 1 44  ? -1.052  -6.000  -10.449 1.00 32.53 ? 44  CYS A CA  1 
ATOM   276  C C   . CYS A 1 44  ? -2.413  -5.367  -10.679 1.00 33.92 ? 44  CYS A C   1 
ATOM   277  O O   . CYS A 1 44  ? -2.667  -4.232  -10.267 1.00 33.69 ? 44  CYS A O   1 
ATOM   278  C CB  . CYS A 1 44  ? -1.204  -7.166  -9.480  1.00 32.63 ? 44  CYS A CB  1 
ATOM   279  S SG  . CYS A 1 44  ? -1.939  -6.645  -7.924  1.00 34.05 ? 44  CYS A SG  1 
ATOM   280  N N   . ALA A 1 45  ? -3.292  -6.127  -11.324 1.00 34.44 ? 45  ALA A N   1 
ATOM   281  C CA  . ALA A 1 45  ? -4.644  -5.676  -11.623 1.00 34.79 ? 45  ALA A CA  1 
ATOM   282  C C   . ALA A 1 45  ? -5.412  -6.839  -12.238 1.00 33.84 ? 45  ALA A C   1 
ATOM   283  O O   . ALA A 1 45  ? -4.808  -7.796  -12.722 1.00 35.35 ? 45  ALA A O   1 
ATOM   284  C CB  . ALA A 1 45  ? -4.598  -4.498  -12.599 1.00 35.25 ? 45  ALA A CB  1 
ATOM   285  N N   . ARG A 1 46  ? -6.736  -6.758  -12.226 1.00 33.81 ? 46  ARG A N   1 
ATOM   286  C CA  . ARG A 1 46  ? -7.553  -7.822  -12.804 1.00 35.33 ? 46  ARG A CA  1 
ATOM   287  C C   . ARG A 1 46  ? -7.641  -7.709  -14.322 1.00 35.26 ? 46  ARG A C   1 
ATOM   288  O O   . ARG A 1 46  ? -7.624  -8.716  -15.027 1.00 36.73 ? 46  ARG A O   1 
ATOM   289  C CB  . ARG A 1 46  ? -8.960  -7.800  -12.190 1.00 36.46 ? 46  ARG A CB  1 
ATOM   290  C CG  . ARG A 1 46  ? -9.000  -8.294  -10.747 1.00 38.69 ? 46  ARG A CG  1 
ATOM   291  C CD  . ARG A 1 46  ? -10.338 -7.984  -10.091 1.00 41.73 ? 46  ARG A CD  1 
ATOM   292  N NE  . ARG A 1 46  ? -10.546 -6.545  -9.981  1.00 44.60 ? 46  ARG A NE  1 
ATOM   293  C CZ  . ARG A 1 46  ? -11.618 -5.977  -9.440  1.00 45.59 ? 46  ARG A CZ  1 
ATOM   294  N NH1 . ARG A 1 46  ? -11.706 -4.656  -9.389  1.00 46.99 ? 46  ARG A NH1 1 
ATOM   295  N NH2 . ARG A 1 46  ? -12.598 -6.726  -8.953  0.00 45.71 ? 46  ARG A NH2 1 
ATOM   296  N N   . ASN A 1 47  ? -7.726  -6.479  -14.822 1.00 35.78 ? 47  ASN A N   1 
ATOM   297  C CA  . ASN A 1 47  ? -7.823  -6.227  -16.258 1.00 36.17 ? 47  ASN A CA  1 
ATOM   298  C C   . ASN A 1 47  ? -6.428  -6.130  -16.891 1.00 35.54 ? 47  ASN A C   1 
ATOM   299  O O   . ASN A 1 47  ? -5.744  -5.122  -16.738 1.00 33.89 ? 47  ASN A O   1 
ATOM   300  C CB  . ASN A 1 47  ? -8.605  -4.930  -16.491 1.00 36.56 ? 47  ASN A CB  1 
ATOM   301  C CG  . ASN A 1 47  ? -8.924  -4.698  -17.950 1.00 38.19 ? 47  ASN A CG  1 
ATOM   302  O OD1 . ASN A 1 47  ? -8.028  -4.629  -18.786 1.00 40.44 ? 47  ASN A OD1 1 
ATOM   303  N ND2 . ASN A 1 47  ? -10.208 -4.575  -18.265 1.00 37.02 ? 47  ASN A ND2 1 
ATOM   304  N N   . GLU A 1 48  ? -6.017  -7.173  -17.609 1.00 35.87 ? 48  GLU A N   1 
ATOM   305  C CA  . GLU A 1 48  ? -4.696  -7.204  -18.235 1.00 38.16 ? 48  GLU A CA  1 
ATOM   306  C C   . GLU A 1 48  ? -4.443  -6.142  -19.295 1.00 37.65 ? 48  GLU A C   1 
ATOM   307  O O   . GLU A 1 48  ? -3.298  -5.756  -19.534 1.00 36.06 ? 48  GLU A O   1 
ATOM   308  C CB  . GLU A 1 48  ? -4.420  -8.582  -18.836 1.00 42.08 ? 48  GLU A CB  1 
ATOM   309  C CG  . GLU A 1 48  ? -5.397  -9.021  -19.910 1.00 48.00 ? 48  GLU A CG  1 
ATOM   310  C CD  . GLU A 1 48  ? -5.156  -10.460 -20.334 1.00 52.39 ? 48  GLU A CD  1 
ATOM   311  O OE1 . GLU A 1 48  ? -4.054  -10.747 -20.847 1.00 54.77 ? 48  GLU A OE1 1 
ATOM   312  O OE2 . GLU A 1 48  ? -6.060  -11.302 -20.141 1.00 53.23 ? 48  GLU A OE2 1 
ATOM   313  N N   . TYR A 1 49  ? -5.502  -5.672  -19.937 1.00 36.43 ? 49  TYR A N   1 
ATOM   314  C CA  . TYR A 1 49  ? -5.341  -4.660  -20.962 1.00 37.20 ? 49  TYR A CA  1 
ATOM   315  C C   . TYR A 1 49  ? -5.026  -3.298  -20.357 1.00 36.25 ? 49  TYR A C   1 
ATOM   316  O O   . TYR A 1 49  ? -4.209  -2.554  -20.891 1.00 35.81 ? 49  TYR A O   1 
ATOM   317  C CB  . TYR A 1 49  ? -6.584  -4.641  -21.847 1.00 39.34 ? 49  TYR A CB  1 
ATOM   318  C CG  . TYR A 1 49  ? -6.727  -5.964  -22.572 1.00 43.75 ? 49  TYR A CG  1 
ATOM   319  C CD1 . TYR A 1 49  ? -5.714  -6.423  -23.418 1.00 44.69 ? 49  TYR A CD1 1 
ATOM   320  C CD2 . TYR A 1 49  ? -7.833  -6.793  -22.359 1.00 44.82 ? 49  TYR A CD2 1 
ATOM   321  C CE1 . TYR A 1 49  ? -5.790  -7.670  -24.029 1.00 45.92 ? 49  TYR A CE1 1 
ATOM   322  C CE2 . TYR A 1 49  ? -7.919  -8.047  -22.969 1.00 45.32 ? 49  TYR A CE2 1 
ATOM   323  C CZ  . TYR A 1 49  ? -6.892  -8.478  -23.801 1.00 46.53 ? 49  TYR A CZ  1 
ATOM   324  O OH  . TYR A 1 49  ? -6.961  -9.713  -24.409 1.00 49.73 ? 49  TYR A OH  1 
ATOM   325  N N   . GLU A 1 50  ? -5.652  -2.969  -19.235 1.00 36.99 ? 50  GLU A N   1 
ATOM   326  C CA  . GLU A 1 50  ? -5.347  -1.698  -18.594 1.00 38.35 ? 50  GLU A CA  1 
ATOM   327  C C   . GLU A 1 50  ? -3.956  -1.789  -17.959 1.00 37.28 ? 50  GLU A C   1 
ATOM   328  O O   . GLU A 1 50  ? -3.244  -0.788  -17.859 1.00 38.59 ? 50  GLU A O   1 
ATOM   329  C CB  . GLU A 1 50  ? -6.404  -1.355  -17.550 1.00 38.86 ? 50  GLU A CB  1 
ATOM   330  C CG  . GLU A 1 50  ? -7.794  -1.212  -18.155 1.00 43.96 ? 50  GLU A CG  1 
ATOM   331  C CD  . GLU A 1 50  ? -8.658  -0.218  -17.412 1.00 46.06 ? 50  GLU A CD  1 
ATOM   332  O OE1 . GLU A 1 50  ? -8.346  0.989   -17.469 1.00 47.70 ? 50  GLU A OE1 1 
ATOM   333  O OE2 . GLU A 1 50  ? -9.642  -0.642  -16.771 1.00 49.62 ? 50  GLU A OE2 1 
ATOM   334  N N   . LEU A 1 51  ? -3.569  -2.992  -17.541 1.00 35.90 ? 51  LEU A N   1 
ATOM   335  C CA  . LEU A 1 51  ? -2.245  -3.203  -16.959 1.00 35.95 ? 51  LEU A CA  1 
ATOM   336  C C   . LEU A 1 51  ? -1.240  -2.931  -18.071 1.00 37.49 ? 51  LEU A C   1 
ATOM   337  O O   . LEU A 1 51  ? -0.269  -2.197  -17.884 1.00 38.10 ? 51  LEU A O   1 
ATOM   338  C CB  . LEU A 1 51  ? -2.079  -4.646  -16.464 1.00 34.21 ? 51  LEU A CB  1 
ATOM   339  C CG  . LEU A 1 51  ? -0.714  -5.018  -15.860 1.00 35.30 ? 51  LEU A CG  1 
ATOM   340  C CD1 . LEU A 1 51  ? -0.406  -4.095  -14.675 1.00 34.34 ? 51  LEU A CD1 1 
ATOM   341  C CD2 . LEU A 1 51  ? -0.719  -6.479  -15.409 1.00 33.95 ? 51  LEU A CD2 1 
ATOM   342  N N   . ASN A 1 52  ? -1.491  -3.526  -19.235 1.00 37.31 ? 52  ASN A N   1 
ATOM   343  C CA  . ASN A 1 52  ? -0.621  -3.343  -20.393 1.00 37.30 ? 52  ASN A CA  1 
ATOM   344  C C   . ASN A 1 52  ? -0.529  -1.862  -20.737 1.00 35.08 ? 52  ASN A C   1 
ATOM   345  O O   . ASN A 1 52  ? 0.544   -1.352  -21.044 1.00 36.76 ? 52  ASN A O   1 
ATOM   346  C CB  . ASN A 1 52  ? -1.169  -4.110  -21.602 1.00 37.83 ? 52  ASN A CB  1 
ATOM   347  C CG  . ASN A 1 52  ? -0.384  -3.831  -22.871 1.00 40.49 ? 52  ASN A CG  1 
ATOM   348  O OD1 . ASN A 1 52  ? -0.962  -3.589  -23.933 1.00 43.65 ? 52  ASN A OD1 1 
ATOM   349  N ND2 . ASN A 1 52  ? 0.940   -3.858  -22.767 1.00 40.13 ? 52  ASN A ND2 1 
ATOM   350  N N   . GLU A 1 53  ? -1.668  -1.183  -20.683 1.00 34.77 ? 53  GLU A N   1 
ATOM   351  C CA  . GLU A 1 53  ? -1.747  0.244   -20.980 1.00 35.75 ? 53  GLU A CA  1 
ATOM   352  C C   . GLU A 1 53  ? -0.847  1.062   -20.060 1.00 34.67 ? 53  GLU A C   1 
ATOM   353  O O   . GLU A 1 53  ? -0.098  1.918   -20.521 1.00 34.98 ? 53  GLU A O   1 
ATOM   354  C CB  . GLU A 1 53  ? -3.193  0.730   -20.835 1.00 38.10 ? 53  GLU A CB  1 
ATOM   355  C CG  . GLU A 1 53  ? -3.394  2.201   -21.154 1.00 41.97 ? 53  GLU A CG  1 
ATOM   356  C CD  . GLU A 1 53  ? -4.757  2.718   -20.712 1.00 47.75 ? 53  GLU A CD  1 
ATOM   357  O OE1 . GLU A 1 53  ? -5.786  2.111   -21.083 1.00 45.81 ? 53  GLU A OE1 1 
ATOM   358  O OE2 . GLU A 1 53  ? -4.799  3.739   -19.989 1.00 51.18 ? 53  GLU A OE2 1 
ATOM   359  N N   . CYS A 1 54  ? -0.927  0.808   -18.757 1.00 35.17 ? 54  CYS A N   1 
ATOM   360  C CA  . CYS A 1 54  ? -0.107  1.538   -17.796 1.00 35.01 ? 54  CYS A CA  1 
ATOM   361  C C   . CYS A 1 54  ? 1.364   1.188   -17.931 1.00 35.20 ? 54  CYS A C   1 
ATOM   362  O O   . CYS A 1 54  ? 2.223   2.069   -17.899 1.00 34.96 ? 54  CYS A O   1 
ATOM   363  C CB  . CYS A 1 54  ? -0.576  1.254   -16.366 1.00 35.94 ? 54  CYS A CB  1 
ATOM   364  S SG  . CYS A 1 54  ? -2.193  1.950   -15.991 1.00 36.60 ? 54  CYS A SG  1 
ATOM   365  N N   . LEU A 1 55  ? 1.657   -0.100  -18.080 1.00 35.57 ? 55  LEU A N   1 
ATOM   366  C CA  . LEU A 1 55  ? 3.039   -0.536  -18.219 1.00 37.82 ? 55  LEU A CA  1 
ATOM   367  C C   . LEU A 1 55  ? 3.691   0.134   -19.426 1.00 40.11 ? 55  LEU A C   1 
ATOM   368  O O   . LEU A 1 55  ? 4.871   0.490   -19.389 1.00 39.73 ? 55  LEU A O   1 
ATOM   369  C CB  . LEU A 1 55  ? 3.111   -2.059  -18.359 1.00 38.22 ? 55  LEU A CB  1 
ATOM   370  C CG  . LEU A 1 55  ? 2.801   -2.850  -17.082 1.00 36.70 ? 55  LEU A CG  1 
ATOM   371  C CD1 . LEU A 1 55  ? 2.840   -4.347  -17.355 1.00 34.63 ? 55  LEU A CD1 1 
ATOM   372  C CD2 . LEU A 1 55  ? 3.820   -2.481  -16.016 1.00 34.45 ? 55  LEU A CD2 1 
ATOM   373  N N   . SER A 1 56  ? 2.914   0.312   -20.489 1.00 40.92 ? 56  SER A N   1 
ATOM   374  C CA  . SER A 1 56  ? 3.418   0.950   -21.698 1.00 43.19 ? 56  SER A CA  1 
ATOM   375  C C   . SER A 1 56  ? 3.742   2.414   -21.451 1.00 43.18 ? 56  SER A C   1 
ATOM   376  O O   . SER A 1 56  ? 4.855   2.861   -21.702 1.00 44.40 ? 56  SER A O   1 
ATOM   377  C CB  . SER A 1 56  ? 2.391   0.852   -22.825 1.00 44.13 ? 56  SER A CB  1 
ATOM   378  O OG  . SER A 1 56  ? 2.763   1.689   -23.910 1.00 46.98 ? 56  SER A OG  1 
ATOM   379  N N   . LYS A 1 57  ? 2.756   3.162   -20.968 1.00 43.11 ? 57  LYS A N   1 
ATOM   380  C CA  . LYS A 1 57  ? 2.954   4.574   -20.701 1.00 43.36 ? 57  LYS A CA  1 
ATOM   381  C C   . LYS A 1 57  ? 4.058   4.812   -19.672 1.00 42.19 ? 57  LYS A C   1 
ATOM   382  O O   . LYS A 1 57  ? 4.700   5.861   -19.686 1.00 42.83 ? 57  LYS A O   1 
ATOM   383  C CB  . LYS A 1 57  ? 1.643   5.209   -20.233 1.00 44.55 ? 57  LYS A CB  1 
ATOM   384  C CG  . LYS A 1 57  ? 0.540   5.154   -21.278 1.00 47.14 ? 57  LYS A CG  1 
ATOM   385  C CD  . LYS A 1 57  ? -0.733  5.844   -20.800 1.00 50.34 ? 57  LYS A CD  1 
ATOM   386  C CE  . LYS A 1 57  ? -1.843  5.738   -21.836 1.00 51.64 ? 57  LYS A CE  1 
ATOM   387  N NZ  . LYS A 1 57  ? -3.096  6.401   -21.376 1.00 54.75 ? 57  LYS A NZ  1 
ATOM   388  N N   . TRP A 1 58  ? 4.288   3.836   -18.797 1.00 39.85 ? 58  TRP A N   1 
ATOM   389  C CA  . TRP A 1 58  ? 5.325   3.958   -17.772 1.00 38.84 ? 58  TRP A CA  1 
ATOM   390  C C   . TRP A 1 58  ? 6.750   3.723   -18.272 1.00 41.05 ? 58  TRP A C   1 
ATOM   391  O O   . TRP A 1 58  ? 7.647   4.522   -18.000 1.00 39.29 ? 58  TRP A O   1 
ATOM   392  C CB  . TRP A 1 58  ? 5.066   2.992   -16.606 1.00 35.81 ? 58  TRP A CB  1 
ATOM   393  C CG  . TRP A 1 58  ? 3.987   3.421   -15.654 1.00 32.79 ? 58  TRP A CG  1 
ATOM   394  C CD1 . TRP A 1 58  ? 3.658   4.697   -15.308 1.00 31.21 ? 58  TRP A CD1 1 
ATOM   395  C CD2 . TRP A 1 58  ? 3.128   2.562   -14.892 1.00 31.17 ? 58  TRP A CD2 1 
ATOM   396  N NE1 . TRP A 1 58  ? 2.644   4.690   -14.376 1.00 32.09 ? 58  TRP A NE1 1 
ATOM   397  C CE2 . TRP A 1 58  ? 2.301   3.392   -14.103 1.00 30.26 ? 58  TRP A CE2 1 
ATOM   398  C CE3 . TRP A 1 58  ? 2.976   1.172   -14.801 1.00 30.08 ? 58  TRP A CE3 1 
ATOM   399  C CZ2 . TRP A 1 58  ? 1.330   2.876   -13.225 1.00 28.84 ? 58  TRP A CZ2 1 
ATOM   400  C CZ3 . TRP A 1 58  ? 2.007   0.659   -13.925 1.00 30.60 ? 58  TRP A CZ3 1 
ATOM   401  C CH2 . TRP A 1 58  ? 1.198   1.515   -13.154 1.00 26.37 ? 58  TRP A CH2 1 
ATOM   402  N N   . GLN A 1 59  ? 6.965   2.616   -18.979 1.00 43.33 ? 59  GLN A N   1 
ATOM   403  C CA  . GLN A 1 59  ? 8.296   2.290   -19.481 1.00 47.27 ? 59  GLN A CA  1 
ATOM   404  C C   . GLN A 1 59  ? 8.843   3.370   -20.399 1.00 48.32 ? 59  GLN A C   1 
ATOM   405  O O   . GLN A 1 59  ? 10.057  3.525   -20.528 1.00 49.78 ? 59  GLN A O   1 
ATOM   406  C CB  . GLN A 1 59  ? 8.291   0.940   -20.206 1.00 49.29 ? 59  GLN A CB  1 
ATOM   407  C CG  . GLN A 1 59  ? 7.447   0.892   -21.460 1.00 52.61 ? 59  GLN A CG  1 
ATOM   408  C CD  . GLN A 1 59  ? 7.510   -0.463  -22.141 1.00 54.61 ? 59  GLN A CD  1 
ATOM   409  O OE1 . GLN A 1 59  ? 7.103   -1.477  -21.571 1.00 55.41 ? 59  GLN A OE1 1 
ATOM   410  N NE2 . GLN A 1 59  ? 8.025   -0.488  -23.365 1.00 53.85 ? 59  GLN A NE2 1 
ATOM   411  N N   . LYS A 1 60  ? 7.949   4.121   -21.032 1.00 49.87 ? 60  LYS A N   1 
ATOM   412  C CA  . LYS A 1 60  ? 8.386   5.188   -21.914 1.00 51.04 ? 60  LYS A CA  1 
ATOM   413  C C   . LYS A 1 60  ? 8.944   6.320   -21.061 1.00 51.25 ? 60  LYS A C   1 
ATOM   414  O O   . LYS A 1 60  ? 9.938   6.948   -21.423 1.00 52.12 ? 60  LYS A O   1 
ATOM   415  C CB  . LYS A 1 60  ? 7.224   5.706   -22.763 1.00 51.60 ? 60  LYS A CB  1 
ATOM   416  C CG  . LYS A 1 60  ? 7.688   6.338   -24.063 0.00 52.37 ? 60  LYS A CG  1 
ATOM   417  C CD  . LYS A 1 60  ? 8.306   5.281   -24.969 0.00 53.07 ? 60  LYS A CD  1 
ATOM   418  C CE  . LYS A 1 60  ? 9.157   5.898   -26.064 1.00 53.90 ? 60  LYS A CE  1 
ATOM   419  N NZ  . LYS A 1 60  ? 10.421  6.481   -25.529 1.00 54.01 ? 60  LYS A NZ  1 
ATOM   420  N N   . LYS A 1 61  ? 8.298   6.577   -19.927 1.00 49.25 ? 61  LYS A N   1 
ATOM   421  C CA  . LYS A 1 61  ? 8.748   7.626   -19.021 1.00 48.63 ? 61  LYS A CA  1 
ATOM   422  C C   . LYS A 1 61  ? 10.029  7.192   -18.324 1.00 47.08 ? 61  LYS A C   1 
ATOM   423  O O   . LYS A 1 61  ? 10.533  7.892   -17.448 1.00 47.82 ? 61  LYS A O   1 
ATOM   424  C CB  . LYS A 1 61  ? 7.681   7.927   -17.962 1.00 49.05 ? 61  LYS A CB  1 
ATOM   425  C CG  . LYS A 1 61  ? 6.438   8.617   -18.489 1.00 51.31 ? 61  LYS A CG  1 
ATOM   426  C CD  . LYS A 1 61  ? 5.479   8.940   -17.357 1.00 52.17 ? 61  LYS A CD  1 
ATOM   427  C CE  . LYS A 1 61  ? 4.257   9.699   -17.854 1.00 53.50 ? 61  LYS A CE  1 
ATOM   428  N NZ  . LYS A 1 61  ? 3.331   10.056  -16.739 1.00 55.18 ? 61  LYS A NZ  1 
ATOM   429  N N   . GLY A 1 62  ? 10.543  6.027   -18.708 1.00 45.90 ? 62  GLY A N   1 
ATOM   430  C CA  . GLY A 1 62  ? 11.759  5.516   -18.099 1.00 43.86 ? 62  GLY A CA  1 
ATOM   431  C C   . GLY A 1 62  ? 11.519  4.845   -16.757 1.00 44.00 ? 62  GLY A C   1 
ATOM   432  O O   . GLY A 1 62  ? 12.464  4.608   -16.000 1.00 43.19 ? 62  GLY A O   1 
ATOM   433  N N   . PHE A 1 63  ? 10.257  4.538   -16.459 1.00 43.24 ? 63  PHE A N   1 
ATOM   434  C CA  . PHE A 1 63  ? 9.883   3.890   -15.197 1.00 43.24 ? 63  PHE A CA  1 
ATOM   435  C C   . PHE A 1 63  ? 10.114  2.379   -15.245 1.00 43.38 ? 63  PHE A C   1 
ATOM   436  O O   . PHE A 1 63  ? 9.732   1.713   -16.208 1.00 44.58 ? 63  PHE A O   1 
ATOM   437  C CB  . PHE A 1 63  ? 8.403   4.148   -14.876 1.00 41.97 ? 63  PHE A CB  1 
ATOM   438  C CG  . PHE A 1 63  ? 8.071   5.589   -14.605 1.00 40.52 ? 63  PHE A CG  1 
ATOM   439  C CD1 . PHE A 1 63  ? 6.747   6.012   -14.594 1.00 40.80 ? 63  PHE A CD1 1 
ATOM   440  C CD2 . PHE A 1 63  ? 9.072   6.523   -14.354 1.00 41.19 ? 63  PHE A CD2 1 
ATOM   441  C CE1 . PHE A 1 63  ? 6.418   7.342   -14.339 1.00 41.77 ? 63  PHE A CE1 1 
ATOM   442  C CE2 . PHE A 1 63  ? 8.757   7.852   -14.098 1.00 40.49 ? 63  PHE A CE2 1 
ATOM   443  C CZ  . PHE A 1 63  ? 7.425   8.264   -14.091 1.00 42.51 ? 63  PHE A CZ  1 
ATOM   444  N N   . GLN A 1 64  ? 10.725  1.853   -14.190 1.00 42.52 ? 64  GLN A N   1 
ATOM   445  C CA  . GLN A 1 64  ? 11.025  0.429   -14.068 1.00 41.96 ? 64  GLN A CA  1 
ATOM   446  C C   . GLN A 1 64  ? 9.862   -0.294  -13.383 1.00 40.75 ? 64  GLN A C   1 
ATOM   447  O O   . GLN A 1 64  ? 9.898   -0.527  -12.175 1.00 40.25 ? 64  GLN A O   1 
ATOM   448  C CB  . GLN A 1 64  ? 12.300  0.257   -13.238 1.00 44.62 ? 64  GLN A CB  1 
ATOM   449  C CG  . GLN A 1 64  ? 12.724  -1.182  -12.980 1.00 49.63 ? 64  GLN A CG  1 
ATOM   450  C CD  . GLN A 1 64  ? 13.466  -1.798  -14.147 1.00 52.04 ? 64  GLN A CD  1 
ATOM   451  O OE1 . GLN A 1 64  ? 14.013  -2.894  -14.034 1.00 55.03 ? 64  GLN A OE1 1 
ATOM   452  N NE2 . GLN A 1 64  ? 13.490  -1.098  -15.275 0.00 52.21 ? 64  GLN A NE2 1 
ATOM   453  N N   . VAL A 1 65  ? 8.838   -0.653  -14.153 1.00 38.91 ? 65  VAL A N   1 
ATOM   454  C CA  . VAL A 1 65  ? 7.667   -1.327  -13.594 1.00 37.06 ? 65  VAL A CA  1 
ATOM   455  C C   . VAL A 1 65  ? 7.230   -2.561  -14.381 1.00 35.57 ? 65  VAL A C   1 
ATOM   456  O O   . VAL A 1 65  ? 7.125   -2.525  -15.609 1.00 35.67 ? 65  VAL A O   1 
ATOM   457  C CB  . VAL A 1 65  ? 6.450   -0.367  -13.522 1.00 36.97 ? 65  VAL A CB  1 
ATOM   458  C CG1 . VAL A 1 65  ? 5.304   -1.025  -12.749 1.00 33.73 ? 65  VAL A CG1 1 
ATOM   459  C CG2 . VAL A 1 65  ? 6.859   0.951   -12.872 1.00 36.42 ? 65  VAL A CG2 1 
ATOM   460  N N   . THR A 1 66  ? 6.993   -3.654  -13.664 1.00 33.32 ? 66  THR A N   1 
ATOM   461  C CA  . THR A 1 66  ? 6.517   -4.891  -14.268 1.00 32.65 ? 66  THR A CA  1 
ATOM   462  C C   . THR A 1 66  ? 5.153   -5.161  -13.653 1.00 32.54 ? 66  THR A C   1 
ATOM   463  O O   . THR A 1 66  ? 4.800   -4.567  -12.635 1.00 32.81 ? 66  THR A O   1 
ATOM   464  C CB  . THR A 1 66  ? 7.438   -6.092  -13.962 1.00 34.17 ? 66  THR A CB  1 
ATOM   465  O OG1 . THR A 1 66  ? 7.650   -6.193  -12.549 1.00 35.32 ? 66  THR A OG1 1 
ATOM   466  C CG2 . THR A 1 66  ? 8.767   -5.938  -14.675 1.00 33.18 ? 66  THR A CG2 1 
ATOM   467  N N   . GLY A 1 67  ? 4.377   -6.043  -14.267 1.00 31.10 ? 67  GLY A N   1 
ATOM   468  C CA  . GLY A 1 67  ? 3.072   -6.326  -13.715 1.00 31.80 ? 67  GLY A CA  1 
ATOM   469  C C   . GLY A 1 67  ? 2.550   -7.697  -14.056 1.00 32.46 ? 67  GLY A C   1 
ATOM   470  O O   . GLY A 1 67  ? 3.046   -8.359  -14.961 1.00 32.24 ? 67  GLY A O   1 
ATOM   471  N N   . SER A 1 68  ? 1.541   -8.125  -13.309 1.00 33.19 ? 68  SER A N   1 
ATOM   472  C CA  . SER A 1 68  ? 0.918   -9.414  -13.543 1.00 34.96 ? 68  SER A CA  1 
ATOM   473  C C   . SER A 1 68  ? -0.571  -9.289  -13.280 1.00 34.04 ? 68  SER A C   1 
ATOM   474  O O   . SER A 1 68  ? -1.005  -8.397  -12.549 1.00 33.52 ? 68  SER A O   1 
ATOM   475  C CB  . SER A 1 68  ? 1.533   -10.477 -12.634 1.00 34.53 ? 68  SER A CB  1 
ATOM   476  O OG  . SER A 1 68  ? 1.587   -10.034 -11.298 1.00 37.44 ? 68  SER A OG  1 
ATOM   477  N N   . VAL A 1 69  ? -1.356  -10.161 -13.904 1.00 33.69 ? 69  VAL A N   1 
ATOM   478  C CA  . VAL A 1 69  ? -2.797  -10.142 -13.715 1.00 34.36 ? 69  VAL A CA  1 
ATOM   479  C C   . VAL A 1 69  ? -3.072  -10.820 -12.377 1.00 35.40 ? 69  VAL A C   1 
ATOM   480  O O   . VAL A 1 69  ? -2.501  -11.867 -12.073 1.00 36.00 ? 69  VAL A O   1 
ATOM   481  C CB  . VAL A 1 69  ? -3.520  -10.899 -14.851 1.00 34.98 ? 69  VAL A CB  1 
ATOM   482  C CG1 . VAL A 1 69  ? -5.028  -10.916 -14.597 1.00 33.72 ? 69  VAL A CG1 1 
ATOM   483  C CG2 . VAL A 1 69  ? -3.221  -10.222 -16.186 1.00 35.81 ? 69  VAL A CG2 1 
ATOM   484  N N   . CYS A 1 70  ? -3.929  -10.214 -11.569 1.00 33.54 ? 70  CYS A N   1 
ATOM   485  C CA  . CYS A 1 70  ? -4.231  -10.775 -10.267 1.00 36.26 ? 70  CYS A CA  1 
ATOM   486  C C   . CYS A 1 70  ? -5.494  -10.202 -9.652  1.00 36.38 ? 70  CYS A C   1 
ATOM   487  O O   . CYS A 1 70  ? -5.779  -9.008  -9.758  1.00 36.96 ? 70  CYS A O   1 
ATOM   488  C CB  . CYS A 1 70  ? -3.052  -10.536 -9.308  1.00 37.93 ? 70  CYS A CB  1 
ATOM   489  S SG  . CYS A 1 70  ? -3.312  -11.060 -7.570  1.00 43.09 ? 70  CYS A SG  1 
ATOM   490  N N   . ASP A 1 71  ? -6.258  -11.079 -9.019  1.00 36.79 ? 71  ASP A N   1 
ATOM   491  C CA  . ASP A 1 71  ? -7.460  -10.672 -8.315  1.00 37.24 ? 71  ASP A CA  1 
ATOM   492  C C   . ASP A 1 71  ? -7.068  -10.900 -6.859  1.00 37.94 ? 71  ASP A C   1 
ATOM   493  O O   . ASP A 1 71  ? -7.249  -11.989 -6.321  1.00 37.78 ? 71  ASP A O   1 
ATOM   494  C CB  . ASP A 1 71  ? -8.643  -11.560 -8.699  1.00 36.82 ? 71  ASP A CB  1 
ATOM   495  C CG  . ASP A 1 71  ? -9.897  -11.220 -7.921  1.00 36.83 ? 71  ASP A CG  1 
ATOM   496  O OD1 . ASP A 1 71  ? -10.959 -11.778 -8.250  1.00 39.51 ? 71  ASP A OD1 1 
ATOM   497  O OD2 . ASP A 1 71  ? -9.822  -10.398 -6.983  1.00 36.20 ? 71  ASP A OD2 1 
ATOM   498  N N   . ALA A 1 72  ? -6.498  -9.868  -6.246  1.00 38.22 ? 72  ALA A N   1 
ATOM   499  C CA  . ALA A 1 72  ? -6.032  -9.926  -4.862  1.00 38.10 ? 72  ALA A CA  1 
ATOM   500  C C   . ALA A 1 72  ? -7.086  -10.344 -3.843  1.00 37.79 ? 72  ALA A C   1 
ATOM   501  O O   . ALA A 1 72  ? -6.779  -10.482 -2.668  1.00 37.28 ? 72  ALA A O   1 
ATOM   502  C CB  . ALA A 1 72  ? -5.431  -8.579  -4.461  1.00 37.84 ? 72  ALA A CB  1 
ATOM   503  N N   . SER A 1 73  ? -8.324  -10.538 -4.284  1.00 38.75 ? 73  SER A N   1 
ATOM   504  C CA  . SER A 1 73  ? -9.380  -10.957 -3.368  1.00 40.55 ? 73  SER A CA  1 
ATOM   505  C C   . SER A 1 73  ? -9.389  -12.482 -3.249  1.00 39.73 ? 73  SER A C   1 
ATOM   506  O O   . SER A 1 73  ? -10.055 -13.039 -2.383  1.00 41.65 ? 73  SER A O   1 
ATOM   507  C CB  . SER A 1 73  ? -10.750 -10.476 -3.862  1.00 40.80 ? 73  SER A CB  1 
ATOM   508  O OG  . SER A 1 73  ? -11.200 -11.249 -4.963  1.00 41.27 ? 73  SER A OG  1 
ATOM   509  N N   . LEU A 1 74  ? -8.641  -13.149 -4.124  1.00 39.91 ? 74  LEU A N   1 
ATOM   510  C CA  . LEU A 1 74  ? -8.566  -14.610 -4.130  1.00 40.44 ? 74  LEU A CA  1 
ATOM   511  C C   . LEU A 1 74  ? -7.252  -15.141 -3.556  1.00 40.51 ? 74  LEU A C   1 
ATOM   512  O O   . LEU A 1 74  ? -6.163  -14.769 -4.003  1.00 38.08 ? 74  LEU A O   1 
ATOM   513  C CB  . LEU A 1 74  ? -8.740  -15.136 -5.556  1.00 40.74 ? 74  LEU A CB  1 
ATOM   514  C CG  . LEU A 1 74  ? -10.072 -14.831 -6.247  1.00 42.07 ? 74  LEU A CG  1 
ATOM   515  C CD1 . LEU A 1 74  ? -9.997  -15.236 -7.712  1.00 42.88 ? 74  LEU A CD1 1 
ATOM   516  C CD2 . LEU A 1 74  ? -11.191 -15.577 -5.545  1.00 42.29 ? 74  LEU A CD2 1 
ATOM   517  N N   . ARG A 1 75  ? -7.372  -16.028 -2.575  1.00 40.13 ? 75  ARG A N   1 
ATOM   518  C CA  . ARG A 1 75  ? -6.219  -16.628 -1.916  1.00 41.62 ? 75  ARG A CA  1 
ATOM   519  C C   . ARG A 1 75  ? -5.161  -17.141 -2.894  1.00 41.74 ? 75  ARG A C   1 
ATOM   520  O O   . ARG A 1 75  ? -4.008  -16.708 -2.850  1.00 43.28 ? 75  ARG A O   1 
ATOM   521  C CB  . ARG A 1 75  ? -6.681  -17.773 -1.012  1.00 44.35 ? 75  ARG A CB  1 
ATOM   522  C CG  . ARG A 1 75  ? -5.594  -18.362 -0.133  1.00 48.51 ? 75  ARG A CG  1 
ATOM   523  C CD  . ARG A 1 75  ? -5.867  -19.833 0.128   1.00 51.73 ? 75  ARG A CD  1 
ATOM   524  N NE  . ARG A 1 75  ? -5.611  -20.633 -1.069  1.00 55.18 ? 75  ARG A NE  1 
ATOM   525  C CZ  . ARG A 1 75  ? -5.955  -21.908 -1.213  1.00 56.38 ? 75  ARG A CZ  1 
ATOM   526  N NH1 . ARG A 1 75  ? -5.670  -22.544 -2.341  1.00 55.63 ? 75  ARG A NH1 1 
ATOM   527  N NH2 . ARG A 1 75  ? -6.594  -22.545 -0.239  1.00 56.77 ? 75  ARG A NH2 1 
ATOM   528  N N   . PRO A 1 76  ? -5.533  -18.068 -3.794  1.00 40.52 ? 76  PRO A N   1 
ATOM   529  C CA  . PRO A 1 76  ? -4.548  -18.590 -4.749  1.00 39.06 ? 76  PRO A CA  1 
ATOM   530  C C   . PRO A 1 76  ? -3.909  -17.523 -5.641  1.00 39.13 ? 76  PRO A C   1 
ATOM   531  O O   . PRO A 1 76  ? -2.767  -17.671 -6.077  1.00 37.85 ? 76  PRO A O   1 
ATOM   532  C CB  . PRO A 1 76  ? -5.349  -19.627 -5.539  1.00 40.63 ? 76  PRO A CB  1 
ATOM   533  C CG  . PRO A 1 76  ? -6.751  -19.099 -5.480  1.00 39.14 ? 76  PRO A CG  1 
ATOM   534  C CD  . PRO A 1 76  ? -6.867  -18.640 -4.049  1.00 39.19 ? 76  PRO A CD  1 
ATOM   535  N N   . GLU A 1 77  ? -4.649  -16.453 -5.912  1.00 37.62 ? 77  GLU A N   1 
ATOM   536  C CA  . GLU A 1 77  ? -4.134  -15.366 -6.741  1.00 36.61 ? 77  GLU A CA  1 
ATOM   537  C C   . GLU A 1 77  ? -3.051  -14.597 -5.976  1.00 33.63 ? 77  GLU A C   1 
ATOM   538  O O   . GLU A 1 77  ? -2.073  -14.138 -6.559  1.00 30.95 ? 77  GLU A O   1 
ATOM   539  C CB  . GLU A 1 77  ? -5.276  -14.423 -7.130  1.00 38.91 ? 77  GLU A CB  1 
ATOM   540  C CG  . GLU A 1 77  ? -6.376  -15.087 -7.951  1.00 43.05 ? 77  GLU A CG  1 
ATOM   541  C CD  . GLU A 1 77  ? -6.058  -15.163 -9.436  1.00 46.61 ? 77  GLU A CD  1 
ATOM   542  O OE1 . GLU A 1 77  ? -6.139  -14.118 -10.122 1.00 46.89 ? 77  GLU A OE1 1 
ATOM   543  O OE2 . GLU A 1 77  ? -5.726  -16.267 -9.917  1.00 48.44 ? 77  GLU A OE2 1 
ATOM   544  N N   . ARG A 1 78  ? -3.228  -14.467 -4.667  1.00 33.23 ? 78  ARG A N   1 
ATOM   545  C CA  . ARG A 1 78  ? -2.250  -13.766 -3.843  1.00 32.88 ? 78  ARG A CA  1 
ATOM   546  C C   . ARG A 1 78  ? -0.972  -14.596 -3.684  1.00 32.99 ? 78  ARG A C   1 
ATOM   547  O O   . ARG A 1 78  ? 0.126   -14.048 -3.602  1.00 32.74 ? 78  ARG A O   1 
ATOM   548  C CB  . ARG A 1 78  ? -2.842  -13.447 -2.466  1.00 33.86 ? 78  ARG A CB  1 
ATOM   549  C CG  . ARG A 1 78  ? -3.993  -12.450 -2.493  1.00 34.75 ? 78  ARG A CG  1 
ATOM   550  C CD  . ARG A 1 78  ? -4.348  -11.973 -1.089  1.00 36.09 ? 78  ARG A CD  1 
ATOM   551  N NE  . ARG A 1 78  ? -4.893  -13.027 -0.231  1.00 36.79 ? 78  ARG A NE  1 
ATOM   552  C CZ  . ARG A 1 78  ? -6.190  -13.300 -0.109  1.00 38.52 ? 78  ARG A CZ  1 
ATOM   553  N NH1 . ARG A 1 78  ? -6.590  -14.275 0.698   1.00 32.08 ? 78  ARG A NH1 1 
ATOM   554  N NH2 . ARG A 1 78  ? -7.091  -12.592 -0.783  1.00 36.45 ? 78  ARG A NH2 1 
ATOM   555  N N   . GLU A 1 79  ? -1.115  -15.918 -3.649  1.00 32.80 ? 79  GLU A N   1 
ATOM   556  C CA  . GLU A 1 79  ? 0.047   -16.794 -3.503  1.00 35.11 ? 79  GLU A CA  1 
ATOM   557  C C   . GLU A 1 79  ? 0.889   -16.744 -4.774  1.00 35.32 ? 79  GLU A C   1 
ATOM   558  O O   . GLU A 1 79  ? 2.120   -16.715 -4.723  1.00 35.84 ? 79  GLU A O   1 
ATOM   559  C CB  . GLU A 1 79  ? -0.400  -18.236 -3.233  1.00 37.64 ? 79  GLU A CB  1 
ATOM   560  C CG  . GLU A 1 79  ? -1.421  -18.370 -2.110  1.00 40.81 ? 79  GLU A CG  1 
ATOM   561  C CD  . GLU A 1 79  ? -1.962  -19.786 -1.971  1.00 45.28 ? 79  GLU A CD  1 
ATOM   562  O OE1 . GLU A 1 79  ? -2.337  -20.393 -2.999  1.00 47.25 ? 79  GLU A OE1 1 
ATOM   563  O OE2 . GLU A 1 79  ? -2.026  -20.287 -0.832  1.00 46.93 ? 79  GLU A OE2 1 
ATOM   564  N N   . LYS A 1 80  ? 0.212   -16.733 -5.916  1.00 34.76 ? 80  LYS A N   1 
ATOM   565  C CA  . LYS A 1 80  ? 0.881   -16.685 -7.211  1.00 35.85 ? 80  LYS A CA  1 
ATOM   566  C C   . LYS A 1 80  ? 1.585   -15.341 -7.369  1.00 35.17 ? 80  LYS A C   1 
ATOM   567  O O   . LYS A 1 80  ? 2.724   -15.266 -7.846  1.00 33.27 ? 80  LYS A O   1 
ATOM   568  C CB  . LYS A 1 80  ? -0.148  -16.875 -8.331  1.00 36.01 ? 80  LYS A CB  1 
ATOM   569  C CG  . LYS A 1 80  ? 0.399   -16.723 -9.734  1.00 41.10 ? 80  LYS A CG  1 
ATOM   570  C CD  . LYS A 1 80  ? -0.727  -16.769 -10.758 1.00 46.47 ? 80  LYS A CD  1 
ATOM   571  C CE  . LYS A 1 80  ? -0.204  -16.559 -12.173 1.00 48.71 ? 80  LYS A CE  1 
ATOM   572  N NZ  . LYS A 1 80  ? -1.300  -16.624 -13.186 1.00 50.66 ? 80  LYS A NZ  1 
ATOM   573  N N   . LEU A 1 81  ? 0.901   -14.277 -6.963  1.00 35.06 ? 81  LEU A N   1 
ATOM   574  C CA  . LEU A 1 81  ? 1.470   -12.940 -7.057  1.00 35.00 ? 81  LEU A CA  1 
ATOM   575  C C   . LEU A 1 81  ? 2.790   -12.844 -6.302  1.00 34.09 ? 81  LEU A C   1 
ATOM   576  O O   . LEU A 1 81  ? 3.794   -12.385 -6.849  1.00 33.67 ? 81  LEU A O   1 
ATOM   577  C CB  . LEU A 1 81  ? 0.500   -11.898 -6.494  1.00 35.23 ? 81  LEU A CB  1 
ATOM   578  C CG  . LEU A 1 81  ? 1.039   -10.461 -6.456  1.00 35.68 ? 81  LEU A CG  1 
ATOM   579  C CD1 . LEU A 1 81  ? 1.401   -9.997  -7.872  1.00 34.27 ? 81  LEU A CD1 1 
ATOM   580  C CD2 . LEU A 1 81  ? -0.011  -9.548  -5.845  1.00 34.61 ? 81  LEU A CD2 1 
ATOM   581  N N   . MET A 1 82  ? 2.790   -13.274 -5.046  1.00 34.16 ? 82  MET A N   1 
ATOM   582  C CA  . MET A 1 82  ? 4.005   -13.195 -4.245  1.00 35.84 ? 82  MET A CA  1 
ATOM   583  C C   . MET A 1 82  ? 5.094   -14.130 -4.766  1.00 35.77 ? 82  MET A C   1 
ATOM   584  O O   . MET A 1 82  ? 6.270   -13.886 -4.546  1.00 38.28 ? 82  MET A O   1 
ATOM   585  C CB  . MET A 1 82  ? 3.710   -13.496 -2.776  1.00 33.18 ? 82  MET A CB  1 
ATOM   586  C CG  . MET A 1 82  ? 4.728   -12.862 -1.822  1.00 30.97 ? 82  MET A CG  1 
ATOM   587  S SD  . MET A 1 82  ? 4.788   -11.045 -1.972  1.00 35.53 ? 82  MET A SD  1 
ATOM   588  C CE  . MET A 1 82  ? 3.197   -10.619 -1.320  1.00 27.86 ? 82  MET A CE  1 
ATOM   589  N N   . GLN A 1 83  ? 4.691   -15.198 -5.448  1.00 38.08 ? 83  GLN A N   1 
ATOM   590  C CA  . GLN A 1 83  ? 5.639   -16.149 -6.028  1.00 39.33 ? 83  GLN A CA  1 
ATOM   591  C C   . GLN A 1 83  ? 6.374   -15.434 -7.164  1.00 39.01 ? 83  GLN A C   1 
ATOM   592  O O   . GLN A 1 83  ? 7.593   -15.536 -7.304  1.00 39.11 ? 83  GLN A O   1 
ATOM   593  C CB  . GLN A 1 83  ? 4.881   -17.362 -6.574  1.00 42.95 ? 83  GLN A CB  1 
ATOM   594  C CG  . GLN A 1 83  ? 5.745   -18.436 -7.222  1.00 48.87 ? 83  GLN A CG  1 
ATOM   595  C CD  . GLN A 1 83  ? 4.921   -19.602 -7.759  1.00 52.30 ? 83  GLN A CD  1 
ATOM   596  O OE1 . GLN A 1 83  ? 5.460   -20.540 -8.349  1.00 55.38 ? 83  GLN A OE1 1 
ATOM   597  N NE2 . GLN A 1 83  ? 3.611   -19.546 -7.553  1.00 52.63 ? 83  GLN A NE2 1 
ATOM   598  N N   . THR A 1 84  ? 5.610   -14.698 -7.965  1.00 38.31 ? 84  THR A N   1 
ATOM   599  C CA  . THR A 1 84  ? 6.144   -13.945 -9.089  1.00 38.13 ? 84  THR A CA  1 
ATOM   600  C C   . THR A 1 84  ? 7.083   -12.862 -8.580  1.00 38.50 ? 84  THR A C   1 
ATOM   601  O O   . THR A 1 84  ? 8.132   -12.607 -9.166  1.00 39.69 ? 84  THR A O   1 
ATOM   602  C CB  . THR A 1 84  ? 4.999   -13.294 -9.894  1.00 37.94 ? 84  THR A CB  1 
ATOM   603  O OG1 . THR A 1 84  ? 4.155   -14.319 -10.430 1.00 40.06 ? 84  THR A OG1 1 
ATOM   604  C CG2 . THR A 1 84  ? 5.543   -12.457 -11.034 1.00 39.43 ? 84  THR A CG2 1 
ATOM   605  N N   . VAL A 1 85  ? 6.701   -12.229 -7.476  1.00 37.48 ? 85  VAL A N   1 
ATOM   606  C CA  . VAL A 1 85  ? 7.510   -11.172 -6.888  1.00 35.91 ? 85  VAL A CA  1 
ATOM   607  C C   . VAL A 1 85  ? 8.825   -11.713 -6.324  1.00 35.55 ? 85  VAL A C   1 
ATOM   608  O O   . VAL A 1 85  ? 9.882   -11.133 -6.535  1.00 35.11 ? 85  VAL A O   1 
ATOM   609  C CB  . VAL A 1 85  ? 6.716   -10.439 -5.784  1.00 33.88 ? 85  VAL A CB  1 
ATOM   610  C CG1 . VAL A 1 85  ? 7.629   -9.523  -4.992  1.00 33.70 ? 85  VAL A CG1 1 
ATOM   611  C CG2 . VAL A 1 85  ? 5.582   -9.633  -6.426  1.00 32.21 ? 85  VAL A CG2 1 
ATOM   612  N N   . SER A 1 86  ? 8.761   -12.837 -5.624  1.00 37.01 ? 86  SER A N   1 
ATOM   613  C CA  . SER A 1 86  ? 9.964   -13.415 -5.047  1.00 39.83 ? 86  SER A CA  1 
ATOM   614  C C   . SER A 1 86  ? 10.984  -13.795 -6.120  1.00 41.26 ? 86  SER A C   1 
ATOM   615  O O   . SER A 1 86  ? 12.179  -13.548 -5.965  1.00 42.97 ? 86  SER A O   1 
ATOM   616  C CB  . SER A 1 86  ? 9.616   -14.650 -4.218  1.00 38.89 ? 86  SER A CB  1 
ATOM   617  O OG  . SER A 1 86  ? 10.764  -15.126 -3.538  1.00 38.30 ? 86  SER A OG  1 
ATOM   618  N N   . SER A 1 87  ? 10.509  -14.381 -7.212  1.00 41.94 ? 87  SER A N   1 
ATOM   619  C CA  . SER A 1 87  ? 11.397  -14.801 -8.290  1.00 44.49 ? 87  SER A CA  1 
ATOM   620  C C   . SER A 1 87  ? 12.029  -13.642 -9.063  1.00 44.46 ? 87  SER A C   1 
ATOM   621  O O   . SER A 1 87  ? 13.160  -13.754 -9.536  1.00 45.24 ? 87  SER A O   1 
ATOM   622  C CB  . SER A 1 87  ? 10.644  -15.707 -9.267  1.00 45.38 ? 87  SER A CB  1 
ATOM   623  O OG  . SER A 1 87  ? 9.808   -14.940 -10.115 1.00 48.53 ? 87  SER A OG  1 
ATOM   624  N N   . MET A 1 88  ? 11.313  -12.531 -9.201  1.00 44.93 ? 88  MET A N   1 
ATOM   625  C CA  . MET A 1 88  ? 11.860  -11.397 -9.938  1.00 44.90 ? 88  MET A CA  1 
ATOM   626  C C   . MET A 1 88  ? 12.721  -10.457 -9.101  1.00 43.24 ? 88  MET A C   1 
ATOM   627  O O   . MET A 1 88  ? 13.541  -9.725  -9.652  1.00 42.60 ? 88  MET A O   1 
ATOM   628  C CB  . MET A 1 88  ? 10.745  -10.595 -10.601 1.00 47.77 ? 88  MET A CB  1 
ATOM   629  C CG  . MET A 1 88  ? 9.860   -9.840  -9.640  1.00 52.53 ? 88  MET A CG  1 
ATOM   630  S SD  . MET A 1 88  ? 8.672   -8.842  -10.540 1.00 58.91 ? 88  MET A SD  1 
ATOM   631  C CE  . MET A 1 88  ? 7.709   -10.116 -11.309 1.00 56.02 ? 88  MET A CE  1 
ATOM   632  N N   . PHE A 1 89  ? 12.530  -10.466 -7.783  0.00 41.06 ? 89  PHE A N   1 
ATOM   633  C CA  . PHE A 1 89  ? 13.324  -9.610  -6.903  1.00 39.53 ? 89  PHE A CA  1 
ATOM   634  C C   . PHE A 1 89  ? 14.393  -10.416 -6.173  1.00 38.29 ? 89  PHE A C   1 
ATOM   635  O O   . PHE A 1 89  ? 15.099  -9.893  -5.311  1.00 35.85 ? 89  PHE A O   1 
ATOM   636  C CB  . PHE A 1 89  ? 12.444  -8.897  -5.866  1.00 36.46 ? 89  PHE A CB  1 
ATOM   637  C CG  . PHE A 1 89  ? 11.476  -7.905  -6.456  1.00 34.98 ? 89  PHE A CG  1 
ATOM   638  C CD1 . PHE A 1 89  ? 11.714  -7.324  -7.698  1.00 33.37 ? 89  PHE A CD1 1 
ATOM   639  C CD2 . PHE A 1 89  ? 10.336  -7.524  -5.746  1.00 33.50 ? 89  PHE A CD2 1 
ATOM   640  C CE1 . PHE A 1 89  ? 10.832  -6.380  -8.224  1.00 31.59 ? 89  PHE A CE1 1 
ATOM   641  C CE2 . PHE A 1 89  ? 9.448   -6.579  -6.263  1.00 31.67 ? 89  PHE A CE2 1 
ATOM   642  C CZ  . PHE A 1 89  ? 9.696   -6.007  -7.506  1.00 32.58 ? 89  PHE A CZ  1 
ATOM   643  N N   . GLY A 1 90  ? 14.492  -11.696 -6.510  1.00 39.43 ? 90  GLY A N   1 
ATOM   644  C CA  . GLY A 1 90  ? 15.490  -12.546 -5.887  1.00 39.36 ? 90  GLY A CA  1 
ATOM   645  C C   . GLY A 1 90  ? 15.234  -12.907 -4.438  1.00 39.28 ? 90  GLY A C   1 
ATOM   646  O O   . GLY A 1 90  ? 16.172  -12.992 -3.647  1.00 39.98 ? 90  GLY A O   1 
ATOM   647  N N   . GLY A 1 91  ? 13.971  -13.114 -4.078  1.00 38.68 ? 91  GLY A N   1 
ATOM   648  C CA  . GLY A 1 91  ? 13.651  -13.491 -2.711  1.00 37.12 ? 91  GLY A CA  1 
ATOM   649  C C   . GLY A 1 91  ? 13.668  -12.371 -1.686  1.00 35.22 ? 91  GLY A C   1 
ATOM   650  O O   . GLY A 1 91  ? 13.414  -12.602 -0.505  1.00 34.85 ? 91  GLY A O   1 
ATOM   651  N N   . LYS A 1 92  ? 13.967  -11.158 -2.129  1.00 35.03 ? 92  LYS A N   1 
ATOM   652  C CA  . LYS A 1 92  ? 13.993  -10.016 -1.225  1.00 37.32 ? 92  LYS A CA  1 
ATOM   653  C C   . LYS A 1 92  ? 13.009  -8.945  -1.695  1.00 35.45 ? 92  LYS A C   1 
ATOM   654  O O   . LYS A 1 92  ? 12.881  -8.698  -2.890  1.00 36.29 ? 92  LYS A O   1 
ATOM   655  C CB  . LYS A 1 92  ? 15.402  -9.420  -1.158  1.00 38.13 ? 92  LYS A CB  1 
ATOM   656  C CG  . LYS A 1 92  ? 16.468  -10.369 -0.622  1.00 43.34 ? 92  LYS A CG  1 
ATOM   657  C CD  . LYS A 1 92  ? 17.810  -9.656  -0.482  1.00 45.65 ? 92  LYS A CD  1 
ATOM   658  C CE  . LYS A 1 92  ? 18.877  -10.568 0.119   1.00 48.98 ? 92  LYS A CE  1 
ATOM   659  N NZ  . LYS A 1 92  ? 20.179  -9.855  0.316   1.00 50.09 ? 92  LYS A NZ  1 
ATOM   660  N N   . LEU A 1 93  ? 12.314  -8.322  -0.748  1.00 32.73 ? 93  LEU A N   1 
ATOM   661  C CA  . LEU A 1 93  ? 11.353  -7.262  -1.057  1.00 31.44 ? 93  LEU A CA  1 
ATOM   662  C C   . LEU A 1 93  ? 11.499  -6.145  -0.029  1.00 28.36 ? 93  LEU A C   1 
ATOM   663  O O   . LEU A 1 93  ? 11.368  -6.377  1.164   1.00 27.67 ? 93  LEU A O   1 
ATOM   664  C CB  . LEU A 1 93  ? 9.916   -7.797  -1.014  1.00 28.68 ? 93  LEU A CB  1 
ATOM   665  C CG  . LEU A 1 93  ? 8.824   -6.728  -1.128  1.00 29.00 ? 93  LEU A CG  1 
ATOM   666  C CD1 . LEU A 1 93  ? 8.874   -6.085  -2.518  1.00 28.94 ? 93  LEU A CD1 1 
ATOM   667  C CD2 . LEU A 1 93  ? 7.461   -7.360  -0.877  1.00 29.85 ? 93  LEU A CD2 1 
ATOM   668  N N   . ASP A 1 94  ? 11.764  -4.933  -0.495  1.00 29.41 ? 94  ASP A N   1 
ATOM   669  C CA  . ASP A 1 94  ? 11.919  -3.810  0.416   1.00 29.57 ? 94  ASP A CA  1 
ATOM   670  C C   . ASP A 1 94  ? 10.598  -3.201  0.877   1.00 28.10 ? 94  ASP A C   1 
ATOM   671  O O   . ASP A 1 94  ? 10.415  -2.940  2.066   1.00 27.60 ? 94  ASP A O   1 
ATOM   672  C CB  . ASP A 1 94  ? 12.764  -2.703  -0.230  1.00 28.29 ? 94  ASP A CB  1 
ATOM   673  C CG  . ASP A 1 94  ? 14.190  -3.140  -0.500  1.00 33.64 ? 94  ASP A CG  1 
ATOM   674  O OD1 . ASP A 1 94  ? 14.859  -3.593  0.452   1.00 34.62 ? 94  ASP A OD1 1 
ATOM   675  O OD2 . ASP A 1 94  ? 14.639  -3.025  -1.658  1.00 33.18 ? 94  ASP A OD2 1 
ATOM   676  N N   . ILE A 1 95  ? 9.680   -2.991  -0.064  1.00 28.30 ? 95  ILE A N   1 
ATOM   677  C CA  . ILE A 1 95  ? 8.410   -2.333  0.240   1.00 26.34 ? 95  ILE A CA  1 
ATOM   678  C C   . ILE A 1 95  ? 7.150   -3.048  -0.238  1.00 27.11 ? 95  ILE A C   1 
ATOM   679  O O   . ILE A 1 95  ? 7.086   -3.507  -1.372  1.00 25.10 ? 95  ILE A O   1 
ATOM   680  C CB  . ILE A 1 95  ? 8.362   -0.924  -0.408  1.00 27.83 ? 95  ILE A CB  1 
ATOM   681  C CG1 . ILE A 1 95  ? 9.628   -0.126  -0.066  1.00 30.00 ? 95  ILE A CG1 1 
ATOM   682  C CG2 . ILE A 1 95  ? 7.108   -0.190  0.028   1.00 24.50 ? 95  ILE A CG2 1 
ATOM   683  C CD1 . ILE A 1 95  ? 9.781   0.147   1.392   1.00 34.77 ? 95  ILE A CD1 1 
ATOM   684  N N   . LEU A 1 96  ? 6.147   -3.104  0.633   1.00 23.26 ? 96  LEU A N   1 
ATOM   685  C CA  . LEU A 1 96  ? 4.860   -3.698  0.293   1.00 23.38 ? 96  LEU A CA  1 
ATOM   686  C C   . LEU A 1 96  ? 3.784   -2.638  0.516   1.00 22.86 ? 96  LEU A C   1 
ATOM   687  O O   . LEU A 1 96  ? 3.583   -2.165  1.641   1.00 19.00 ? 96  LEU A O   1 
ATOM   688  C CB  . LEU A 1 96  ? 4.549   -4.914  1.161   1.00 21.78 ? 96  LEU A CB  1 
ATOM   689  C CG  . LEU A 1 96  ? 3.098   -5.408  1.071   1.00 26.07 ? 96  LEU A CG  1 
ATOM   690  C CD1 . LEU A 1 96  ? 2.774   -5.843  -0.357  1.00 24.06 ? 96  LEU A CD1 1 
ATOM   691  C CD2 . LEU A 1 96  ? 2.874   -6.551  2.050   1.00 25.45 ? 96  LEU A CD2 1 
ATOM   692  N N   . ILE A 1 97  ? 3.127   -2.243  -0.565  1.00 22.79 ? 97  ILE A N   1 
ATOM   693  C CA  . ILE A 1 97  ? 2.061   -1.259  -0.478  1.00 23.93 ? 97  ILE A CA  1 
ATOM   694  C C   . ILE A 1 97  ? 0.731   -2.001  -0.637  1.00 26.73 ? 97  ILE A C   1 
ATOM   695  O O   . ILE A 1 97  ? 0.339   -2.366  -1.754  1.00 25.40 ? 97  ILE A O   1 
ATOM   696  C CB  . ILE A 1 97  ? 2.162   -0.193  -1.594  1.00 25.24 ? 97  ILE A CB  1 
ATOM   697  C CG1 . ILE A 1 97  ? 3.558   0.450   -1.604  1.00 25.17 ? 97  ILE A CG1 1 
ATOM   698  C CG2 . ILE A 1 97  ? 1.084   0.867   -1.395  1.00 24.30 ? 97  ILE A CG2 1 
ATOM   699  C CD1 . ILE A 1 97  ? 3.944   1.176   -0.323  1.00 23.24 ? 97  ILE A CD1 1 
ATOM   700  N N   . ASN A 1 98  ? 0.060   -2.253  0.482   1.00 26.28 ? 98  ASN A N   1 
ATOM   701  C CA  . ASN A 1 98  ? -1.234  -2.927  0.465   1.00 30.40 ? 98  ASN A CA  1 
ATOM   702  C C   . ASN A 1 98  ? -2.303  -1.883  0.174   1.00 31.53 ? 98  ASN A C   1 
ATOM   703  O O   . ASN A 1 98  ? -2.815  -1.228  1.080   1.00 31.90 ? 98  ASN A O   1 
ATOM   704  C CB  . ASN A 1 98  ? -1.531  -3.584  1.813   1.00 32.15 ? 98  ASN A CB  1 
ATOM   705  C CG  . ASN A 1 98  ? -0.805  -4.905  1.994   1.00 34.22 ? 98  ASN A CG  1 
ATOM   706  O OD1 . ASN A 1 98  ? -1.025  -5.854  1.244   1.00 37.25 ? 98  ASN A OD1 1 
ATOM   707  N ND2 . ASN A 1 98  ? 0.059   -4.972  2.996   1.00 32.85 ? 98  ASN A ND2 1 
ATOM   708  N N   . ASN A 1 99  ? -2.615  -1.728  -1.102  1.00 32.78 ? 99  ASN A N   1 
ATOM   709  C CA  . ASN A 1 99  ? -3.610  -0.768  -1.551  1.00 36.88 ? 99  ASN A CA  1 
ATOM   710  C C   . ASN A 1 99  ? -4.952  -1.473  -1.707  1.00 40.25 ? 99  ASN A C   1 
ATOM   711  O O   . ASN A 1 99  ? -5.182  -2.182  -2.687  0.00 40.10 ? 99  ASN A O   1 
ATOM   712  C CB  . ASN A 1 99  ? -3.162  -0.161  -2.881  1.00 37.88 ? 99  ASN A CB  1 
ATOM   713  C CG  . ASN A 1 99  ? -4.209  0.732   -3.497  1.00 40.36 ? 99  ASN A CG  1 
ATOM   714  O OD1 . ASN A 1 99  ? -4.803  1.573   -2.822  1.00 42.77 ? 99  ASN A OD1 1 
ATOM   715  N ND2 . ASN A 1 99  ? -4.431  0.567   -4.794  1.00 40.32 ? 99  ASN A ND2 1 
ATOM   716  N N   . LEU A 1 100 ? -5.833  -1.270  -0.734  1.00 43.06 ? 100 LEU A N   1 
ATOM   717  C CA  . LEU A 1 100 ? -7.146  -1.904  -0.749  1.00 47.05 ? 100 LEU A CA  1 
ATOM   718  C C   . LEU A 1 100 ? -8.071  -1.415  -1.858  1.00 48.74 ? 100 LEU A C   1 
ATOM   719  O O   . LEU A 1 100 ? -7.991  -0.269  -2.302  1.00 47.61 ? 100 LEU A O   1 
ATOM   720  C CB  . LEU A 1 100 ? -7.835  -1.724  0.609   1.00 48.38 ? 100 LEU A CB  1 
ATOM   721  C CG  . LEU A 1 100 ? -7.286  -2.558  1.774   1.00 50.66 ? 100 LEU A CG  1 
ATOM   722  C CD1 . LEU A 1 100 ? -7.351  -4.036  1.401   1.00 50.40 ? 100 LEU A CD1 1 
ATOM   723  C CD2 . LEU A 1 100 ? -5.848  -2.151  2.099   1.00 51.20 ? 100 LEU A CD2 1 
ATOM   724  N N   . GLY A 1 101 ? -8.955  -2.305  -2.294  1.00 50.41 ? 101 GLY A N   1 
ATOM   725  C CA  . GLY A 1 101 ? -9.889  -1.964  -3.347  1.00 52.01 ? 101 GLY A CA  1 
ATOM   726  C C   . GLY A 1 101 ? -11.015 -1.076  -2.865  1.00 53.33 ? 101 GLY A C   1 
ATOM   727  O O   . GLY A 1 101 ? -11.526 -1.238  -1.754  1.00 53.43 ? 101 GLY A O   1 
ATOM   728  N N   . ALA A 1 102 ? -11.399 -0.123  -3.705  1.00 54.76 ? 102 ALA A N   1 
ATOM   729  C CA  . ALA A 1 102 ? -12.476 0.798   -3.381  1.00 55.26 ? 102 ALA A CA  1 
ATOM   730  C C   . ALA A 1 102 ? -13.719 0.372   -4.146  1.00 56.06 ? 102 ALA A C   1 
ATOM   731  O O   . ALA A 1 102 ? -14.194 1.165   -4.986  1.00 56.55 ? 102 ALA A O   1 
ATOM   732  C CB  . ALA A 1 102 ? -12.082 2.218   -3.757  1.00 55.41 ? 102 ALA A CB  1 
ATOM   733  N N   . LEU A 1 109 ? -31.086 -0.471  -3.165  1.00 59.72 ? 109 LEU A N   1 
ATOM   734  C CA  . LEU A 1 109 ? -29.792 0.084   -3.659  1.00 60.26 ? 109 LEU A CA  1 
ATOM   735  C C   . LEU A 1 109 ? -28.971 0.687   -2.523  1.00 59.00 ? 109 LEU A C   1 
ATOM   736  O O   . LEU A 1 109 ? -28.618 1.868   -2.548  1.00 59.39 ? 109 LEU A O   1 
ATOM   737  C CB  . LEU A 1 109 ? -30.047 1.143   -4.736  1.00 60.51 ? 109 LEU A CB  1 
ATOM   738  C CG  . LEU A 1 109 ? -28.818 1.697   -5.466  1.00 62.20 ? 109 LEU A CG  1 
ATOM   739  C CD1 . LEU A 1 109 ? -28.011 0.557   -6.072  1.00 62.55 ? 109 LEU A CD1 1 
ATOM   740  C CD2 . LEU A 1 109 ? -29.266 2.663   -6.547  1.00 62.30 ? 109 LEU A CD2 1 
ATOM   741  N N   . ASP A 1 110 ? -28.680 -0.138  -1.525  1.00 58.29 ? 110 ASP A N   1 
ATOM   742  C CA  . ASP A 1 110 ? -27.887 0.265   -0.370  1.00 56.43 ? 110 ASP A CA  1 
ATOM   743  C C   . ASP A 1 110 ? -27.326 -1.017  0.244   1.00 54.95 ? 110 ASP A C   1 
ATOM   744  O O   . ASP A 1 110 ? -28.049 -2.006  0.391   1.00 54.16 ? 110 ASP A O   1 
ATOM   745  C CB  . ASP A 1 110 ? -28.757 1.008   0.648   1.00 57.46 ? 110 ASP A CB  1 
ATOM   746  C CG  . ASP A 1 110 ? -27.937 1.834   1.623   1.00 60.12 ? 110 ASP A CG  1 
ATOM   747  O OD1 . ASP A 1 110 ? -27.147 1.245   2.393   1.00 62.22 ? 110 ASP A OD1 1 
ATOM   748  O OD2 . ASP A 1 110 ? -28.075 3.077   1.617   1.00 60.63 ? 110 ASP A OD2 1 
ATOM   749  N N   . TYR A 1 111 ? -26.042 -1.000  0.593   1.00 51.71 ? 111 TYR A N   1 
ATOM   750  C CA  . TYR A 1 111 ? -25.388 -2.176  1.157   1.00 49.66 ? 111 TYR A CA  1 
ATOM   751  C C   . TYR A 1 111 ? -26.098 -2.788  2.361   1.00 47.20 ? 111 TYR A C   1 
ATOM   752  O O   . TYR A 1 111 ? -26.593 -2.081  3.237   1.00 48.62 ? 111 TYR A O   1 
ATOM   753  C CB  . TYR A 1 111 ? -23.935 -1.851  1.523   1.00 51.68 ? 111 TYR A CB  1 
ATOM   754  C CG  . TYR A 1 111 ? -23.118 -1.357  0.353   1.00 53.22 ? 111 TYR A CG  1 
ATOM   755  C CD1 . TYR A 1 111 ? -23.164 -0.019  -0.040  1.00 54.93 ? 111 TYR A CD1 1 
ATOM   756  C CD2 . TYR A 1 111 ? -22.334 -2.234  -0.393  1.00 53.84 ? 111 TYR A CD2 1 
ATOM   757  C CE1 . TYR A 1 111 ? -22.450 0.435   -1.149  1.00 54.37 ? 111 TYR A CE1 1 
ATOM   758  C CE2 . TYR A 1 111 ? -21.617 -1.793  -1.504  1.00 56.64 ? 111 TYR A CE2 1 
ATOM   759  C CZ  . TYR A 1 111 ? -21.682 -0.456  -1.875  1.00 55.98 ? 111 TYR A CZ  1 
ATOM   760  O OH  . TYR A 1 111 ? -20.986 -0.019  -2.975  1.00 57.80 ? 111 TYR A OH  1 
ATOM   761  N N   . THR A 1 112 ? -26.139 -4.117  2.383   1.00 44.50 ? 112 THR A N   1 
ATOM   762  C CA  . THR A 1 112 ? -26.768 -4.875  3.458   1.00 42.28 ? 112 THR A CA  1 
ATOM   763  C C   . THR A 1 112 ? -25.700 -5.278  4.468   1.00 42.49 ? 112 THR A C   1 
ATOM   764  O O   . THR A 1 112 ? -24.551 -4.850  4.367   1.00 40.20 ? 112 THR A O   1 
ATOM   765  C CB  . THR A 1 112 ? -27.396 -6.173  2.929   1.00 41.61 ? 112 THR A CB  1 
ATOM   766  O OG1 . THR A 1 112 ? -26.359 -7.018  2.410   1.00 39.41 ? 112 THR A OG1 1 
ATOM   767  C CG2 . THR A 1 112 ? -28.409 -5.878  1.827   1.00 39.79 ? 112 THR A CG2 1 
ATOM   768  N N   . ALA A 1 113 ? -26.090 -6.112  5.430   1.00 41.79 ? 113 ALA A N   1 
ATOM   769  C CA  . ALA A 1 113 ? -25.167 -6.602  6.447   1.00 42.37 ? 113 ALA A CA  1 
ATOM   770  C C   . ALA A 1 113 ? -24.161 -7.541  5.791   1.00 42.07 ? 113 ALA A C   1 
ATOM   771  O O   . ALA A 1 113 ? -22.964 -7.464  6.065   1.00 42.72 ? 113 ALA A O   1 
ATOM   772  C CB  . ALA A 1 113 ? -25.931 -7.341  7.552   1.00 41.46 ? 113 ALA A CB  1 
ATOM   773  N N   . GLU A 1 114 ? -24.649 -8.430  4.928   1.00 41.12 ? 114 GLU A N   1 
ATOM   774  C CA  . GLU A 1 114 ? -23.764 -9.364  4.228   1.00 42.51 ? 114 GLU A CA  1 
ATOM   775  C C   . GLU A 1 114 ? -22.751 -8.602  3.375   1.00 38.87 ? 114 GLU A C   1 
ATOM   776  O O   . GLU A 1 114 ? -21.594 -8.993  3.289   1.00 39.76 ? 114 GLU A O   1 
ATOM   777  C CB  . GLU A 1 114 ? -24.564 -10.319 3.331   1.00 44.52 ? 114 GLU A CB  1 
ATOM   778  C CG  . GLU A 1 114 ? -25.195 -11.501 4.056   1.00 48.46 ? 114 GLU A CG  1 
ATOM   779  C CD  . GLU A 1 114 ? -26.439 -11.123 4.840   1.00 50.87 ? 114 GLU A CD  1 
ATOM   780  O OE1 . GLU A 1 114 ? -26.923 -11.973 5.620   1.00 52.70 ? 114 GLU A OE1 1 
ATOM   781  O OE2 . GLU A 1 114 ? -26.937 -9.988  4.674   1.00 51.11 ? 114 GLU A OE2 1 
ATOM   782  N N   . ASP A 1 115 ? -23.194 -7.519  2.743   1.00 37.15 ? 115 ASP A N   1 
ATOM   783  C CA  . ASP A 1 115 ? -22.313 -6.698  1.911   1.00 36.74 ? 115 ASP A CA  1 
ATOM   784  C C   . ASP A 1 115 ? -21.269 -6.039  2.809   1.00 36.61 ? 115 ASP A C   1 
ATOM   785  O O   . ASP A 1 115 ? -20.068 -6.040  2.512   1.00 36.02 ? 115 ASP A O   1 
ATOM   786  C CB  . ASP A 1 115 ? -23.122 -5.606  1.193   1.00 37.37 ? 115 ASP A CB  1 
ATOM   787  C CG  . ASP A 1 115 ? -24.038 -6.162  0.117   1.00 39.33 ? 115 ASP A CG  1 
ATOM   788  O OD1 . ASP A 1 115 ? -24.944 -5.425  -0.337  1.00 41.63 ? 115 ASP A OD1 1 
ATOM   789  O OD2 . ASP A 1 115 ? -23.847 -7.327  -0.284  1.00 37.34 ? 115 ASP A OD2 1 
ATOM   790  N N   . PHE A 1 116 ? -21.754 -5.468  3.906   1.00 34.58 ? 116 PHE A N   1 
ATOM   791  C CA  . PHE A 1 116 ? -20.918 -4.798  4.893   1.00 36.71 ? 116 PHE A CA  1 
ATOM   792  C C   . PHE A 1 116 ? -19.823 -5.772  5.339   1.00 37.05 ? 116 PHE A C   1 
ATOM   793  O O   . PHE A 1 116 ? -18.623 -5.483  5.243   1.00 35.01 ? 116 PHE A O   1 
ATOM   794  C CB  . PHE A 1 116 ? -21.809 -4.377  6.070   1.00 35.74 ? 116 PHE A CB  1 
ATOM   795  C CG  . PHE A 1 116 ? -21.081 -3.690  7.190   1.00 38.62 ? 116 PHE A CG  1 
ATOM   796  C CD1 . PHE A 1 116 ? -20.644 -4.407  8.294   1.00 40.07 ? 116 PHE A CD1 1 
ATOM   797  C CD2 . PHE A 1 116 ? -20.866 -2.317  7.157   1.00 38.00 ? 116 PHE A CD2 1 
ATOM   798  C CE1 . PHE A 1 116 ? -20.004 -3.769  9.352   1.00 40.40 ? 116 PHE A CE1 1 
ATOM   799  C CE2 . PHE A 1 116 ? -20.228 -1.668  8.208   1.00 38.58 ? 116 PHE A CE2 1 
ATOM   800  C CZ  . PHE A 1 116 ? -19.798 -2.394  9.307   1.00 40.83 ? 116 PHE A CZ  1 
ATOM   801  N N   . SER A 1 117 ? -20.270 -6.933  5.806   1.00 37.17 ? 117 SER A N   1 
ATOM   802  C CA  . SER A 1 117 ? -19.413 -8.014  6.279   1.00 38.66 ? 117 SER A CA  1 
ATOM   803  C C   . SER A 1 117 ? -18.427 -8.517  5.223   1.00 39.29 ? 117 SER A C   1 
ATOM   804  O O   . SER A 1 117 ? -17.242 -8.702  5.502   1.00 38.97 ? 117 SER A O   1 
ATOM   805  C CB  . SER A 1 117 ? -20.295 -9.180  6.744   1.00 37.31 ? 117 SER A CB  1 
ATOM   806  O OG  . SER A 1 117 ? -19.546 -10.370 6.897   1.00 40.49 ? 117 SER A OG  1 
ATOM   807  N N   . PHE A 1 118 ? -18.927 -8.755  4.016   1.00 38.86 ? 118 PHE A N   1 
ATOM   808  C CA  . PHE A 1 118 ? -18.098 -9.244  2.924   1.00 39.91 ? 118 PHE A CA  1 
ATOM   809  C C   . PHE A 1 118 ? -16.968 -8.283  2.547   1.00 39.51 ? 118 PHE A C   1 
ATOM   810  O O   . PHE A 1 118 ? -15.809 -8.686  2.470   1.00 38.46 ? 118 PHE A O   1 
ATOM   811  C CB  . PHE A 1 118 ? -18.973 -9.532  1.697   1.00 42.05 ? 118 PHE A CB  1 
ATOM   812  C CG  . PHE A 1 118 ? -18.191 -9.873  0.462   1.00 45.37 ? 118 PHE A CG  1 
ATOM   813  C CD1 . PHE A 1 118 ? -17.919 -8.900  -0.495  1.00 46.84 ? 118 PHE A CD1 1 
ATOM   814  C CD2 . PHE A 1 118 ? -17.700 -11.160 0.269   1.00 46.73 ? 118 PHE A CD2 1 
ATOM   815  C CE1 . PHE A 1 118 ? -17.165 -9.204  -1.628  1.00 48.23 ? 118 PHE A CE1 1 
ATOM   816  C CE2 . PHE A 1 118 ? -16.946 -11.476 -0.858  1.00 47.62 ? 118 PHE A CE2 1 
ATOM   817  C CZ  . PHE A 1 118 ? -16.676 -10.497 -1.810  1.00 48.08 ? 118 PHE A CZ  1 
ATOM   818  N N   . HIS A 1 119 ? -17.305 -7.019  2.313   1.00 37.46 ? 119 HIS A N   1 
ATOM   819  C CA  . HIS A 1 119 ? -16.307 -6.022  1.934   1.00 38.46 ? 119 HIS A CA  1 
ATOM   820  C C   . HIS A 1 119 ? -15.238 -5.811  3.008   1.00 37.36 ? 119 HIS A C   1 
ATOM   821  O O   . HIS A 1 119 ? -14.057 -5.689  2.696   1.00 35.05 ? 119 HIS A O   1 
ATOM   822  C CB  . HIS A 1 119 ? -16.982 -4.683  1.603   1.00 40.16 ? 119 HIS A CB  1 
ATOM   823  C CG  . HIS A 1 119 ? -17.737 -4.686  0.307   1.00 44.45 ? 119 HIS A CG  1 
ATOM   824  N ND1 . HIS A 1 119 ? -18.777 -5.552  0.050   1.00 48.25 ? 119 HIS A ND1 1 
ATOM   825  C CD2 . HIS A 1 119 ? -17.609 -3.916  -0.801  1.00 47.60 ? 119 HIS A CD2 1 
ATOM   826  C CE1 . HIS A 1 119 ? -19.260 -5.316  -1.157  1.00 48.97 ? 119 HIS A CE1 1 
ATOM   827  N NE2 . HIS A 1 119 ? -18.569 -4.327  -1.696  1.00 49.56 ? 119 HIS A NE2 1 
ATOM   828  N N   . ILE A 1 120 ? -15.650 -5.773  4.269   1.00 37.21 ? 120 ILE A N   1 
ATOM   829  C CA  . ILE A 1 120 ? -14.714 -5.574  5.363   1.00 38.67 ? 120 ILE A CA  1 
ATOM   830  C C   . ILE A 1 120 ? -13.781 -6.769  5.560   1.00 40.15 ? 120 ILE A C   1 
ATOM   831  O O   . ILE A 1 120 ? -12.582 -6.596  5.799   1.00 41.64 ? 120 ILE A O   1 
ATOM   832  C CB  . ILE A 1 120 ? -15.456 -5.294  6.694   1.00 39.48 ? 120 ILE A CB  1 
ATOM   833  C CG1 . ILE A 1 120 ? -16.138 -3.927  6.632   1.00 39.34 ? 120 ILE A CG1 1 
ATOM   834  C CG2 . ILE A 1 120 ? -14.477 -5.341  7.862   0.00 39.17 ? 120 ILE A CG2 1 
ATOM   835  C CD1 . ILE A 1 120 ? -16.881 -3.541  7.908   1.00 43.69 ? 120 ILE A CD1 1 
ATOM   836  N N   . SER A 1 121 ? -14.328 -7.974  5.454   1.00 40.50 ? 121 SER A N   1 
ATOM   837  C CA  . SER A 1 121 ? -13.533 -9.183  5.644   1.00 41.61 ? 121 SER A CA  1 
ATOM   838  C C   . SER A 1 121 ? -12.666 -9.492  4.433   1.00 39.97 ? 121 SER A C   1 
ATOM   839  O O   . SER A 1 121 ? -11.588 -10.054 4.568   1.00 39.48 ? 121 SER A O   1 
ATOM   840  C CB  . SER A 1 121 ? -14.438 -10.384 5.934   1.00 41.41 ? 121 SER A CB  1 
ATOM   841  O OG  . SER A 1 121 ? -14.926 -10.960 4.736   1.00 46.13 ? 121 SER A OG  1 
ATOM   842  N N   . THR A 1 122 ? -13.140 -9.137  3.245   1.00 40.04 ? 122 THR A N   1 
ATOM   843  C CA  . THR A 1 122 ? -12.368 -9.394  2.037   1.00 39.58 ? 122 THR A CA  1 
ATOM   844  C C   . THR A 1 122 ? -11.144 -8.485  2.043   1.00 36.86 ? 122 THR A C   1 
ATOM   845  O O   . THR A 1 122 ? -10.043 -8.914  1.698   1.00 35.94 ? 122 THR A O   1 
ATOM   846  C CB  . THR A 1 122 ? -13.211 -9.139  0.760   1.00 39.65 ? 122 THR A CB  1 
ATOM   847  O OG1 . THR A 1 122 ? -12.453 -9.521  -0.393  1.00 43.85 ? 122 THR A OG1 1 
ATOM   848  C CG2 . THR A 1 122 ? -13.589 -7.672  0.644   0.00 40.64 ? 122 THR A CG2 1 
ATOM   849  N N   . ASN A 1 123 ? -11.349 -7.233  2.450   1.00 34.24 ? 123 ASN A N   1 
ATOM   850  C CA  . ASN A 1 123 ? -10.276 -6.243  2.528   1.00 33.64 ? 123 ASN A CA  1 
ATOM   851  C C   . ASN A 1 123 ? -9.261  -6.630  3.598   1.00 35.02 ? 123 ASN A C   1 
ATOM   852  O O   . ASN A 1 123 ? -8.054  -6.655  3.349   1.00 32.01 ? 123 ASN A O   1 
ATOM   853  C CB  . ASN A 1 123 ? -10.844 -4.864  2.880   1.00 34.89 ? 123 ASN A CB  1 
ATOM   854  C CG  . ASN A 1 123 ? -11.503 -4.176  1.699   1.00 37.29 ? 123 ASN A CG  1 
ATOM   855  O OD1 . ASN A 1 123 ? -12.167 -3.153  1.858   1.00 40.93 ? 123 ASN A OD1 1 
ATOM   856  N ND2 . ASN A 1 123 ? -11.313 -4.722  0.512   1.00 36.23 ? 123 ASN A ND2 1 
ATOM   857  N N   . LEU A 1 124 ? -9.760  -6.918  4.796   1.00 32.95 ? 124 LEU A N   1 
ATOM   858  C CA  . LEU A 1 124 ? -8.891  -7.281  5.908   1.00 34.98 ? 124 LEU A CA  1 
ATOM   859  C C   . LEU A 1 124 ? -8.146  -8.586  5.671   1.00 33.50 ? 124 LEU A C   1 
ATOM   860  O O   . LEU A 1 124 ? -7.010  -8.740  6.106   1.00 35.15 ? 124 LEU A O   1 
ATOM   861  C CB  . LEU A 1 124 ? -9.701  -7.360  7.213   1.00 32.78 ? 124 LEU A CB  1 
ATOM   862  C CG  . LEU A 1 124 ? -9.662  -6.112  8.103   1.00 35.59 ? 124 LEU A CG  1 
ATOM   863  C CD1 . LEU A 1 124 ? -8.277  -5.975  8.720   1.00 33.76 ? 124 LEU A CD1 1 
ATOM   864  C CD2 . LEU A 1 124 ? -10.017 -4.866  7.293   1.00 36.55 ? 124 LEU A CD2 1 
ATOM   865  N N   . GLU A 1 125 ? -8.775  -9.525  4.980   1.00 33.69 ? 125 GLU A N   1 
ATOM   866  C CA  . GLU A 1 125 ? -8.113  -10.790 4.723   1.00 33.69 ? 125 GLU A CA  1 
ATOM   867  C C   . GLU A 1 125 ? -7.023  -10.645 3.663   1.00 32.53 ? 125 GLU A C   1 
ATOM   868  O O   . GLU A 1 125 ? -5.924  -11.174 3.820   1.00 31.94 ? 125 GLU A O   1 
ATOM   869  C CB  . GLU A 1 125 ? -9.109  -11.855 4.275   1.00 34.38 ? 125 GLU A CB  1 
ATOM   870  C CG  . GLU A 1 125 ? -8.534  -13.251 4.384   1.00 37.03 ? 125 GLU A CG  1 
ATOM   871  C CD  . GLU A 1 125 ? -9.340  -14.286 3.640   1.00 42.87 ? 125 GLU A CD  1 
ATOM   872  O OE1 . GLU A 1 125 ? -9.078  -15.491 3.839   1.00 45.04 ? 125 GLU A OE1 1 
ATOM   873  O OE2 . GLU A 1 125 ? -10.228 -13.896 2.850   1.00 47.88 ? 125 GLU A OE2 1 
ATOM   874  N N   . SER A 1 126 ? -7.323  -9.932  2.584   1.00 30.58 ? 126 SER A N   1 
ATOM   875  C CA  . SER A 1 126 ? -6.330  -9.746  1.533   1.00 32.20 ? 126 SER A CA  1 
ATOM   876  C C   . SER A 1 126 ? -5.088  -9.051  2.081   1.00 29.77 ? 126 SER A C   1 
ATOM   877  O O   . SER A 1 126 ? -3.966  -9.490  1.835   1.00 30.02 ? 126 SER A O   1 
ATOM   878  C CB  . SER A 1 126 ? -6.917  -8.939  0.366   1.00 33.02 ? 126 SER A CB  1 
ATOM   879  O OG  . SER A 1 126 ? -7.480  -7.718  0.810   1.00 41.65 ? 126 SER A OG  1 
ATOM   880  N N   . ALA A 1 127 ? -5.295  -7.975  2.834   1.00 28.05 ? 127 ALA A N   1 
ATOM   881  C CA  . ALA A 1 127 ? -4.191  -7.214  3.404   1.00 26.99 ? 127 ALA A CA  1 
ATOM   882  C C   . ALA A 1 127 ? -3.359  -8.049  4.379   1.00 26.35 ? 127 ALA A C   1 
ATOM   883  O O   . ALA A 1 127 ? -2.133  -8.031  4.333   1.00 24.65 ? 127 ALA A O   1 
ATOM   884  C CB  . ALA A 1 127 ? -4.721  -5.973  4.096   1.00 24.12 ? 127 ALA A CB  1 
ATOM   885  N N   . TYR A 1 128 ? -4.040  -8.780  5.254   1.00 27.93 ? 128 TYR A N   1 
ATOM   886  C CA  . TYR A 1 128 ? -3.378  -9.620  6.239   1.00 29.95 ? 128 TYR A CA  1 
ATOM   887  C C   . TYR A 1 128 ? -2.571  -10.728 5.561   1.00 28.85 ? 128 TYR A C   1 
ATOM   888  O O   . TYR A 1 128 ? -1.388  -10.907 5.845   1.00 27.37 ? 128 TYR A O   1 
ATOM   889  C CB  . TYR A 1 128 ? -4.424  -10.219 7.190   1.00 35.55 ? 128 TYR A CB  1 
ATOM   890  C CG  . TYR A 1 128 ? -3.864  -11.056 8.323   1.00 39.82 ? 128 TYR A CG  1 
ATOM   891  C CD1 . TYR A 1 128 ? -3.965  -12.446 8.310   1.00 41.72 ? 128 TYR A CD1 1 
ATOM   892  C CD2 . TYR A 1 128 ? -3.246  -10.454 9.416   1.00 43.78 ? 128 TYR A CD2 1 
ATOM   893  C CE1 . TYR A 1 128 ? -3.464  -13.217 9.366   1.00 44.23 ? 128 TYR A CE1 1 
ATOM   894  C CE2 . TYR A 1 128 ? -2.743  -11.209 10.472  1.00 44.16 ? 128 TYR A CE2 1 
ATOM   895  C CZ  . TYR A 1 128 ? -2.854  -12.586 10.443  1.00 46.02 ? 128 TYR A CZ  1 
ATOM   896  O OH  . TYR A 1 128 ? -2.348  -13.322 11.490  1.00 47.63 ? 128 TYR A OH  1 
ATOM   897  N N   . HIS A 1 129 ? -3.215  -11.461 4.659   1.00 28.33 ? 129 HIS A N   1 
ATOM   898  C CA  . HIS A 1 129 ? -2.561  -12.555 3.947   1.00 28.56 ? 129 HIS A CA  1 
ATOM   899  C C   . HIS A 1 129 ? -1.367  -12.065 3.122   1.00 28.90 ? 129 HIS A C   1 
ATOM   900  O O   . HIS A 1 129 ? -0.289  -12.663 3.144   1.00 27.28 ? 129 HIS A O   1 
ATOM   901  C CB  . HIS A 1 129 ? -3.563  -13.242 3.018   1.00 29.27 ? 129 HIS A CB  1 
ATOM   902  C CG  . HIS A 1 129 ? -3.066  -14.530 2.442   1.00 27.35 ? 129 HIS A CG  1 
ATOM   903  N ND1 . HIS A 1 129 ? -3.398  -14.955 1.174   1.00 28.51 ? 129 HIS A ND1 1 
ATOM   904  C CD2 . HIS A 1 129 ? -2.267  -15.490 2.964   1.00 29.63 ? 129 HIS A CD2 1 
ATOM   905  C CE1 . HIS A 1 129 ? -2.823  -16.121 0.939   1.00 29.38 ? 129 HIS A CE1 1 
ATOM   906  N NE2 . HIS A 1 129 ? -2.130  -16.467 2.010   1.00 29.34 ? 129 HIS A NE2 1 
ATOM   907  N N   . LEU A 1 130 ? -1.566  -10.974 2.395   1.00 26.83 ? 130 LEU A N   1 
ATOM   908  C CA  . LEU A 1 130 ? -0.508  -10.426 1.554   1.00 29.06 ? 130 LEU A CA  1 
ATOM   909  C C   . LEU A 1 130 ? 0.728   -10.102 2.390   1.00 28.97 ? 130 LEU A C   1 
ATOM   910  O O   . LEU A 1 130 ? 1.856   -10.351 1.968   1.00 28.54 ? 130 LEU A O   1 
ATOM   911  C CB  . LEU A 1 130 ? -1.018  -9.174  0.830   1.00 31.98 ? 130 LEU A CB  1 
ATOM   912  C CG  . LEU A 1 130 ? -0.764  -9.075  -0.678  1.00 38.15 ? 130 LEU A CG  1 
ATOM   913  C CD1 . LEU A 1 130 ? -1.040  -10.406 -1.357  1.00 39.61 ? 130 LEU A CD1 1 
ATOM   914  C CD2 . LEU A 1 130 ? -1.650  -7.992  -1.261  1.00 40.60 ? 130 LEU A CD2 1 
ATOM   915  N N   . SER A 1 131 ? 0.504   -9.557  3.583   1.00 27.72 ? 131 SER A N   1 
ATOM   916  C CA  . SER A 1 131 ? 1.591   -9.207  4.490   1.00 26.66 ? 131 SER A CA  1 
ATOM   917  C C   . SER A 1 131 ? 2.318   -10.467 4.971   1.00 29.71 ? 131 SER A C   1 
ATOM   918  O O   . SER A 1 131 ? 3.546   -10.485 5.090   1.00 28.33 ? 131 SER A O   1 
ATOM   919  C CB  . SER A 1 131 ? 1.040   -8.441  5.698   1.00 27.43 ? 131 SER A CB  1 
ATOM   920  O OG  . SER A 1 131 ? 0.317   -7.291  5.287   1.00 26.84 ? 131 SER A OG  1 
ATOM   921  N N   . GLN A 1 132 ? 1.553   -11.517 5.257   1.00 29.64 ? 132 GLN A N   1 
ATOM   922  C CA  . GLN A 1 132 ? 2.140   -12.766 5.713   1.00 31.77 ? 132 GLN A CA  1 
ATOM   923  C C   . GLN A 1 132 ? 2.939   -13.452 4.612   1.00 30.61 ? 132 GLN A C   1 
ATOM   924  O O   . GLN A 1 132 ? 3.980   -14.054 4.879   1.00 32.36 ? 132 GLN A O   1 
ATOM   925  C CB  . GLN A 1 132 ? 1.053   -13.694 6.237   1.00 34.71 ? 132 GLN A CB  1 
ATOM   926  C CG  . GLN A 1 132 ? 0.503   -13.242 7.571   1.00 38.77 ? 132 GLN A CG  1 
ATOM   927  C CD  . GLN A 1 132 ? -0.481  -14.219 8.145   1.00 44.37 ? 132 GLN A CD  1 
ATOM   928  O OE1 . GLN A 1 132 ? -0.705  -14.250 9.355   1.00 48.47 ? 132 GLN A OE1 1 
ATOM   929  N NE2 . GLN A 1 132 ? -1.090  -15.025 7.282   1.00 45.88 ? 132 GLN A NE2 1 
ATOM   930  N N   . LEU A 1 133 ? 2.458   -13.359 3.378   1.00 28.35 ? 133 LEU A N   1 
ATOM   931  C CA  . LEU A 1 133 ? 3.159   -13.962 2.251   1.00 28.79 ? 133 LEU A CA  1 
ATOM   932  C C   . LEU A 1 133 ? 4.469   -13.223 1.985   1.00 30.12 ? 133 LEU A C   1 
ATOM   933  O O   . LEU A 1 133 ? 5.472   -13.828 1.591   1.00 31.76 ? 133 LEU A O   1 
ATOM   934  C CB  . LEU A 1 133 ? 2.289   -13.922 0.990   1.00 28.49 ? 133 LEU A CB  1 
ATOM   935  C CG  . LEU A 1 133 ? 1.094   -14.882 0.927   1.00 27.76 ? 133 LEU A CG  1 
ATOM   936  C CD1 . LEU A 1 133 ? 0.196   -14.525 -0.242  1.00 24.87 ? 133 LEU A CD1 1 
ATOM   937  C CD2 . LEU A 1 133 ? 1.593   -16.311 0.806   1.00 31.03 ? 133 LEU A CD2 1 
ATOM   938  N N   . ALA A 1 134 ? 4.457   -11.914 2.206   1.00 26.48 ? 134 ALA A N   1 
ATOM   939  C CA  . ALA A 1 134 ? 5.634   -11.093 1.976   1.00 27.99 ? 134 ALA A CA  1 
ATOM   940  C C   . ALA A 1 134 ? 6.625   -11.117 3.139   1.00 27.72 ? 134 ALA A C   1 
ATOM   941  O O   . ALA A 1 134 ? 7.811   -10.867 2.947   1.00 27.34 ? 134 ALA A O   1 
ATOM   942  C CB  . ALA A 1 134 ? 5.211   -9.652  1.684   1.00 26.58 ? 134 ALA A CB  1 
ATOM   943  N N   . HIS A 1 135 ? 6.134   -11.422 4.335   1.00 29.26 ? 135 HIS A N   1 
ATOM   944  C CA  . HIS A 1 135 ? 6.974   -11.442 5.529   1.00 32.31 ? 135 HIS A CA  1 
ATOM   945  C C   . HIS A 1 135 ? 8.394   -11.979 5.313   1.00 33.29 ? 135 HIS A C   1 
ATOM   946  O O   . HIS A 1 135 ? 9.371   -11.259 5.522   1.00 32.97 ? 135 HIS A O   1 
ATOM   947  C CB  . HIS A 1 135 ? 6.281   -12.222 6.653   1.00 33.84 ? 135 HIS A CB  1 
ATOM   948  C CG  . HIS A 1 135 ? 7.026   -12.193 7.952   1.00 37.31 ? 135 HIS A CG  1 
ATOM   949  N ND1 . HIS A 1 135 ? 7.377   -11.019 8.581   1.00 38.72 ? 135 HIS A ND1 1 
ATOM   950  C CD2 . HIS A 1 135 ? 7.480   -13.193 8.743   1.00 39.21 ? 135 HIS A CD2 1 
ATOM   951  C CE1 . HIS A 1 135 ? 8.014   -11.295 9.705   1.00 37.76 ? 135 HIS A CE1 1 
ATOM   952  N NE2 . HIS A 1 135 ? 8.090   -12.608 9.828   1.00 41.63 ? 135 HIS A NE2 1 
ATOM   953  N N   . PRO A 1 136 ? 8.530   -13.246 4.884   1.00 34.30 ? 136 PRO A N   1 
ATOM   954  C CA  . PRO A 1 136 ? 9.891   -13.759 4.676   1.00 34.76 ? 136 PRO A CA  1 
ATOM   955  C C   . PRO A 1 136 ? 10.703  -12.904 3.698   1.00 34.53 ? 136 PRO A C   1 
ATOM   956  O O   . PRO A 1 136 ? 11.903  -12.707 3.887   1.00 33.90 ? 136 PRO A O   1 
ATOM   957  C CB  . PRO A 1 136 ? 9.651   -15.183 4.172   1.00 36.73 ? 136 PRO A CB  1 
ATOM   958  C CG  . PRO A 1 136 ? 8.312   -15.084 3.483   1.00 36.18 ? 136 PRO A CG  1 
ATOM   959  C CD  . PRO A 1 136 ? 7.518   -14.218 4.427   1.00 33.09 ? 136 PRO A CD  1 
ATOM   960  N N   . LEU A 1 137 ? 10.048  -12.394 2.657   1.00 33.87 ? 137 LEU A N   1 
ATOM   961  C CA  . LEU A 1 137 ? 10.723  -11.550 1.674   1.00 31.42 ? 137 LEU A CA  1 
ATOM   962  C C   . LEU A 1 137 ? 11.154  -10.231 2.313   1.00 31.98 ? 137 LEU A C   1 
ATOM   963  O O   . LEU A 1 137 ? 12.285  -9.773  2.128   1.00 29.87 ? 137 LEU A O   1 
ATOM   964  C CB  . LEU A 1 137 ? 9.798   -11.273 0.481   1.00 33.54 ? 137 LEU A CB  1 
ATOM   965  C CG  . LEU A 1 137 ? 9.661   -12.356 -0.603  1.00 35.27 ? 137 LEU A CG  1 
ATOM   966  C CD1 . LEU A 1 137 ? 9.275   -13.679 0.030   1.00 35.56 ? 137 LEU A CD1 1 
ATOM   967  C CD2 . LEU A 1 137 ? 8.620   -11.928 -1.644  1.00 33.86 ? 137 LEU A CD2 1 
ATOM   968  N N   . LEU A 1 138 ? 10.245  -9.630  3.071   1.00 31.06 ? 138 LEU A N   1 
ATOM   969  C CA  . LEU A 1 138 ? 10.511  -8.366  3.741   1.00 31.04 ? 138 LEU A CA  1 
ATOM   970  C C   . LEU A 1 138 ? 11.634  -8.554  4.761   1.00 33.71 ? 138 LEU A C   1 
ATOM   971  O O   . LEU A 1 138 ? 12.490  -7.691  4.926   1.00 31.59 ? 138 LEU A O   1 
ATOM   972  C CB  . LEU A 1 138 ? 9.239   -7.877  4.439   1.00 30.77 ? 138 LEU A CB  1 
ATOM   973  C CG  . LEU A 1 138 ? 8.103   -7.472  3.493   1.00 30.03 ? 138 LEU A CG  1 
ATOM   974  C CD1 . LEU A 1 138 ? 6.781   -7.417  4.231   1.00 29.67 ? 138 LEU A CD1 1 
ATOM   975  C CD2 . LEU A 1 138 ? 8.438   -6.127  2.870   1.00 28.18 ? 138 LEU A CD2 1 
ATOM   976  N N   . LYS A 1 139 ? 11.622  -9.695  5.437   1.00 34.98 ? 139 LYS A N   1 
ATOM   977  C CA  . LYS A 1 139 ? 12.636  -9.995  6.436   1.00 37.38 ? 139 LYS A CA  1 
ATOM   978  C C   . LYS A 1 139 ? 14.019  -10.073 5.786   1.00 37.37 ? 139 LYS A C   1 
ATOM   979  O O   . LYS A 1 139 ? 14.975  -9.494  6.286   1.00 35.34 ? 139 LYS A O   1 
ATOM   980  C CB  . LYS A 1 139 ? 12.310  -11.314 7.128   1.00 38.25 ? 139 LYS A CB  1 
ATOM   981  C CG  . LYS A 1 139 ? 13.277  -11.691 8.238   1.00 41.10 ? 139 LYS A CG  1 
ATOM   982  C CD  . LYS A 1 139 ? 12.967  -13.075 8.763   1.00 42.55 ? 139 LYS A CD  1 
ATOM   983  C CE  . LYS A 1 139 ? 13.966  -13.505 9.820   0.00 43.16 ? 139 LYS A CE  1 
ATOM   984  N NZ  . LYS A 1 139 ? 13.695  -14.891 10.282  1.00 45.09 ? 139 LYS A NZ  1 
ATOM   985  N N   . ALA A 1 140 ? 14.105  -10.774 4.659   1.00 38.49 ? 140 ALA A N   1 
ATOM   986  C CA  . ALA A 1 140 ? 15.369  -10.927 3.942   1.00 38.64 ? 140 ALA A CA  1 
ATOM   987  C C   . ALA A 1 140 ? 15.924  -9.591  3.454   1.00 39.37 ? 140 ALA A C   1 
ATOM   988  O O   . ALA A 1 140 ? 17.120  -9.472  3.184   1.00 37.82 ? 140 ALA A O   1 
ATOM   989  C CB  . ALA A 1 140 ? 15.186  -11.881 2.758   1.00 37.12 ? 140 ALA A CB  1 
ATOM   990  N N   . SER A 1 141 ? 15.060  -8.586  3.340   1.00 38.74 ? 141 SER A N   1 
ATOM   991  C CA  . SER A 1 141 ? 15.498  -7.274  2.878   1.00 39.79 ? 141 SER A CA  1 
ATOM   992  C C   . SER A 1 141 ? 16.336  -6.600  3.964   1.00 38.99 ? 141 SER A C   1 
ATOM   993  O O   . SER A 1 141 ? 17.212  -5.792  3.674   1.00 39.20 ? 141 SER A O   1 
ATOM   994  C CB  . SER A 1 141 ? 14.296  -6.388  2.549   1.00 38.57 ? 141 SER A CB  1 
ATOM   995  O OG  . SER A 1 141 ? 13.828  -5.736  3.715   1.00 40.72 ? 141 SER A OG  1 
ATOM   996  N N   . GLY A 1 142 ? 16.049  -6.934  5.217   1.00 39.35 ? 142 GLY A N   1 
ATOM   997  C CA  . GLY A 1 142 ? 16.788  -6.352  6.319   1.00 39.17 ? 142 GLY A CA  1 
ATOM   998  C C   . GLY A 1 142 ? 16.244  -5.000  6.731   1.00 38.49 ? 142 GLY A C   1 
ATOM   999  O O   . GLY A 1 142 ? 16.529  -4.522  7.827   1.00 37.68 ? 142 GLY A O   1 
ATOM   1000 N N   . CYS A 1 143 ? 15.453  -4.386  5.855   1.00 37.02 ? 143 CYS A N   1 
ATOM   1001 C CA  . CYS A 1 143 ? 14.867  -3.078  6.126   1.00 36.85 ? 143 CYS A CA  1 
ATOM   1002 C C   . CYS A 1 143 ? 13.520  -2.937  5.420   1.00 34.81 ? 143 CYS A C   1 
ATOM   1003 O O   . CYS A 1 143 ? 13.282  -1.958  4.721   1.00 37.41 ? 143 CYS A O   1 
ATOM   1004 C CB  . CYS A 1 143 ? 15.810  -1.975  5.643   0.00 38.43 ? 143 CYS A CB  1 
ATOM   1005 S SG  . CYS A 1 143 ? 16.122  -2.004  3.858   0.49 44.74 ? 143 CYS A SG  1 
ATOM   1006 N N   . GLY A 1 144 ? 12.641  -3.912  5.617   1.00 33.55 ? 144 GLY A N   1 
ATOM   1007 C CA  . GLY A 1 144 ? 11.338  -3.883  4.975   1.00 29.57 ? 144 GLY A CA  1 
ATOM   1008 C C   . GLY A 1 144 ? 10.329  -2.879  5.511   1.00 27.34 ? 144 GLY A C   1 
ATOM   1009 O O   . GLY A 1 144 ? 10.361  -2.497  6.679   1.00 25.60 ? 144 GLY A O   1 
ATOM   1010 N N   . ASN A 1 145 ? 9.425   -2.464  4.630   1.00 25.84 ? 145 ASN A N   1 
ATOM   1011 C CA  . ASN A 1 145 ? 8.366   -1.512  4.949   1.00 24.34 ? 145 ASN A CA  1 
ATOM   1012 C C   . ASN A 1 145 ? 7.028   -1.996  4.398   1.00 24.98 ? 145 ASN A C   1 
ATOM   1013 O O   . ASN A 1 145 ? 6.956   -2.517  3.280   1.00 26.09 ? 145 ASN A O   1 
ATOM   1014 C CB  . ASN A 1 145 ? 8.647   -0.142  4.307   1.00 25.00 ? 145 ASN A CB  1 
ATOM   1015 C CG  . ASN A 1 145 ? 9.438   0.781   5.195   1.00 25.20 ? 145 ASN A CG  1 
ATOM   1016 O OD1 . ASN A 1 145 ? 10.574  1.146   4.878   1.00 28.63 ? 145 ASN A OD1 1 
ATOM   1017 N ND2 . ASN A 1 145 ? 8.843   1.182   6.308   1.00 22.48 ? 145 ASN A ND2 1 
ATOM   1018 N N   . ILE A 1 146 ? 5.973   -1.826  5.186   1.00 23.76 ? 146 ILE A N   1 
ATOM   1019 C CA  . ILE A 1 146 ? 4.631   -2.177  4.744   1.00 23.43 ? 146 ILE A CA  1 
ATOM   1020 C C   . ILE A 1 146 ? 3.769   -0.946  4.964   1.00 23.88 ? 146 ILE A C   1 
ATOM   1021 O O   . ILE A 1 146 ? 3.877   -0.267  5.995   1.00 23.63 ? 146 ILE A O   1 
ATOM   1022 C CB  . ILE A 1 146 ? 3.995   -3.332  5.546   1.00 24.82 ? 146 ILE A CB  1 
ATOM   1023 C CG1 . ILE A 1 146 ? 4.786   -4.627  5.344   1.00 22.75 ? 146 ILE A CG1 1 
ATOM   1024 C CG2 . ILE A 1 146 ? 2.544   -3.539  5.074   1.00 21.78 ? 146 ILE A CG2 1 
ATOM   1025 C CD1 . ILE A 1 146 ? 4.321   -5.750  6.242   1.00 25.14 ? 146 ILE A CD1 1 
ATOM   1026 N N   . ILE A 1 147 ? 2.939   -0.645  3.977   1.00 24.26 ? 147 ILE A N   1 
ATOM   1027 C CA  . ILE A 1 147 ? 2.025   0.484   4.049   1.00 23.06 ? 147 ILE A CA  1 
ATOM   1028 C C   . ILE A 1 147 ? 0.640   -0.036  3.707   1.00 24.87 ? 147 ILE A C   1 
ATOM   1029 O O   . ILE A 1 147 ? 0.464   -0.737  2.714   1.00 22.72 ? 147 ILE A O   1 
ATOM   1030 C CB  . ILE A 1 147 ? 2.380   1.599   3.035   1.00 25.79 ? 147 ILE A CB  1 
ATOM   1031 C CG1 . ILE A 1 147 ? 3.659   2.321   3.467   1.00 26.30 ? 147 ILE A CG1 1 
ATOM   1032 C CG2 . ILE A 1 147 ? 1.224   2.604   2.945   1.00 23.31 ? 147 ILE A CG2 1 
ATOM   1033 C CD1 . ILE A 1 147 ? 4.862   1.425   3.540   1.00 35.49 ? 147 ILE A CD1 1 
ATOM   1034 N N   . PHE A 1 148 ? -0.330  0.269   4.562   1.00 26.07 ? 148 PHE A N   1 
ATOM   1035 C CA  . PHE A 1 148 ? -1.706  -0.130  4.319   1.00 27.18 ? 148 PHE A CA  1 
ATOM   1036 C C   . PHE A 1 148 ? -2.387  1.156   3.861   1.00 28.12 ? 148 PHE A C   1 
ATOM   1037 O O   . PHE A 1 148 ? -2.578  2.082   4.651   1.00 27.67 ? 148 PHE A O   1 
ATOM   1038 C CB  . PHE A 1 148 ? -2.362  -0.666  5.600   1.00 27.37 ? 148 PHE A CB  1 
ATOM   1039 C CG  . PHE A 1 148 ? -1.721  -1.922  6.135   1.00 26.35 ? 148 PHE A CG  1 
ATOM   1040 C CD1 . PHE A 1 148 ? -0.601  -1.854  6.961   1.00 25.57 ? 148 PHE A CD1 1 
ATOM   1041 C CD2 . PHE A 1 148 ? -2.210  -3.170  5.773   1.00 28.25 ? 148 PHE A CD2 1 
ATOM   1042 C CE1 . PHE A 1 148 ? 0.026   -3.013  7.418   1.00 23.06 ? 148 PHE A CE1 1 
ATOM   1043 C CE2 . PHE A 1 148 ? -1.590  -4.341  6.224   1.00 27.27 ? 148 PHE A CE2 1 
ATOM   1044 C CZ  . PHE A 1 148 ? -0.467  -4.256  7.048   1.00 28.33 ? 148 PHE A CZ  1 
ATOM   1045 N N   . MET A 1 149 ? -2.712  1.215   2.576   1.00 30.17 ? 149 MET A N   1 
ATOM   1046 C CA  . MET A 1 149 ? -3.362  2.376   1.974   1.00 35.30 ? 149 MET A CA  1 
ATOM   1047 C C   . MET A 1 149 ? -4.859  2.163   1.825   1.00 38.90 ? 149 MET A C   1 
ATOM   1048 O O   . MET A 1 149 ? -5.308  1.551   0.856   1.00 40.36 ? 149 MET A O   1 
ATOM   1049 C CB  . MET A 1 149 ? -2.765  2.656   0.593   1.00 35.40 ? 149 MET A CB  1 
ATOM   1050 C CG  . MET A 1 149 ? -1.610  3.638   0.579   1.00 35.78 ? 149 MET A CG  1 
ATOM   1051 S SD  . MET A 1 149 ? -2.037  5.388   0.808   1.00 40.11 ? 149 MET A SD  1 
ATOM   1052 C CE  . MET A 1 149 ? -3.842  5.404   0.737   1.00 33.37 ? 149 MET A CE  1 
ATOM   1053 N N   . SER A 1 150 ? -5.632  2.666   2.780   1.00 42.43 ? 150 SER A N   1 
ATOM   1054 C CA  . SER A 1 150 ? -7.083  2.519   2.726   1.00 46.89 ? 150 SER A CA  1 
ATOM   1055 C C   . SER A 1 150 ? -7.761  3.182   3.917   1.00 46.28 ? 150 SER A C   1 
ATOM   1056 O O   . SER A 1 150 ? -8.496  2.478   4.639   1.00 47.03 ? 150 SER A O   1 
ATOM   1057 C CB  . SER A 1 150 ? -7.473  1.035   2.685   1.00 48.44 ? 150 SER A CB  1 
ATOM   1058 O OG  . SER A 1 150 ? -8.875  0.887   2.517   1.00 51.58 ? 150 SER A OG  1 
ATOM   1059 N N   . GLY A 1 161 ? -18.992 6.194   2.885   1.00 49.67 ? 161 GLY A N   1 
ATOM   1060 C CA  . GLY A 1 161 ? -18.603 6.076   4.318   1.00 50.39 ? 161 GLY A CA  1 
ATOM   1061 C C   . GLY A 1 161 ? -19.190 4.835   4.949   1.00 50.30 ? 161 GLY A C   1 
ATOM   1062 O O   . GLY A 1 161 ? -19.704 3.970   4.247   1.00 52.98 ? 161 GLY A O   1 
ATOM   1063 N N   . SER A 1 162 ? -19.114 4.743   6.273   1.00 49.36 ? 162 SER A N   1 
ATOM   1064 C CA  . SER A 1 162 ? -19.635 3.596   7.010   1.00 47.79 ? 162 SER A CA  1 
ATOM   1065 C C   . SER A 1 162 ? -18.790 2.356   6.744   1.00 45.56 ? 162 SER A C   1 
ATOM   1066 O O   . SER A 1 162 ? -18.090 1.873   7.633   1.00 46.18 ? 162 SER A O   1 
ATOM   1067 C CB  . SER A 1 162 ? -21.095 3.327   6.627   1.00 49.16 ? 162 SER A CB  1 
ATOM   1068 O OG  . SER A 1 162 ? -21.655 2.303   7.436   1.00 52.53 ? 162 SER A OG  1 
ATOM   1069 N N   . ILE A 1 163 ? -18.857 1.840   5.521   1.00 44.00 ? 163 ILE A N   1 
ATOM   1070 C CA  . ILE A 1 163 ? -18.081 0.661   5.147   1.00 41.90 ? 163 ILE A CA  1 
ATOM   1071 C C   . ILE A 1 163 ? -16.591 0.964   5.277   1.00 38.80 ? 163 ILE A C   1 
ATOM   1072 O O   . ILE A 1 163 ? -15.843 0.205   5.887   1.00 37.36 ? 163 ILE A O   1 
ATOM   1073 C CB  . ILE A 1 163 ? -18.330 0.246   3.679   1.00 43.04 ? 163 ILE A CB  1 
ATOM   1074 C CG1 . ILE A 1 163 ? -19.820 0.004   3.431   1.00 44.23 ? 163 ILE A CG1 1 
ATOM   1075 C CG2 . ILE A 1 163 ? -17.513 -1.005  3.357   1.00 44.55 ? 163 ILE A CG2 1 
ATOM   1076 C CD1 . ILE A 1 163 ? -20.381 -1.215  4.128   1.00 48.46 ? 163 ILE A CD1 1 
ATOM   1077 N N   . TYR A 1 164 ? -16.174 2.081   4.693   1.00 39.29 ? 164 TYR A N   1 
ATOM   1078 C CA  . TYR A 1 164 ? -14.775 2.492   4.718   1.00 41.07 ? 164 TYR A CA  1 
ATOM   1079 C C   . TYR A 1 164 ? -14.271 2.748   6.129   1.00 40.21 ? 164 TYR A C   1 
ATOM   1080 O O   . TYR A 1 164 ? -13.181 2.308   6.496   1.00 37.31 ? 164 TYR A O   1 
ATOM   1081 C CB  . TYR A 1 164 ? -14.571 3.753   3.876   1.00 44.77 ? 164 TYR A CB  1 
ATOM   1082 C CG  . TYR A 1 164 ? -14.621 3.536   2.377   1.00 50.97 ? 164 TYR A CG  1 
ATOM   1083 C CD1 . TYR A 1 164 ? -14.235 4.547   1.499   1.00 52.74 ? 164 TYR A CD1 1 
ATOM   1084 C CD2 . TYR A 1 164 ? -15.054 2.323   1.832   1.00 52.86 ? 164 TYR A CD2 1 
ATOM   1085 C CE1 . TYR A 1 164 ? -14.275 4.360   0.118   1.00 54.40 ? 164 TYR A CE1 1 
ATOM   1086 C CE2 . TYR A 1 164 ? -15.098 2.126   0.448   1.00 53.50 ? 164 TYR A CE2 1 
ATOM   1087 C CZ  . TYR A 1 164 ? -14.707 3.148   -0.400  1.00 54.18 ? 164 TYR A CZ  1 
ATOM   1088 O OH  . TYR A 1 164 ? -14.744 2.969   -1.768  1.00 55.79 ? 164 TYR A OH  1 
ATOM   1089 N N   . SER A 1 165 ? -15.077 3.457   6.914   1.00 38.86 ? 165 SER A N   1 
ATOM   1090 C CA  . SER A 1 165 ? -14.718 3.789   8.286   1.00 38.73 ? 165 SER A CA  1 
ATOM   1091 C C   . SER A 1 165 ? -14.385 2.554   9.106   1.00 36.47 ? 165 SER A C   1 
ATOM   1092 O O   . SER A 1 165 ? -13.349 2.503   9.761   1.00 36.18 ? 165 SER A O   1 
ATOM   1093 C CB  . SER A 1 165 ? -15.856 4.557   8.965   1.00 38.17 ? 165 SER A CB  1 
ATOM   1094 O OG  . SER A 1 165 ? -15.991 5.845   8.405   1.00 41.47 ? 165 SER A OG  1 
ATOM   1095 N N   . ALA A 1 166 ? -15.271 1.565   9.066   1.00 36.12 ? 166 ALA A N   1 
ATOM   1096 C CA  . ALA A 1 166 ? -15.077 0.332   9.814   1.00 33.63 ? 166 ALA A CA  1 
ATOM   1097 C C   . ALA A 1 166 ? -13.853 -0.437  9.319   1.00 33.76 ? 166 ALA A C   1 
ATOM   1098 O O   . ALA A 1 166 ? -13.116 -1.028  10.112  1.00 33.50 ? 166 ALA A O   1 
ATOM   1099 C CB  . ALA A 1 166 ? -16.321 -0.533  9.713   1.00 33.20 ? 166 ALA A CB  1 
ATOM   1100 N N   . THR A 1 167 ? -13.647 -0.434  8.005   1.00 32.97 ? 167 THR A N   1 
ATOM   1101 C CA  . THR A 1 167 ? -12.507 -1.118  7.412   1.00 31.13 ? 167 THR A CA  1 
ATOM   1102 C C   . THR A 1 167 ? -11.246 -0.449  7.924   1.00 29.74 ? 167 THR A C   1 
ATOM   1103 O O   . THR A 1 167 ? -10.334 -1.108  8.412   1.00 26.80 ? 167 THR A O   1 
ATOM   1104 C CB  . THR A 1 167 ? -12.516 -1.009  5.874   1.00 32.44 ? 167 THR A CB  1 
ATOM   1105 O OG1 . THR A 1 167 ? -13.578 -1.806  5.346   1.00 30.89 ? 167 THR A OG1 1 
ATOM   1106 C CG2 . THR A 1 167 ? -11.185 -1.484  5.290   1.00 32.95 ? 167 THR A CG2 1 
ATOM   1107 N N   . LYS A 1 168 ? -11.218 0.871   7.800   1.00 30.84 ? 168 LYS A N   1 
ATOM   1108 C CA  . LYS A 1 168 ? -10.099 1.686   8.242   1.00 33.63 ? 168 LYS A CA  1 
ATOM   1109 C C   . LYS A 1 168 ? -9.801  1.435   9.719   1.00 34.17 ? 168 LYS A C   1 
ATOM   1110 O O   . LYS A 1 168 ? -8.644  1.370   10.123  1.00 30.23 ? 168 LYS A O   1 
ATOM   1111 C CB  . LYS A 1 168 ? -10.424 3.163   8.027   1.00 37.50 ? 168 LYS A CB  1 
ATOM   1112 C CG  . LYS A 1 168 ? -9.359  4.119   8.544   1.00 41.29 ? 168 LYS A CG  1 
ATOM   1113 C CD  . LYS A 1 168 ? -9.856  5.561   8.582   1.00 42.60 ? 168 LYS A CD  1 
ATOM   1114 C CE  . LYS A 1 168 ? -10.119 6.111   7.187   1.00 44.89 ? 168 LYS A CE  1 
ATOM   1115 N NZ  . LYS A 1 168 ? -10.486 7.560   7.225   1.00 47.72 ? 168 LYS A NZ  1 
ATOM   1116 N N   . GLY A 1 169 ? -10.856 1.299   10.516  1.00 33.11 ? 169 GLY A N   1 
ATOM   1117 C CA  . GLY A 1 169 ? -10.686 1.058   11.935  1.00 32.74 ? 169 GLY A CA  1 
ATOM   1118 C C   . GLY A 1 169 ? -9.976  -0.252  12.197  1.00 33.09 ? 169 GLY A C   1 
ATOM   1119 O O   . GLY A 1 169 ? -9.124  -0.339  13.083  1.00 31.85 ? 169 GLY A O   1 
ATOM   1120 N N   . ALA A 1 170 ? -10.332 -1.275  11.423  1.00 30.53 ? 170 ALA A N   1 
ATOM   1121 C CA  . ALA A 1 170 ? -9.729  -2.588  11.561  1.00 28.87 ? 170 ALA A CA  1 
ATOM   1122 C C   . ALA A 1 170 ? -8.301  -2.577  11.039  1.00 29.76 ? 170 ALA A C   1 
ATOM   1123 O O   . ALA A 1 170 ? -7.386  -3.087  11.695  1.00 28.07 ? 170 ALA A O   1 
ATOM   1124 C CB  . ALA A 1 170 ? -10.556 -3.631  10.799  1.00 31.53 ? 170 ALA A CB  1 
ATOM   1125 N N   . LEU A 1 171 ? -8.116  -1.992  9.858   1.00 28.21 ? 171 LEU A N   1 
ATOM   1126 C CA  . LEU A 1 171 ? -6.796  -1.915  9.240   1.00 29.72 ? 171 LEU A CA  1 
ATOM   1127 C C   . LEU A 1 171 ? -5.769  -1.187  10.095  1.00 28.32 ? 171 LEU A C   1 
ATOM   1128 O O   . LEU A 1 171 ? -4.622  -1.616  10.190  1.00 28.31 ? 171 LEU A O   1 
ATOM   1129 C CB  . LEU A 1 171 ? -6.883  -1.233  7.874   1.00 29.64 ? 171 LEU A CB  1 
ATOM   1130 C CG  . LEU A 1 171 ? -7.417  -2.091  6.733   1.00 32.30 ? 171 LEU A CG  1 
ATOM   1131 C CD1 . LEU A 1 171 ? -7.467  -1.266  5.439   1.00 33.06 ? 171 LEU A CD1 1 
ATOM   1132 C CD2 . LEU A 1 171 ? -6.509  -3.302  6.563   1.00 33.57 ? 171 LEU A CD2 1 
ATOM   1133 N N   . ASN A 1 172 ? -6.172  -0.082  10.714  1.00 28.78 ? 172 ASN A N   1 
ATOM   1134 C CA  . ASN A 1 172 ? -5.245  0.660   11.550  1.00 28.26 ? 172 ASN A CA  1 
ATOM   1135 C C   . ASN A 1 172 ? -4.704  -0.228  12.668  1.00 30.81 ? 172 ASN A C   1 
ATOM   1136 O O   . ASN A 1 172 ? -3.504  -0.229  12.945  1.00 30.07 ? 172 ASN A O   1 
ATOM   1137 C CB  . ASN A 1 172 ? -5.922  1.897   12.143  1.00 26.69 ? 172 ASN A CB  1 
ATOM   1138 C CG  . ASN A 1 172 ? -6.041  3.033   11.136  1.00 25.06 ? 172 ASN A CG  1 
ATOM   1139 O OD1 . ASN A 1 172 ? -5.498  2.956   10.037  1.00 26.51 ? 172 ASN A OD1 1 
ATOM   1140 N ND2 . ASN A 1 172 ? -6.735  4.097   11.516  1.00 23.04 ? 172 ASN A ND2 1 
ATOM   1141 N N   . GLN A 1 173 ? -5.597  -0.988  13.302  1.00 31.94 ? 173 GLN A N   1 
ATOM   1142 C CA  . GLN A 1 173 ? -5.222  -1.879  14.393  1.00 32.98 ? 173 GLN A CA  1 
ATOM   1143 C C   . GLN A 1 173 ? -4.244  -2.946  13.925  1.00 32.17 ? 173 GLN A C   1 
ATOM   1144 O O   . GLN A 1 173 ? -3.240  -3.211  14.586  1.00 33.33 ? 173 GLN A O   1 
ATOM   1145 C CB  . GLN A 1 173 ? -6.469  -2.543  14.979  1.00 36.94 ? 173 GLN A CB  1 
ATOM   1146 C CG  . GLN A 1 173 ? -7.437  -1.581  15.645  1.00 39.83 ? 173 GLN A CG  1 
ATOM   1147 C CD  . GLN A 1 173 ? -6.979  -1.153  17.030  1.00 45.31 ? 173 GLN A CD  1 
ATOM   1148 O OE1 . GLN A 1 173 ? -6.785  -1.985  17.918  1.00 49.15 ? 173 GLN A OE1 1 
ATOM   1149 N NE2 . GLN A 1 173 ? -6.817  0.147   17.224  1.00 45.61 ? 173 GLN A NE2 1 
ATOM   1150 N N   . LEU A 1 174 ? -4.540  -3.563  12.786  1.00 31.35 ? 174 LEU A N   1 
ATOM   1151 C CA  . LEU A 1 174 ? -3.666  -4.596  12.240  1.00 30.00 ? 174 LEU A CA  1 
ATOM   1152 C C   . LEU A 1 174 ? -2.296  -3.992  11.987  1.00 30.08 ? 174 LEU A C   1 
ATOM   1153 O O   . LEU A 1 174 ? -1.269  -4.604  12.286  1.00 30.35 ? 174 LEU A O   1 
ATOM   1154 C CB  . LEU A 1 174 ? -4.233  -5.152  10.930  1.00 32.48 ? 174 LEU A CB  1 
ATOM   1155 C CG  . LEU A 1 174 ? -3.265  -6.024  10.112  1.00 33.41 ? 174 LEU A CG  1 
ATOM   1156 C CD1 . LEU A 1 174 ? -2.801  -7.224  10.948  1.00 33.84 ? 174 LEU A CD1 1 
ATOM   1157 C CD2 . LEU A 1 174 ? -3.950  -6.505  8.842   1.00 31.57 ? 174 LEU A CD2 1 
ATOM   1158 N N   . ALA A 1 175 ? -2.292  -2.780  11.442  1.00 27.67 ? 175 ALA A N   1 
ATOM   1159 C CA  . ALA A 1 175 ? -1.051  -2.075  11.148  1.00 29.26 ? 175 ALA A CA  1 
ATOM   1160 C C   . ALA A 1 175 ? -0.237  -1.900  12.424  1.00 28.26 ? 175 ALA A C   1 
ATOM   1161 O O   . ALA A 1 175 ? 0.932   -2.268  12.480  1.00 26.74 ? 175 ALA A O   1 
ATOM   1162 C CB  . ALA A 1 175 ? -1.357  -0.711  10.526  1.00 28.76 ? 175 ALA A CB  1 
ATOM   1163 N N   . ARG A 1 176 ? -0.861  -1.346  13.455  1.00 29.22 ? 176 ARG A N   1 
ATOM   1164 C CA  . ARG A 1 176 ? -0.157  -1.137  14.710  1.00 30.55 ? 176 ARG A CA  1 
ATOM   1165 C C   . ARG A 1 176 ? 0.358   -2.445  15.321  1.00 31.23 ? 176 ARG A C   1 
ATOM   1166 O O   . ARG A 1 176 ? 1.408   -2.464  15.955  1.00 29.96 ? 176 ARG A O   1 
ATOM   1167 C CB  . ARG A 1 176 ? -1.055  -0.378  15.690  1.00 30.00 ? 176 ARG A CB  1 
ATOM   1168 C CG  . ARG A 1 176 ? -1.396  1.020   15.177  1.00 32.96 ? 176 ARG A CG  1 
ATOM   1169 C CD  . ARG A 1 176 ? -2.048  1.911   16.224  1.00 37.66 ? 176 ARG A CD  1 
ATOM   1170 N NE  . ARG A 1 176 ? -3.434  2.200   15.890  1.00 39.28 ? 176 ARG A NE  1 
ATOM   1171 C CZ  . ARG A 1 176 ? -4.445  1.371   16.123  1.00 42.44 ? 176 ARG A CZ  1 
ATOM   1172 N NH1 . ARG A 1 176 ? -5.677  1.713   15.774  1.00 41.12 ? 176 ARG A NH1 1 
ATOM   1173 N NH2 . ARG A 1 176 ? -4.226  0.210   16.727  1.00 44.40 ? 176 ARG A NH2 1 
ATOM   1174 N N   . ASN A 1 177 ? -0.362  -3.540  15.099  1.00 33.18 ? 177 ASN A N   1 
ATOM   1175 C CA  . ASN A 1 177 ? 0.043   -4.837  15.635  1.00 33.90 ? 177 ASN A CA  1 
ATOM   1176 C C   . ASN A 1 177 ? 1.282   -5.382  14.924  1.00 35.32 ? 177 ASN A C   1 
ATOM   1177 O O   . ASN A 1 177 ? 2.237   -5.825  15.572  1.00 34.50 ? 177 ASN A O   1 
ATOM   1178 C CB  . ASN A 1 177 ? -1.096  -5.847  15.503  1.00 36.83 ? 177 ASN A CB  1 
ATOM   1179 C CG  . ASN A 1 177 ? -0.763  -7.183  16.136  1.00 40.74 ? 177 ASN A CG  1 
ATOM   1180 O OD1 . ASN A 1 177 ? -1.114  -7.443  17.291  1.00 42.77 ? 177 ASN A OD1 1 
ATOM   1181 N ND2 . ASN A 1 177 ? -0.065  -8.034  15.388  1.00 40.72 ? 177 ASN A ND2 1 
ATOM   1182 N N   . LEU A 1 178 ? 1.261   -5.355  13.593  1.00 31.76 ? 178 LEU A N   1 
ATOM   1183 C CA  . LEU A 1 178 ? 2.383   -5.849  12.808  1.00 33.11 ? 178 LEU A CA  1 
ATOM   1184 C C   . LEU A 1 178 ? 3.650   -5.039  13.044  1.00 32.92 ? 178 LEU A C   1 
ATOM   1185 O O   . LEU A 1 178 ? 4.755   -5.567  12.950  1.00 32.58 ? 178 LEU A O   1 
ATOM   1186 C CB  . LEU A 1 178 ? 2.044   -5.843  11.312  1.00 32.22 ? 178 LEU A CB  1 
ATOM   1187 C CG  . LEU A 1 178 ? 0.970   -6.812  10.812  1.00 33.47 ? 178 LEU A CG  1 
ATOM   1188 C CD1 . LEU A 1 178 ? 1.078   -6.907  9.292   1.00 32.78 ? 178 LEU A CD1 1 
ATOM   1189 C CD2 . LEU A 1 178 ? 1.157   -8.198  11.428  1.00 32.56 ? 178 LEU A CD2 1 
ATOM   1190 N N   . ALA A 1 179 ? 3.487   -3.751  13.337  1.00 32.86 ? 179 ALA A N   1 
ATOM   1191 C CA  . ALA A 1 179 ? 4.625   -2.880  13.597  1.00 32.65 ? 179 ALA A CA  1 
ATOM   1192 C C   . ALA A 1 179 ? 5.370   -3.368  14.839  1.00 33.94 ? 179 ALA A C   1 
ATOM   1193 O O   . ALA A 1 179 ? 6.598   -3.411  14.865  1.00 34.78 ? 179 ALA A O   1 
ATOM   1194 C CB  . ALA A 1 179 ? 4.154   -1.449  13.801  1.00 32.64 ? 179 ALA A CB  1 
ATOM   1195 N N   . CYS A 1 180 ? 4.627   -3.741  15.870  1.00 34.74 ? 180 CYS A N   1 
ATOM   1196 C CA  . CYS A 1 180 ? 5.253   -4.225  17.089  1.00 37.67 ? 180 CYS A CA  1 
ATOM   1197 C C   . CYS A 1 180 ? 5.684   -5.677  16.922  1.00 36.86 ? 180 CYS A C   1 
ATOM   1198 O O   . CYS A 1 180 ? 6.779   -6.060  17.321  1.00 36.84 ? 180 CYS A O   1 
ATOM   1199 C CB  . CYS A 1 180 ? 4.290   -4.090  18.272  1.00 38.54 ? 180 CYS A CB  1 
ATOM   1200 S SG  . CYS A 1 180 ? 3.863   -2.372  18.671  0.80 46.21 ? 180 CYS A SG  1 
ATOM   1201 N N   . GLU A 1 181 ? 4.826   -6.472  16.299  1.00 36.96 ? 181 GLU A N   1 
ATOM   1202 C CA  . GLU A 1 181 ? 5.099   -7.883  16.090  1.00 37.88 ? 181 GLU A CA  1 
ATOM   1203 C C   . GLU A 1 181 ? 6.294   -8.194  15.189  1.00 37.78 ? 181 GLU A C   1 
ATOM   1204 O O   . GLU A 1 181 ? 7.035   -9.149  15.447  1.00 35.56 ? 181 GLU A O   1 
ATOM   1205 C CB  . GLU A 1 181 ? 3.859   -8.566  15.514  1.00 41.38 ? 181 GLU A CB  1 
ATOM   1206 C CG  . GLU A 1 181 ? 3.954   -10.081 15.486  1.00 44.07 ? 181 GLU A CG  1 
ATOM   1207 C CD  . GLU A 1 181 ? 3.801   -10.692 16.864  1.00 44.84 ? 181 GLU A CD  1 
ATOM   1208 O OE1 . GLU A 1 181 ? 4.079   -11.898 17.015  1.00 46.67 ? 181 GLU A OE1 1 
ATOM   1209 O OE2 . GLU A 1 181 ? 3.393   -9.963  17.793  1.00 44.87 ? 181 GLU A OE2 1 
ATOM   1210 N N   . TRP A 1 182 ? 6.495   -7.398  14.142  1.00 35.34 ? 182 TRP A N   1 
ATOM   1211 C CA  . TRP A 1 182 ? 7.589   -7.671  13.216  1.00 34.11 ? 182 TRP A CA  1 
ATOM   1212 C C   . TRP A 1 182 ? 8.810   -6.754  13.269  1.00 32.34 ? 182 TRP A C   1 
ATOM   1213 O O   . TRP A 1 182 ? 9.712   -6.872  12.443  1.00 28.87 ? 182 TRP A O   1 
ATOM   1214 C CB  . TRP A 1 182 ? 7.037   -7.743  11.780  1.00 33.13 ? 182 TRP A CB  1 
ATOM   1215 C CG  . TRP A 1 182 ? 6.073   -8.885  11.593  1.00 33.70 ? 182 TRP A CG  1 
ATOM   1216 C CD1 . TRP A 1 182 ? 5.896   -9.951  12.436  1.00 33.03 ? 182 TRP A CD1 1 
ATOM   1217 C CD2 . TRP A 1 182 ? 5.172   -9.095  10.496  1.00 34.05 ? 182 TRP A CD2 1 
ATOM   1218 N NE1 . TRP A 1 182 ? 4.947   -10.802 11.933  1.00 33.91 ? 182 TRP A NE1 1 
ATOM   1219 C CE2 . TRP A 1 182 ? 4.486   -10.305 10.744  1.00 32.85 ? 182 TRP A CE2 1 
ATOM   1220 C CE3 . TRP A 1 182 ? 4.881   -8.381  9.326   1.00 33.43 ? 182 TRP A CE3 1 
ATOM   1221 C CZ2 . TRP A 1 182 ? 3.524   -10.817 9.867   1.00 34.08 ? 182 TRP A CZ2 1 
ATOM   1222 C CZ3 . TRP A 1 182 ? 3.926   -8.891  8.454   1.00 34.30 ? 182 TRP A CZ3 1 
ATOM   1223 C CH2 . TRP A 1 182 ? 3.258   -10.098 8.730   1.00 31.14 ? 182 TRP A CH2 1 
ATOM   1224 N N   . ALA A 1 183 ? 8.851   -5.856  14.247  1.00 32.26 ? 183 ALA A N   1 
ATOM   1225 C CA  . ALA A 1 183 ? 9.978   -4.945  14.378  1.00 33.12 ? 183 ALA A CA  1 
ATOM   1226 C C   . ALA A 1 183 ? 11.328  -5.675  14.477  1.00 35.14 ? 183 ALA A C   1 
ATOM   1227 O O   . ALA A 1 183 ? 12.320  -5.233  13.901  1.00 34.60 ? 183 ALA A O   1 
ATOM   1228 C CB  . ALA A 1 183 ? 9.782   -4.052  15.598  1.00 34.01 ? 183 ALA A CB  1 
ATOM   1229 N N   . SER A 1 184 ? 11.366  -6.786  15.205  1.00 37.14 ? 184 SER A N   1 
ATOM   1230 C CA  . SER A 1 184 ? 12.614  -7.532  15.369  1.00 39.64 ? 184 SER A CA  1 
ATOM   1231 C C   . SER A 1 184 ? 13.107  -8.143  14.059  1.00 40.17 ? 184 SER A C   1 
ATOM   1232 O O   . SER A 1 184 ? 14.267  -8.546  13.951  1.00 40.64 ? 184 SER A O   1 
ATOM   1233 C CB  . SER A 1 184 ? 12.451  -8.624  16.429  1.00 40.25 ? 184 SER A CB  1 
ATOM   1234 O OG  . SER A 1 184 ? 11.399  -9.509  16.092  1.00 44.84 ? 184 SER A OG  1 
ATOM   1235 N N   . ASP A 1 185 ? 12.226  -8.212  13.065  1.00 38.16 ? 185 ASP A N   1 
ATOM   1236 C CA  . ASP A 1 185 ? 12.606  -8.744  11.766  1.00 37.13 ? 185 ASP A CA  1 
ATOM   1237 C C   . ASP A 1 185 ? 13.046  -7.577  10.893  1.00 36.82 ? 185 ASP A C   1 
ATOM   1238 O O   . ASP A 1 185 ? 13.382  -7.753  9.723   1.00 38.32 ? 185 ASP A O   1 
ATOM   1239 C CB  . ASP A 1 185 ? 11.432  -9.473  11.109  1.00 39.70 ? 185 ASP A CB  1 
ATOM   1240 C CG  . ASP A 1 185 ? 11.074  -10.761 11.820  1.00 40.77 ? 185 ASP A CG  1 
ATOM   1241 O OD1 . ASP A 1 185 ? 11.985  -11.575 12.060  1.00 42.07 ? 185 ASP A OD1 1 
ATOM   1242 O OD2 . ASP A 1 185 ? 9.883   -10.963 12.134  1.00 44.03 ? 185 ASP A OD2 1 
ATOM   1243 N N   . GLY A 1 186 ? 13.039  -6.383  11.479  1.00 34.37 ? 186 GLY A N   1 
ATOM   1244 C CA  . GLY A 1 186 ? 13.432  -5.192  10.747  1.00 34.78 ? 186 GLY A CA  1 
ATOM   1245 C C   . GLY A 1 186 ? 12.318  -4.665  9.856   1.00 34.06 ? 186 GLY A C   1 
ATOM   1246 O O   . GLY A 1 186 ? 12.568  -3.898  8.920   1.00 33.40 ? 186 GLY A O   1 
ATOM   1247 N N   . ILE A 1 187 ? 11.084  -5.071  10.146  1.00 32.34 ? 187 ILE A N   1 
ATOM   1248 C CA  . ILE A 1 187 ? 9.932   -4.638  9.355   1.00 30.70 ? 187 ILE A CA  1 
ATOM   1249 C C   . ILE A 1 187 ? 9.100   -3.558  10.045  1.00 29.23 ? 187 ILE A C   1 
ATOM   1250 O O   . ILE A 1 187 ? 8.637   -3.739  11.170  1.00 30.38 ? 187 ILE A O   1 
ATOM   1251 C CB  . ILE A 1 187 ? 8.961   -5.817  9.023   1.00 31.09 ? 187 ILE A CB  1 
ATOM   1252 C CG1 . ILE A 1 187 ? 9.607   -6.826  8.064   1.00 29.96 ? 187 ILE A CG1 1 
ATOM   1253 C CG2 . ILE A 1 187 ? 7.691   -5.266  8.351   1.00 27.28 ? 187 ILE A CG2 1 
ATOM   1254 C CD1 . ILE A 1 187 ? 10.822  -7.525  8.601   1.00 38.34 ? 187 ILE A CD1 1 
ATOM   1255 N N   . ARG A 1 188 ? 8.914   -2.439  9.353   1.00 28.53 ? 188 ARG A N   1 
ATOM   1256 C CA  . ARG A 1 188 ? 8.097   -1.343  9.862   1.00 28.35 ? 188 ARG A CA  1 
ATOM   1257 C C   . ARG A 1 188 ? 6.742   -1.412  9.160   1.00 27.52 ? 188 ARG A C   1 
ATOM   1258 O O   . ARG A 1 188 ? 6.653   -1.866  8.024   1.00 27.48 ? 188 ARG A O   1 
ATOM   1259 C CB  . ARG A 1 188 ? 8.746   0.005   9.572   1.00 26.02 ? 188 ARG A CB  1 
ATOM   1260 C CG  . ARG A 1 188 ? 9.815   0.420   10.578  1.00 34.56 ? 188 ARG A CG  1 
ATOM   1261 C CD  . ARG A 1 188 ? 11.000  -0.532  10.602  1.00 38.26 ? 188 ARG A CD  1 
ATOM   1262 N NE  . ARG A 1 188 ? 11.915  -0.233  11.705  1.00 47.33 ? 188 ARG A NE  1 
ATOM   1263 C CZ  . ARG A 1 188 ? 11.636  -0.424  12.995  1.00 50.17 ? 188 ARG A CZ  1 
ATOM   1264 N NH1 . ARG A 1 188 ? 12.538  -0.116  13.919  1.00 52.31 ? 188 ARG A NH1 1 
ATOM   1265 N NH2 . ARG A 1 188 ? 10.465  -0.927  13.367  1.00 50.57 ? 188 ARG A NH2 1 
ATOM   1266 N N   . ALA A 1 189 ? 5.694   -0.958  9.838   1.00 26.84 ? 189 ALA A N   1 
ATOM   1267 C CA  . ALA A 1 189 ? 4.361   -0.967  9.255   1.00 26.74 ? 189 ALA A CA  1 
ATOM   1268 C C   . ALA A 1 189 ? 3.609   0.301   9.643   1.00 27.22 ? 189 ALA A C   1 
ATOM   1269 O O   . ALA A 1 189 ? 3.572   0.683   10.816  1.00 24.75 ? 189 ALA A O   1 
ATOM   1270 C CB  . ALA A 1 189 ? 3.594   -2.196  9.719   1.00 28.23 ? 189 ALA A CB  1 
ATOM   1271 N N   . ASN A 1 190 ? 3.022   0.952   8.646   1.00 25.16 ? 190 ASN A N   1 
ATOM   1272 C CA  . ASN A 1 190 ? 2.257   2.173   8.870   1.00 26.47 ? 190 ASN A CA  1 
ATOM   1273 C C   . ASN A 1 190 ? 1.025   2.152   7.962   1.00 26.95 ? 190 ASN A C   1 
ATOM   1274 O O   . ASN A 1 190 ? 1.014   1.495   6.916   1.00 25.15 ? 190 ASN A O   1 
ATOM   1275 C CB  . ASN A 1 190 ? 3.096   3.415   8.537   1.00 26.07 ? 190 ASN A CB  1 
ATOM   1276 C CG  . ASN A 1 190 ? 4.247   3.642   9.509   1.00 23.36 ? 190 ASN A CG  1 
ATOM   1277 O OD1 . ASN A 1 190 ? 4.055   4.130   10.630  1.00 22.29 ? 190 ASN A OD1 1 
ATOM   1278 N ND2 . ASN A 1 190 ? 5.451   3.297   9.078   1.00 21.29 ? 190 ASN A ND2 1 
ATOM   1279 N N   . ALA A 1 191 ? -0.004  2.882   8.370   1.00 25.69 ? 191 ALA A N   1 
ATOM   1280 C CA  . ALA A 1 191 ? -1.229  2.973   7.600   1.00 26.38 ? 191 ALA A CA  1 
ATOM   1281 C C   . ALA A 1 191 ? -1.412  4.432   7.233   1.00 24.52 ? 191 ALA A C   1 
ATOM   1282 O O   . ALA A 1 191 ? -1.095  5.326   8.021   1.00 22.43 ? 191 ALA A O   1 
ATOM   1283 C CB  . ALA A 1 191 ? -2.419  2.473   8.418   1.00 23.15 ? 191 ALA A CB  1 
ATOM   1284 N N   . VAL A 1 192 ? -1.916  4.664   6.029   1.00 24.61 ? 192 VAL A N   1 
ATOM   1285 C CA  . VAL A 1 192 ? -2.131  6.012   5.521   1.00 22.51 ? 192 VAL A CA  1 
ATOM   1286 C C   . VAL A 1 192 ? -3.503  6.077   4.873   1.00 24.91 ? 192 VAL A C   1 
ATOM   1287 O O   . VAL A 1 192 ? -3.911  5.148   4.174   1.00 23.87 ? 192 VAL A O   1 
ATOM   1288 C CB  . VAL A 1 192 ? -1.062  6.376   4.457   1.00 22.08 ? 192 VAL A CB  1 
ATOM   1289 C CG1 . VAL A 1 192 ? -1.344  7.749   3.872   1.00 21.45 ? 192 VAL A CG1 1 
ATOM   1290 C CG2 . VAL A 1 192 ? 0.338   6.338   5.082   1.00 24.09 ? 192 VAL A CG2 1 
ATOM   1291 N N   . ALA A 1 193 ? -4.209  7.175   5.110   1.00 25.10 ? 193 ALA A N   1 
ATOM   1292 C CA  . ALA A 1 193 ? -5.533  7.369   4.528   1.00 27.67 ? 193 ALA A CA  1 
ATOM   1293 C C   . ALA A 1 193 ? -5.607  8.743   3.880   1.00 27.76 ? 193 ALA A C   1 
ATOM   1294 O O   . ALA A 1 193 ? -5.040  9.712   4.388   1.00 28.33 ? 193 ALA A O   1 
ATOM   1295 C CB  . ALA A 1 193 ? -6.608  7.251   5.606   1.00 27.79 ? 193 ALA A CB  1 
ATOM   1296 N N   . PRO A 1 194 ? -6.304  8.846   2.740   1.00 30.13 ? 194 PRO A N   1 
ATOM   1297 C CA  . PRO A 1 194 ? -6.436  10.131  2.053   1.00 27.78 ? 194 PRO A CA  1 
ATOM   1298 C C   . PRO A 1 194 ? -7.422  10.969  2.867   1.00 27.29 ? 194 PRO A C   1 
ATOM   1299 O O   . PRO A 1 194 ? -8.101  10.454  3.761   1.00 24.98 ? 194 PRO A O   1 
ATOM   1300 C CB  . PRO A 1 194 ? -7.023  9.743   0.691   1.00 30.99 ? 194 PRO A CB  1 
ATOM   1301 C CG  . PRO A 1 194 ? -6.839  8.237   0.605   1.00 33.19 ? 194 PRO A CG  1 
ATOM   1302 C CD  . PRO A 1 194 ? -7.033  7.794   2.015   1.00 30.35 ? 194 PRO A CD  1 
ATOM   1303 N N   . ALA A 1 195 ? -7.518  12.249  2.540   1.00 28.41 ? 195 ALA A N   1 
ATOM   1304 C CA  . ALA A 1 195 ? -8.420  13.152  3.242   1.00 31.15 ? 195 ALA A CA  1 
ATOM   1305 C C   . ALA A 1 195 ? -9.903  12.840  3.034   1.00 32.44 ? 195 ALA A C   1 
ATOM   1306 O O   . ALA A 1 195 ? -10.295 12.236  2.035   1.00 31.55 ? 195 ALA A O   1 
ATOM   1307 C CB  . ALA A 1 195 ? -8.146  14.587  2.805   1.00 29.49 ? 195 ALA A CB  1 
ATOM   1308 N N   . VAL A 1 196 ? -10.716 13.247  4.003   1.00 33.32 ? 196 VAL A N   1 
ATOM   1309 C CA  . VAL A 1 196 ? -12.160 13.087  3.915   1.00 36.66 ? 196 VAL A CA  1 
ATOM   1310 C C   . VAL A 1 196 ? -12.606 14.448  3.384   1.00 39.01 ? 196 VAL A C   1 
ATOM   1311 O O   . VAL A 1 196 ? -13.425 14.543  2.475   1.00 39.17 ? 196 VAL A O   1 
ATOM   1312 C CB  . VAL A 1 196 ? -12.795 12.830  5.300   1.00 37.47 ? 196 VAL A CB  1 
ATOM   1313 C CG1 . VAL A 1 196 ? -14.315 12.931  5.200   1.00 34.54 ? 196 VAL A CG1 1 
ATOM   1314 C CG2 . VAL A 1 196 ? -12.396 11.438  5.807   1.00 34.42 ? 196 VAL A CG2 1 
ATOM   1315 N N   . ILE A 1 197 ? -12.024 15.498  3.960   1.00 40.64 ? 197 ILE A N   1 
ATOM   1316 C CA  . ILE A 1 197 ? -12.290 16.870  3.563   1.00 42.09 ? 197 ILE A CA  1 
ATOM   1317 C C   . ILE A 1 197 ? -10.976 17.406  2.986   1.00 42.90 ? 197 ILE A C   1 
ATOM   1318 O O   . ILE A 1 197 ? -9.958  17.483  3.684   1.00 42.97 ? 197 ILE A O   1 
ATOM   1319 C CB  . ILE A 1 197 ? -12.747 17.725  4.777   1.00 44.28 ? 197 ILE A CB  1 
ATOM   1320 C CG1 . ILE A 1 197 ? -13.147 19.124  4.314   1.00 46.05 ? 197 ILE A CG1 1 
ATOM   1321 C CG2 . ILE A 1 197 ? -11.644 17.826  5.805   1.00 45.05 ? 197 ILE A CG2 1 
ATOM   1322 C CD1 . ILE A 1 197 ? -13.696 19.991  5.428   1.00 47.14 ? 197 ILE A CD1 1 
ATOM   1323 N N   . ALA A 1 198 ? -11.001 17.756  1.704   1.00 43.09 ? 198 ALA A N   1 
ATOM   1324 C CA  . ALA A 1 198 ? -9.812  18.245  1.003   1.00 45.12 ? 198 ALA A CA  1 
ATOM   1325 C C   . ALA A 1 198 ? -9.231  19.550  1.538   1.00 44.83 ? 198 ALA A C   1 
ATOM   1326 O O   . ALA A 1 198 ? -9.869  20.189  2.396   1.00 46.20 ? 198 ALA A O   1 
ATOM   1327 C CB  . ALA A 1 198 ? -10.115 18.388  -0.484  1.00 45.45 ? 198 ALA A CB  1 
ATOM   1328 N N   . GLY A 1 224 ? -7.383  19.902  -3.801  1.00 59.12 ? 224 GLY A N   1 
ATOM   1329 C CA  . GLY A 1 224 ? -6.144  19.108  -4.070  1.00 59.84 ? 224 GLY A CA  1 
ATOM   1330 C C   . GLY A 1 224 ? -6.433  17.636  -4.292  1.00 59.42 ? 224 GLY A C   1 
ATOM   1331 O O   . GLY A 1 224 ? -7.266  17.046  -3.601  1.00 60.33 ? 224 GLY A O   1 
ATOM   1332 N N   . GLU A 1 225 ? -5.743  17.036  -5.257  1.00 58.83 ? 225 GLU A N   1 
ATOM   1333 C CA  . GLU A 1 225 ? -5.936  15.622  -5.570  1.00 56.83 ? 225 GLU A CA  1 
ATOM   1334 C C   . GLU A 1 225 ? -5.589  14.722  -4.391  1.00 53.70 ? 225 GLU A C   1 
ATOM   1335 O O   . GLU A 1 225 ? -4.554  14.898  -3.755  1.00 53.51 ? 225 GLU A O   1 
ATOM   1336 C CB  . GLU A 1 225 ? -5.062  15.209  -6.755  1.00 58.69 ? 225 GLU A CB  1 
ATOM   1337 C CG  . GLU A 1 225 ? -5.372  15.901  -8.064  1.00 60.97 ? 225 GLU A CG  1 
ATOM   1338 C CD  . GLU A 1 225 ? -4.426  15.469  -9.166  1.00 62.45 ? 225 GLU A CD  1 
ATOM   1339 O OE1 . GLU A 1 225 ? -4.274  14.244  -9.369  1.00 63.96 ? 225 GLU A OE1 1 
ATOM   1340 O OE2 . GLU A 1 225 ? -3.836  16.350  -9.828  1.00 62.40 ? 225 GLU A OE2 1 
ATOM   1341 N N   . PRO A 1 226 ? -6.453  13.742  -4.089  1.00 50.91 ? 226 PRO A N   1 
ATOM   1342 C CA  . PRO A 1 226 ? -6.196  12.824  -2.977  1.00 48.54 ? 226 PRO A CA  1 
ATOM   1343 C C   . PRO A 1 226 ? -4.970  11.983  -3.310  1.00 46.15 ? 226 PRO A C   1 
ATOM   1344 O O   . PRO A 1 226 ? -4.347  11.383  -2.428  1.00 43.92 ? 226 PRO A O   1 
ATOM   1345 C CB  . PRO A 1 226 ? -7.471  11.987  -2.918  1.00 49.28 ? 226 PRO A CB  1 
ATOM   1346 C CG  . PRO A 1 226 ? -8.519  12.933  -3.449  1.00 50.02 ? 226 PRO A CG  1 
ATOM   1347 C CD  . PRO A 1 226 ? -7.811  13.548  -4.625  1.00 50.16 ? 226 PRO A CD  1 
ATOM   1348 N N   . GLU A 1 227 ? -4.635  11.951  -4.599  1.00 44.02 ? 227 GLU A N   1 
ATOM   1349 C CA  . GLU A 1 227 ? -3.487  11.203  -5.095  1.00 41.42 ? 227 GLU A CA  1 
ATOM   1350 C C   . GLU A 1 227 ? -2.192  11.814  -4.582  1.00 38.08 ? 227 GLU A C   1 
ATOM   1351 O O   . GLU A 1 227 ? -1.146  11.176  -4.626  1.00 35.04 ? 227 GLU A O   1 
ATOM   1352 C CB  . GLU A 1 227 ? -3.450  11.213  -6.627  1.00 43.04 ? 227 GLU A CB  1 
ATOM   1353 C CG  . GLU A 1 227 ? -4.546  10.424  -7.326  1.00 48.70 ? 227 GLU A CG  1 
ATOM   1354 C CD  . GLU A 1 227 ? -5.924  11.014  -7.118  1.00 50.14 ? 227 GLU A CD  1 
ATOM   1355 O OE1 . GLU A 1 227 ? -6.047  12.259  -7.135  1.00 52.36 ? 227 GLU A OE1 1 
ATOM   1356 O OE2 . GLU A 1 227 ? -6.884  10.232  -6.950  1.00 52.99 ? 227 GLU A OE2 1 
ATOM   1357 N N   . GLU A 1 228 ? -2.262  13.055  -4.117  1.00 34.75 ? 228 GLU A N   1 
ATOM   1358 C CA  . GLU A 1 228 ? -1.070  13.735  -3.609  1.00 34.77 ? 228 GLU A CA  1 
ATOM   1359 C C   . GLU A 1 228 ? -0.427  12.991  -2.442  1.00 30.87 ? 228 GLU A C   1 
ATOM   1360 O O   . GLU A 1 228 ? 0.777   13.100  -2.223  1.00 31.44 ? 228 GLU A O   1 
ATOM   1361 C CB  . GLU A 1 228 ? -1.413  15.157  -3.154  1.00 36.91 ? 228 GLU A CB  1 
ATOM   1362 C CG  . GLU A 1 228 ? -1.859  16.085  -4.260  1.00 41.94 ? 228 GLU A CG  1 
ATOM   1363 C CD  . GLU A 1 228 ? -2.217  17.468  -3.742  1.00 45.30 ? 228 GLU A CD  1 
ATOM   1364 O OE1 . GLU A 1 228 ? -1.308  18.186  -3.274  1.00 44.86 ? 228 GLU A OE1 1 
ATOM   1365 O OE2 . GLU A 1 228 ? -3.413  17.834  -3.800  1.00 49.80 ? 228 GLU A OE2 1 
ATOM   1366 N N   . VAL A 1 229 ? -1.232  12.239  -1.696  1.00 31.13 ? 229 VAL A N   1 
ATOM   1367 C CA  . VAL A 1 229 ? -0.736  11.495  -0.542  1.00 28.60 ? 229 VAL A CA  1 
ATOM   1368 C C   . VAL A 1 229 ? 0.371   10.491  -0.893  1.00 27.89 ? 229 VAL A C   1 
ATOM   1369 O O   . VAL A 1 229 ? 1.048   9.967   -0.007  1.00 26.43 ? 229 VAL A O   1 
ATOM   1370 C CB  . VAL A 1 229 ? -1.905  10.765  0.201   1.00 30.57 ? 229 VAL A CB  1 
ATOM   1371 C CG1 . VAL A 1 229 ? -2.426  9.590   -0.628  1.00 27.48 ? 229 VAL A CG1 1 
ATOM   1372 C CG2 . VAL A 1 229 ? -1.439  10.306  1.579   1.00 30.23 ? 229 VAL A CG2 1 
ATOM   1373 N N   . SER A 1 230 ? 0.572   10.236  -2.183  1.00 27.40 ? 230 SER A N   1 
ATOM   1374 C CA  . SER A 1 230 ? 1.608   9.300   -2.613  1.00 25.29 ? 230 SER A CA  1 
ATOM   1375 C C   . SER A 1 230 ? 2.997   9.701   -2.095  1.00 24.10 ? 230 SER A C   1 
ATOM   1376 O O   . SER A 1 230 ? 3.836   8.844   -1.813  1.00 24.70 ? 230 SER A O   1 
ATOM   1377 C CB  . SER A 1 230 ? 1.631   9.195   -4.145  1.00 26.64 ? 230 SER A CB  1 
ATOM   1378 O OG  . SER A 1 230 ? 1.835   10.461  -4.750  1.00 26.19 ? 230 SER A OG  1 
ATOM   1379 N N   . SER A 1 231 ? 3.241   10.999  -1.968  1.00 25.49 ? 231 SER A N   1 
ATOM   1380 C CA  . SER A 1 231 ? 4.534   11.472  -1.476  1.00 24.98 ? 231 SER A CA  1 
ATOM   1381 C C   . SER A 1 231 ? 4.758   11.119  0.008   1.00 23.66 ? 231 SER A C   1 
ATOM   1382 O O   . SER A 1 231 ? 5.891   10.867  0.423   1.00 21.35 ? 231 SER A O   1 
ATOM   1383 C CB  . SER A 1 231 ? 4.674   12.986  -1.697  1.00 24.56 ? 231 SER A CB  1 
ATOM   1384 O OG  . SER A 1 231 ? 3.750   13.725  -0.922  1.00 30.15 ? 231 SER A OG  1 
ATOM   1385 N N   . LEU A 1 232 ? 3.692   11.099  0.810   1.00 23.96 ? 232 LEU A N   1 
ATOM   1386 C CA  . LEU A 1 232 ? 3.851   10.718  2.221   1.00 22.97 ? 232 LEU A CA  1 
ATOM   1387 C C   . LEU A 1 232 ? 4.172   9.226   2.246   1.00 24.07 ? 232 LEU A C   1 
ATOM   1388 O O   . LEU A 1 232 ? 5.003   8.762   3.037   1.00 22.37 ? 232 LEU A O   1 
ATOM   1389 C CB  . LEU A 1 232 ? 2.568   10.979  3.026   1.00 21.18 ? 232 LEU A CB  1 
ATOM   1390 C CG  . LEU A 1 232 ? 2.456   10.322  4.415   1.00 23.14 ? 232 LEU A CG  1 
ATOM   1391 C CD1 . LEU A 1 232 ? 3.585   10.798  5.325   1.00 18.81 ? 232 LEU A CD1 1 
ATOM   1392 C CD2 . LEU A 1 232 ? 1.101   10.660  5.046   1.00 22.25 ? 232 LEU A CD2 1 
ATOM   1393 N N   . VAL A 1 233 ? 3.503   8.473   1.376   1.00 22.19 ? 233 VAL A N   1 
ATOM   1394 C CA  . VAL A 1 233 ? 3.733   7.032   1.290   1.00 21.14 ? 233 VAL A CA  1 
ATOM   1395 C C   . VAL A 1 233 ? 5.213   6.785   0.961   1.00 19.15 ? 233 VAL A C   1 
ATOM   1396 O O   . VAL A 1 233 ? 5.886   5.936   1.572   1.00 19.17 ? 233 VAL A O   1 
ATOM   1397 C CB  . VAL A 1 233 ? 2.832   6.400   0.188   1.00 23.79 ? 233 VAL A CB  1 
ATOM   1398 C CG1 . VAL A 1 233 ? 3.149   4.924   0.026   1.00 24.17 ? 233 VAL A CG1 1 
ATOM   1399 C CG2 . VAL A 1 233 ? 1.357   6.586   0.552   1.00 20.05 ? 233 VAL A CG2 1 
ATOM   1400 N N   . ALA A 1 234 ? 5.722   7.541   -0.001  1.00 18.53 ? 234 ALA A N   1 
ATOM   1401 C CA  . ALA A 1 234 ? 7.112   7.401   -0.408  1.00 20.09 ? 234 ALA A CA  1 
ATOM   1402 C C   . ALA A 1 234 ? 8.042   7.756   0.753   1.00 20.21 ? 234 ALA A C   1 
ATOM   1403 O O   . ALA A 1 234 ? 8.944   6.984   1.087   1.00 22.36 ? 234 ALA A O   1 
ATOM   1404 C CB  . ALA A 1 234 ? 7.397   8.284   -1.631  1.00 19.44 ? 234 ALA A CB  1 
ATOM   1405 N N   . PHE A 1 235 ? 7.808   8.895   1.394   1.00 19.69 ? 235 PHE A N   1 
ATOM   1406 C CA  . PHE A 1 235 ? 8.661   9.294   2.516   1.00 21.40 ? 235 PHE A CA  1 
ATOM   1407 C C   . PHE A 1 235 ? 8.733   8.207   3.583   1.00 23.26 ? 235 PHE A C   1 
ATOM   1408 O O   . PHE A 1 235 ? 9.816   7.843   4.022   1.00 23.16 ? 235 PHE A O   1 
ATOM   1409 C CB  . PHE A 1 235 ? 8.178   10.594  3.167   1.00 20.72 ? 235 PHE A CB  1 
ATOM   1410 C CG  . PHE A 1 235 ? 8.922   10.943  4.439   1.00 22.91 ? 235 PHE A CG  1 
ATOM   1411 C CD1 . PHE A 1 235 ? 8.276   10.903  5.676   1.00 22.91 ? 235 PHE A CD1 1 
ATOM   1412 C CD2 . PHE A 1 235 ? 10.281  11.260  4.403   1.00 24.00 ? 235 PHE A CD2 1 
ATOM   1413 C CE1 . PHE A 1 235 ? 8.975   11.170  6.864   1.00 25.47 ? 235 PHE A CE1 1 
ATOM   1414 C CE2 . PHE A 1 235 ? 10.993  11.531  5.586   1.00 26.85 ? 235 PHE A CE2 1 
ATOM   1415 C CZ  . PHE A 1 235 ? 10.338  11.485  6.817   1.00 25.03 ? 235 PHE A CZ  1 
ATOM   1416 N N   . LEU A 1 236 ? 7.580   7.685   3.990   1.00 23.61 ? 236 LEU A N   1 
ATOM   1417 C CA  . LEU A 1 236 ? 7.550   6.646   5.019   1.00 25.79 ? 236 LEU A CA  1 
ATOM   1418 C C   . LEU A 1 236 ? 8.391   5.411   4.689   1.00 25.17 ? 236 LEU A C   1 
ATOM   1419 O O   . LEU A 1 236 ? 8.807   4.678   5.590   1.00 25.68 ? 236 LEU A O   1 
ATOM   1420 C CB  . LEU A 1 236 ? 6.106   6.217   5.289   1.00 24.69 ? 236 LEU A CB  1 
ATOM   1421 C CG  . LEU A 1 236 ? 5.205   7.286   5.911   1.00 25.77 ? 236 LEU A CG  1 
ATOM   1422 C CD1 . LEU A 1 236 ? 3.756   6.795   5.950   1.00 23.43 ? 236 LEU A CD1 1 
ATOM   1423 C CD2 . LEU A 1 236 ? 5.707   7.620   7.304   1.00 27.85 ? 236 LEU A CD2 1 
ATOM   1424 N N   . CYS A 1 237 ? 8.640   5.176   3.404   1.00 24.94 ? 237 CYS A N   1 
ATOM   1425 C CA  . CYS A 1 237 ? 9.417   4.015   2.992   1.00 24.46 ? 237 CYS A CA  1 
ATOM   1426 C C   . CYS A 1 237 ? 10.907  4.310   2.807   1.00 26.31 ? 237 CYS A C   1 
ATOM   1427 O O   . CYS A 1 237 ? 11.676  3.445   2.390   1.00 26.42 ? 237 CYS A O   1 
ATOM   1428 C CB  . CYS A 1 237 ? 8.827   3.436   1.703   1.00 25.35 ? 237 CYS A CB  1 
ATOM   1429 S SG  . CYS A 1 237 ? 7.123   2.823   1.896   1.00 27.44 ? 237 CYS A SG  1 
ATOM   1430 N N   . MET A 1 238 ? 11.323  5.529   3.122   1.00 25.43 ? 238 MET A N   1 
ATOM   1431 C CA  . MET A 1 238 ? 12.728  5.876   2.971   1.00 26.91 ? 238 MET A CA  1 
ATOM   1432 C C   . MET A 1 238 ? 13.536  5.522   4.202   1.00 26.89 ? 238 MET A C   1 
ATOM   1433 O O   . MET A 1 238 ? 12.998  5.420   5.307   1.00 27.99 ? 238 MET A O   1 
ATOM   1434 C CB  . MET A 1 238 ? 12.885  7.371   2.696   1.00 28.29 ? 238 MET A CB  1 
ATOM   1435 C CG  . MET A 1 238 ? 12.402  7.815   1.326   1.00 26.57 ? 238 MET A CG  1 
ATOM   1436 S SD  . MET A 1 238 ? 12.569  9.582   1.189   1.00 31.41 ? 238 MET A SD  1 
ATOM   1437 C CE  . MET A 1 238 ? 11.994  9.883   -0.492  1.00 31.16 ? 238 MET A CE  1 
ATOM   1438 N N   . PRO A 1 239 ? 14.845  5.307   4.024   1.00 28.90 ? 239 PRO A N   1 
ATOM   1439 C CA  . PRO A 1 239 ? 15.691  4.980   5.173   1.00 28.27 ? 239 PRO A CA  1 
ATOM   1440 C C   . PRO A 1 239 ? 15.599  6.176   6.125   1.00 27.99 ? 239 PRO A C   1 
ATOM   1441 O O   . PRO A 1 239 ? 15.720  6.034   7.333   1.00 28.51 ? 239 PRO A O   1 
ATOM   1442 C CB  . PRO A 1 239 ? 17.078  4.848   4.555   1.00 28.01 ? 239 PRO A CB  1 
ATOM   1443 C CG  . PRO A 1 239 ? 16.780  4.365   3.153   1.00 29.22 ? 239 PRO A CG  1 
ATOM   1444 C CD  . PRO A 1 239 ? 15.596  5.210   2.759   1.00 28.46 ? 239 PRO A CD  1 
ATOM   1445 N N   . ALA A 1 240 ? 15.366  7.358   5.559   1.00 29.04 ? 240 ALA A N   1 
ATOM   1446 C CA  . ALA A 1 240 ? 15.246  8.585   6.352   1.00 29.86 ? 240 ALA A CA  1 
ATOM   1447 C C   . ALA A 1 240 ? 14.123  8.493   7.383   1.00 28.01 ? 240 ALA A C   1 
ATOM   1448 O O   . ALA A 1 240 ? 14.118  9.227   8.372   1.00 27.13 ? 240 ALA A O   1 
ATOM   1449 C CB  . ALA A 1 240 ? 15.006  9.776   5.438   1.00 30.28 ? 240 ALA A CB  1 
ATOM   1450 N N   . ALA A 1 241 ? 13.178  7.588   7.147   1.00 27.95 ? 241 ALA A N   1 
ATOM   1451 C CA  . ALA A 1 241 ? 12.039  7.394   8.051   1.00 28.36 ? 241 ALA A CA  1 
ATOM   1452 C C   . ALA A 1 241 ? 12.055  6.026   8.739   1.00 28.78 ? 241 ALA A C   1 
ATOM   1453 O O   . ALA A 1 241 ? 11.006  5.525   9.145   1.00 27.36 ? 241 ALA A O   1 
ATOM   1454 C CB  . ALA A 1 241 ? 10.742  7.554   7.278   1.00 23.91 ? 241 ALA A CB  1 
ATOM   1455 N N   . SER A 1 242 ? 13.242  5.436   8.883   1.00 28.62 ? 242 SER A N   1 
ATOM   1456 C CA  . SER A 1 242 ? 13.387  4.114   9.500   1.00 29.62 ? 242 SER A CA  1 
ATOM   1457 C C   . SER A 1 242 ? 12.825  3.978   10.917  1.00 28.82 ? 242 SER A C   1 
ATOM   1458 O O   . SER A 1 242 ? 12.451  2.891   11.332  1.00 29.76 ? 242 SER A O   1 
ATOM   1459 C CB  . SER A 1 242 ? 14.861  3.696   9.493   1.00 30.07 ? 242 SER A CB  1 
ATOM   1460 O OG  . SER A 1 242 ? 15.672  4.697   10.075  1.00 33.02 ? 242 SER A OG  1 
ATOM   1461 N N   . TYR A 1 243 ? 12.764  5.079   11.653  1.00 27.36 ? 243 TYR A N   1 
ATOM   1462 C CA  . TYR A 1 243 ? 12.241  5.069   13.012  1.00 27.98 ? 243 TYR A CA  1 
ATOM   1463 C C   . TYR A 1 243 ? 10.724  5.298   13.044  1.00 27.37 ? 243 TYR A C   1 
ATOM   1464 O O   . TYR A 1 243 ? 10.134  5.392   14.115  1.00 29.10 ? 243 TYR A O   1 
ATOM   1465 C CB  . TYR A 1 243 ? 12.910  6.172   13.831  1.00 28.05 ? 243 TYR A CB  1 
ATOM   1466 C CG  . TYR A 1 243 ? 12.739  7.527   13.191  1.00 27.97 ? 243 TYR A CG  1 
ATOM   1467 C CD1 . TYR A 1 243 ? 13.588  7.941   12.164  1.00 29.35 ? 243 TYR A CD1 1 
ATOM   1468 C CD2 . TYR A 1 243 ? 11.674  8.362   13.543  1.00 27.65 ? 243 TYR A CD2 1 
ATOM   1469 C CE1 . TYR A 1 243 ? 13.382  9.142   11.499  1.00 27.94 ? 243 TYR A CE1 1 
ATOM   1470 C CE2 . TYR A 1 243 ? 11.456  9.566   12.883  1.00 27.64 ? 243 TYR A CE2 1 
ATOM   1471 C CZ  . TYR A 1 243 ? 12.312  9.951   11.858  1.00 28.86 ? 243 TYR A CZ  1 
ATOM   1472 O OH  . TYR A 1 243 ? 12.093  11.129  11.176  1.00 26.87 ? 243 TYR A OH  1 
ATOM   1473 N N   . ILE A 1 244 ? 10.092  5.406   11.882  1.00 24.76 ? 244 ILE A N   1 
ATOM   1474 C CA  . ILE A 1 244 ? 8.653   5.652   11.861  1.00 25.11 ? 244 ILE A CA  1 
ATOM   1475 C C   . ILE A 1 244 ? 7.869   4.385   11.583  1.00 23.81 ? 244 ILE A C   1 
ATOM   1476 O O   . ILE A 1 244 ? 7.903   3.842   10.481  1.00 25.38 ? 244 ILE A O   1 
ATOM   1477 C CB  . ILE A 1 244 ? 8.276   6.730   10.820  1.00 23.06 ? 244 ILE A CB  1 
ATOM   1478 C CG1 . ILE A 1 244 ? 9.076   8.008   11.088  1.00 24.81 ? 244 ILE A CG1 1 
ATOM   1479 C CG2 . ILE A 1 244 ? 6.777   7.015   10.897  1.00 25.05 ? 244 ILE A CG2 1 
ATOM   1480 C CD1 . ILE A 1 244 ? 8.757   9.173   10.138  1.00 22.21 ? 244 ILE A CD1 1 
ATOM   1481 N N   . THR A 1 245 ? 7.158   3.921   12.602  1.00 25.12 ? 245 THR A N   1 
ATOM   1482 C CA  . THR A 1 245 ? 6.381   2.703   12.490  1.00 24.48 ? 245 THR A CA  1 
ATOM   1483 C C   . THR A 1 245 ? 5.186   2.762   13.427  1.00 24.93 ? 245 THR A C   1 
ATOM   1484 O O   . THR A 1 245 ? 5.215   3.458   14.440  1.00 24.47 ? 245 THR A O   1 
ATOM   1485 C CB  . THR A 1 245 ? 7.257   1.485   12.847  1.00 25.48 ? 245 THR A CB  1 
ATOM   1486 O OG1 . THR A 1 245 ? 6.573   0.281   12.494  1.00 25.72 ? 245 THR A OG1 1 
ATOM   1487 C CG2 . THR A 1 245 ? 7.578   1.482   14.345  1.00 27.04 ? 245 THR A CG2 1 
ATOM   1488 N N   . GLY A 1 246 ? 4.133   2.035   13.081  1.00 23.19 ? 246 GLY A N   1 
ATOM   1489 C CA  . GLY A 1 246 ? 2.945   2.018   13.911  1.00 25.31 ? 246 GLY A CA  1 
ATOM   1490 C C   . GLY A 1 246 ? 2.073   3.253   13.780  1.00 25.13 ? 246 GLY A C   1 
ATOM   1491 O O   . GLY A 1 246 ? 1.149   3.448   14.570  1.00 23.06 ? 246 GLY A O   1 
ATOM   1492 N N   . GLN A 1 247 ? 2.353   4.085   12.783  1.00 23.88 ? 247 GLN A N   1 
ATOM   1493 C CA  . GLN A 1 247 ? 1.573   5.302   12.586  1.00 24.36 ? 247 GLN A CA  1 
ATOM   1494 C C   . GLN A 1 247 ? 0.334   5.067   11.736  1.00 24.36 ? 247 GLN A C   1 
ATOM   1495 O O   . GLN A 1 247 ? 0.350   4.255   10.817  1.00 23.93 ? 247 GLN A O   1 
ATOM   1496 C CB  . GLN A 1 247 ? 2.429   6.391   11.922  1.00 27.05 ? 247 GLN A CB  1 
ATOM   1497 C CG  . GLN A 1 247 ? 3.692   6.765   12.678  1.00 30.67 ? 247 GLN A CG  1 
ATOM   1498 C CD  . GLN A 1 247 ? 3.412   7.328   14.058  1.00 36.93 ? 247 GLN A CD  1 
ATOM   1499 O OE1 . GLN A 1 247 ? 2.611   8.251   14.217  1.00 36.92 ? 247 GLN A OE1 1 
ATOM   1500 N NE2 . GLN A 1 247 ? 4.078   6.775   15.067  1.00 40.70 ? 247 GLN A NE2 1 
ATOM   1501 N N   . THR A 1 248 ? -0.739  5.791   12.051  1.00 24.48 ? 248 THR A N   1 
ATOM   1502 C CA  . THR A 1 248 ? -1.995  5.703   11.310  1.00 24.09 ? 248 THR A CA  1 
ATOM   1503 C C   . THR A 1 248 ? -2.357  7.154   10.993  1.00 24.93 ? 248 THR A C   1 
ATOM   1504 O O   . THR A 1 248 ? -3.010  7.836   11.780  1.00 24.53 ? 248 THR A O   1 
ATOM   1505 C CB  . THR A 1 248 ? -3.107  5.042   12.153  1.00 24.09 ? 248 THR A CB  1 
ATOM   1506 O OG1 . THR A 1 248 ? -3.242  5.729   13.400  1.00 23.75 ? 248 THR A OG1 1 
ATOM   1507 C CG2 . THR A 1 248 ? -2.781  3.571   12.399  1.00 25.40 ? 248 THR A CG2 1 
ATOM   1508 N N   . ILE A 1 249 ? -1.910  7.607   9.830   1.00 23.30 ? 249 ILE A N   1 
ATOM   1509 C CA  . ILE A 1 249 ? -2.079  8.989   9.409   1.00 25.36 ? 249 ILE A CA  1 
ATOM   1510 C C   . ILE A 1 249 ? -3.149  9.262   8.358   1.00 24.36 ? 249 ILE A C   1 
ATOM   1511 O O   . ILE A 1 249 ? -3.175  8.635   7.307   1.00 24.99 ? 249 ILE A O   1 
ATOM   1512 C CB  . ILE A 1 249 ? -0.731  9.524   8.878   1.00 25.46 ? 249 ILE A CB  1 
ATOM   1513 C CG1 . ILE A 1 249 ? 0.363   9.278   9.920   1.00 27.11 ? 249 ILE A CG1 1 
ATOM   1514 C CG2 . ILE A 1 249 ? -0.837  11.012  8.554   1.00 24.68 ? 249 ILE A CG2 1 
ATOM   1515 C CD1 . ILE A 1 249 ? 1.755   9.704   9.471   1.00 29.54 ? 249 ILE A CD1 1 
ATOM   1516 N N   . CYS A 1 250 ? -4.028  10.206  8.662   1.00 25.15 ? 250 CYS A N   1 
ATOM   1517 C CA  . CYS A 1 250 ? -5.070  10.619  7.734   1.00 26.61 ? 250 CYS A CA  1 
ATOM   1518 C C   . CYS A 1 250 ? -4.768  12.083  7.410   1.00 26.03 ? 250 CYS A C   1 
ATOM   1519 O O   . CYS A 1 250 ? -4.849  12.945  8.282   1.00 25.90 ? 250 CYS A O   1 
ATOM   1520 C CB  . CYS A 1 250 ? -6.457  10.498  8.371   1.00 27.61 ? 250 CYS A CB  1 
ATOM   1521 S SG  . CYS A 1 250 ? -7.790  11.095  7.288   1.00 29.62 ? 250 CYS A SG  1 
ATOM   1522 N N   . VAL A 1 251 ? -4.394  12.354  6.166   1.00 27.05 ? 251 VAL A N   1 
ATOM   1523 C CA  . VAL A 1 251 ? -4.058  13.714  5.755   1.00 29.17 ? 251 VAL A CA  1 
ATOM   1524 C C   . VAL A 1 251 ? -5.298  14.534  5.418   1.00 31.00 ? 251 VAL A C   1 
ATOM   1525 O O   . VAL A 1 251 ? -5.420  15.094  4.332   1.00 33.03 ? 251 VAL A O   1 
ATOM   1526 C CB  . VAL A 1 251 ? -3.082  13.707  4.544   1.00 29.09 ? 251 VAL A CB  1 
ATOM   1527 C CG1 . VAL A 1 251 ? -1.721  13.177  4.978   1.00 28.25 ? 251 VAL A CG1 1 
ATOM   1528 C CG2 . VAL A 1 251 ? -3.643  12.851  3.412   1.00 27.79 ? 251 VAL A CG2 1 
ATOM   1529 N N   . ASP A 1 252 ? -6.215  14.604  6.374   1.00 32.49 ? 252 ASP A N   1 
ATOM   1530 C CA  . ASP A 1 252 ? -7.448  15.345  6.207   1.00 35.37 ? 252 ASP A CA  1 
ATOM   1531 C C   . ASP A 1 252 ? -7.257  16.852  6.354   1.00 35.54 ? 252 ASP A C   1 
ATOM   1532 O O   . ASP A 1 252 ? -6.342  17.315  7.041   1.00 35.30 ? 252 ASP A O   1 
ATOM   1533 C CB  . ASP A 1 252 ? -8.484  14.882  7.231   1.00 34.73 ? 252 ASP A CB  1 
ATOM   1534 C CG  . ASP A 1 252 ? -9.863  15.425  6.936   1.00 35.86 ? 252 ASP A CG  1 
ATOM   1535 O OD1 . ASP A 1 252 ? -10.374 15.120  5.840   1.00 36.42 ? 252 ASP A OD1 1 
ATOM   1536 O OD2 . ASP A 1 252 ? -10.429 16.154  7.782   1.00 34.38 ? 252 ASP A OD2 1 
ATOM   1537 N N   . GLY A 1 253 ? -8.135  17.611  5.708   1.00 36.96 ? 253 GLY A N   1 
ATOM   1538 C CA  . GLY A 1 253 ? -8.068  19.055  5.798   1.00 40.62 ? 253 GLY A CA  1 
ATOM   1539 C C   . GLY A 1 253 ? -8.331  19.470  7.231   1.00 43.15 ? 253 GLY A C   1 
ATOM   1540 O O   . GLY A 1 253 ? -7.747  20.431  7.728   1.00 43.61 ? 253 GLY A O   1 
ATOM   1541 N N   . GLY A 1 254 ? -9.210  18.728  7.900   1.00 45.98 ? 254 GLY A N   1 
ATOM   1542 C CA  . GLY A 1 254 ? -9.541  19.027  9.280   1.00 48.37 ? 254 GLY A CA  1 
ATOM   1543 C C   . GLY A 1 254 ? -10.453 20.232  9.387   1.00 49.85 ? 254 GLY A C   1 
ATOM   1544 O O   . GLY A 1 254 ? -10.630 20.973  8.423   1.00 49.83 ? 254 GLY A O   1 
ATOM   1545 N N   . LEU A 1 255 ? -11.046 20.425  10.560  1.00 51.98 ? 255 LEU A N   1 
ATOM   1546 C CA  . LEU A 1 255 ? -11.936 21.557  10.774  1.00 53.21 ? 255 LEU A CA  1 
ATOM   1547 C C   . LEU A 1 255 ? -12.044 21.946  12.238  1.00 52.85 ? 255 LEU A C   1 
ATOM   1548 O O   . LEU A 1 255 ? -11.911 21.108  13.130  1.00 51.53 ? 255 LEU A O   1 
ATOM   1549 C CB  . LEU A 1 255 ? -13.337 21.260  10.231  1.00 55.70 ? 255 LEU A CB  1 
ATOM   1550 C CG  . LEU A 1 255 ? -14.074 20.025  10.757  1.00 57.64 ? 255 LEU A CG  1 
ATOM   1551 C CD1 . LEU A 1 255 ? -15.578 20.234  10.645  1.00 58.13 ? 255 LEU A CD1 1 
ATOM   1552 C CD2 . LEU A 1 255 ? -13.634 18.800  9.976   1.00 57.38 ? 255 LEU A CD2 1 
ATOM   1553 N N   . THR A 1 256 ? -12.285 23.231  12.471  1.00 52.61 ? 256 THR A N   1 
ATOM   1554 C CA  . THR A 1 256 ? -12.432 23.757  13.819  1.00 52.56 ? 256 THR A CA  1 
ATOM   1555 C C   . THR A 1 256 ? -13.805 24.393  13.965  1.00 52.02 ? 256 THR A C   1 
ATOM   1556 O O   . THR A 1 256 ? -14.273 25.088  13.062  1.00 50.99 ? 256 THR A O   1 
ATOM   1557 C CB  . THR A 1 256 ? -11.381 24.840  14.131  1.00 52.78 ? 256 THR A CB  1 
ATOM   1558 O OG1 . THR A 1 256 ? -11.425 25.852  13.115  1.00 54.23 ? 256 THR A OG1 1 
ATOM   1559 C CG2 . THR A 1 256 ? -9.985  24.237  14.201  1.00 53.50 ? 256 THR A CG2 1 
ATOM   1560 N N   . VAL A 1 257 ? -14.444 24.142  15.103  1.00 51.00 ? 257 VAL A N   1 
ATOM   1561 C CA  . VAL A 1 257 ? -15.753 24.710  15.398  1.00 50.21 ? 257 VAL A CA  1 
ATOM   1562 C C   . VAL A 1 257 ? -15.654 25.503  16.691  1.00 50.60 ? 257 VAL A C   1 
ATOM   1563 O O   . VAL A 1 257 ? -15.207 24.984  17.710  1.00 51.03 ? 257 VAL A O   1 
ATOM   1564 C CB  . VAL A 1 257 ? -16.831 23.626  15.578  1.00 48.39 ? 257 VAL A CB  1 
ATOM   1565 C CG1 . VAL A 1 257 ? -18.154 24.279  15.956  1.00 47.76 ? 257 VAL A CG1 1 
ATOM   1566 C CG2 . VAL A 1 257 ? -16.988 22.828  14.297  1.00 48.19 ? 257 VAL A CG2 1 
ATOM   1567 N N   . ASN A 1 258 ? -16.070 26.764  16.642  1.00 49.69 ? 258 ASN A N   1 
ATOM   1568 C CA  . ASN A 1 258 ? -16.025 27.620  17.815  1.00 50.96 ? 258 ASN A CA  1 
ATOM   1569 C C   . ASN A 1 258 ? -14.633 27.582  18.429  1.00 50.43 ? 258 ASN A C   1 
ATOM   1570 O O   . ASN A 1 258 ? -14.465 27.811  19.628  1.00 51.13 ? 258 ASN A O   1 
ATOM   1571 C CB  . ASN A 1 258 ? -17.064 27.159  18.840  1.00 52.32 ? 258 ASN A CB  1 
ATOM   1572 C CG  . ASN A 1 258 ? -18.481 27.213  18.298  1.00 54.97 ? 258 ASN A CG  1 
ATOM   1573 O OD1 . ASN A 1 258 ? -19.429 26.784  18.961  1.00 56.09 ? 258 ASN A OD1 1 
ATOM   1574 N ND2 . ASN A 1 258 ? -18.635 27.748  17.088  1.00 52.03 ? 258 ASN A ND2 1 
ATOM   1575 N N   . GLY A 1 259 ? -13.639 27.280  17.597  1.00 49.34 ? 259 GLY A N   1 
ATOM   1576 C CA  . GLY A 1 259 ? -12.268 27.222  18.067  1.00 47.81 ? 259 GLY A CA  1 
ATOM   1577 C C   . GLY A 1 259 ? -11.795 25.835  18.450  1.00 46.26 ? 259 GLY A C   1 
ATOM   1578 O O   . GLY A 1 259 ? -10.607 25.634  18.693  1.00 47.25 ? 259 GLY A O   1 
ATOM   1579 N N   . PHE A 1 260 ? -12.714 24.877  18.514  1.00 45.43 ? 260 PHE A N   1 
ATOM   1580 C CA  . PHE A 1 260 ? -12.361 23.504  18.871  1.00 44.86 ? 260 PHE A CA  1 
ATOM   1581 C C   . PHE A 1 260 ? -12.155 22.673  17.609  1.00 43.79 ? 260 PHE A C   1 
ATOM   1582 O O   . PHE A 1 260 ? -13.019 22.637  16.741  1.00 43.30 ? 260 PHE A O   1 
ATOM   1583 C CB  . PHE A 1 260 ? -13.466 22.866  19.718  1.00 45.19 ? 260 PHE A CB  1 
ATOM   1584 C CG  . PHE A 1 260 ? -13.856 23.673  20.920  1.00 45.14 ? 260 PHE A CG  1 
ATOM   1585 C CD1 . PHE A 1 260 ? -14.775 24.709  20.810  1.00 45.79 ? 260 PHE A CD1 1 
ATOM   1586 C CD2 . PHE A 1 260 ? -13.299 23.398  22.165  1.00 45.68 ? 260 PHE A CD2 1 
ATOM   1587 C CE1 . PHE A 1 260 ? -15.138 25.459  21.924  1.00 45.60 ? 260 PHE A CE1 1 
ATOM   1588 C CE2 . PHE A 1 260 ? -13.654 24.143  23.285  1.00 46.51 ? 260 PHE A CE2 1 
ATOM   1589 C CZ  . PHE A 1 260 ? -14.576 25.176  23.165  1.00 45.95 ? 260 PHE A CZ  1 
ATOM   1590 N N   . SER A 1 261 ? -11.013 21.998  17.518  1.00 43.72 ? 261 SER A N   1 
ATOM   1591 C CA  . SER A 1 261 ? -10.706 21.187  16.345  1.00 44.60 ? 261 SER A CA  1 
ATOM   1592 C C   . SER A 1 261 ? -11.417 19.836  16.330  1.00 42.90 ? 261 SER A C   1 
ATOM   1593 O O   . SER A 1 261 ? -11.693 19.251  17.374  1.00 43.09 ? 261 SER A O   1 
ATOM   1594 C CB  . SER A 1 261 ? -9.196  20.962  16.234  1.00 45.64 ? 261 SER A CB  1 
ATOM   1595 O OG  . SER A 1 261 ? -8.883  20.192  15.080  1.00 47.75 ? 261 SER A OG  1 
ATOM   1596 N N   . TYR A 1 262 ? -11.699 19.357  15.124  1.00 41.29 ? 262 TYR A N   1 
ATOM   1597 C CA  . TYR A 1 262 ? -12.364 18.077  14.894  1.00 41.44 ? 262 TYR A CA  1 
ATOM   1598 C C   . TYR A 1 262 ? -11.643 17.370  13.752  1.00 41.36 ? 262 TYR A C   1 
ATOM   1599 O O   . TYR A 1 262 ? -11.345 17.983  12.731  1.00 41.03 ? 262 TYR A O   1 
ATOM   1600 C CB  . TYR A 1 262 ? -13.815 18.293  14.461  1.00 39.51 ? 262 TYR A CB  1 
ATOM   1601 C CG  . TYR A 1 262 ? -14.829 18.481  15.561  1.00 38.06 ? 262 TYR A CG  1 
ATOM   1602 C CD1 . TYR A 1 262 ? -15.646 17.427  15.962  1.00 37.40 ? 262 TYR A CD1 1 
ATOM   1603 C CD2 . TYR A 1 262 ? -15.030 19.731  16.145  1.00 37.82 ? 262 TYR A CD2 1 
ATOM   1604 C CE1 . TYR A 1 262 ? -16.649 17.613  16.909  1.00 38.75 ? 262 TYR A CE1 1 
ATOM   1605 C CE2 . TYR A 1 262 ? -16.027 19.928  17.092  1.00 39.22 ? 262 TYR A CE2 1 
ATOM   1606 C CZ  . TYR A 1 262 ? -16.835 18.867  17.467  1.00 37.80 ? 262 TYR A CZ  1 
ATOM   1607 O OH  . TYR A 1 262 ? -17.843 19.067  18.378  1.00 40.40 ? 262 TYR A OH  1 
ATOM   1608 N N   . GLN A 1 263 ? -11.367 16.083  13.911  1.00 42.89 ? 263 GLN A N   1 
ATOM   1609 C CA  . GLN A 1 263 ? -10.715 15.340  12.841  1.00 44.13 ? 263 GLN A CA  1 
ATOM   1610 C C   . GLN A 1 263 ? -11.298 13.940  12.727  1.00 43.00 ? 263 GLN A C   1 
ATOM   1611 O O   . GLN A 1 263 ? -11.956 13.460  13.650  1.00 38.31 ? 263 GLN A O   1 
ATOM   1612 C CB  . GLN A 1 263 ? -9.196  15.306  13.047  1.00 46.69 ? 263 GLN A CB  1 
ATOM   1613 C CG  . GLN A 1 263 ? -8.555  16.675  12.813  1.00 50.02 ? 263 GLN A CG  1 
ATOM   1614 C CD  . GLN A 1 263 ? -7.076  16.604  12.483  1.00 53.40 ? 263 GLN A CD  1 
ATOM   1615 O OE1 . GLN A 1 263 ? -6.659  15.851  11.599  1.00 53.81 ? 263 GLN A OE1 1 
ATOM   1616 N NE2 . GLN A 1 263 ? -6.277  17.407  13.181  1.00 54.53 ? 263 GLN A NE2 1 
ATOM   1617 N N   . PRO A 1 264 ? -11.086 13.279  11.575  1.00 44.25 ? 264 PRO A N   1 
ATOM   1618 C CA  . PRO A 1 264 ? -11.602 11.927  11.338  1.00 46.53 ? 264 PRO A CA  1 
ATOM   1619 C C   . PRO A 1 264 ? -11.146 10.946  12.409  1.00 48.09 ? 264 PRO A C   1 
ATOM   1620 O O   . PRO A 1 264 ? -9.969  10.906  12.759  1.00 48.65 ? 264 PRO A O   1 
ATOM   1621 C CB  . PRO A 1 264 ? -11.035 11.573  9.962   1.00 46.68 ? 264 PRO A CB  1 
ATOM   1622 C CG  . PRO A 1 264 ? -10.836 12.910  9.311   1.00 45.65 ? 264 PRO A CG  1 
ATOM   1623 C CD  . PRO A 1 264 ? -10.267 13.724  10.434  1.00 44.21 ? 264 PRO A CD  1 
ATOM   1624 N N   . GLN A 1 265 ? -12.085 10.161  12.924  1.00 49.88 ? 265 GLN A N   1 
ATOM   1625 C CA  . GLN A 1 265 ? -11.775 9.171   13.950  1.00 52.40 ? 265 GLN A CA  1 
ATOM   1626 C C   . GLN A 1 265 ? -11.273 7.862   13.342  1.00 52.94 ? 265 GLN A C   1 
ATOM   1627 O O   . GLN A 1 265 ? -10.322 7.279   13.907  1.00 53.41 ? 265 GLN A O   1 
ATOM   1628 C CB  . GLN A 1 265 ? -13.008 8.921   14.822  1.00 53.90 ? 265 GLN A CB  1 
ATOM   1629 C CG  . GLN A 1 265 ? -13.321 10.090  15.748  1.00 58.10 ? 265 GLN A CG  1 
ATOM   1630 C CD  . GLN A 1 265 ? -14.652 9.949   16.455  1.00 60.44 ? 265 GLN A CD  1 
ATOM   1631 O OE1 . GLN A 1 265 ? -15.708 9.975   15.824  1.00 63.48 ? 265 GLN A OE1 1 
ATOM   1632 N NE2 . GLN A 1 265 ? -14.607 9.800   17.774  1.00 61.74 ? 265 GLN A NE2 1 
HETATM 1633 O O   . HOH B 2 .   ? 9.374   3.499   8.050   1.00 25.62 ? 300 HOH A O   1 
HETATM 1634 O O   . HOH B 2 .   ? 1.590   9.911   15.954  1.00 30.12 ? 301 HOH A O   1 
HETATM 1635 O O   . HOH B 2 .   ? 15.814  7.786   -5.109  1.00 34.76 ? 302 HOH A O   1 
HETATM 1636 O O   . HOH B 2 .   ? 8.549   11.220  -7.224  1.00 54.06 ? 303 HOH A O   1 
HETATM 1637 O O   . HOH B 2 .   ? 9.821   -4.509  -11.587 1.00 34.02 ? 304 HOH A O   1 
HETATM 1638 O O   . HOH B 2 .   ? -2.240  -17.127 7.515   1.00 35.23 ? 305 HOH A O   1 
HETATM 1639 O O   . HOH B 2 .   ? 3.746   7.942   -21.103 1.00 41.57 ? 306 HOH A O   1 
HETATM 1640 O O   . HOH B 2 .   ? 5.643   -6.661  -16.876 1.00 34.37 ? 307 HOH A O   1 
HETATM 1641 O O   . HOH B 2 .   ? 0.426   -12.431 -15.391 1.00 47.82 ? 308 HOH A O   1 
HETATM 1642 O O   . HOH B 2 .   ? -7.109  -12.974 -12.687 1.00 50.05 ? 309 HOH A O   1 
HETATM 1643 O O   . HOH B 2 .   ? 12.117  -0.608  2.781   1.00 29.25 ? 310 HOH A O   1 
HETATM 1644 O O   . HOH B 2 .   ? 10.744  -14.237 11.778  1.00 39.90 ? 311 HOH A O   1 
HETATM 1645 O O   . HOH B 2 .   ? 13.420  -14.620 5.092   1.00 33.09 ? 312 HOH A O   1 
HETATM 1646 O O   . HOH B 2 .   ? 6.117   1.441   6.749   1.00 26.42 ? 313 HOH A O   1 
HETATM 1647 O O   . HOH B 2 .   ? 7.996   -2.013  13.300  1.00 30.89 ? 314 HOH A O   1 
HETATM 1648 O O   . HOH B 2 .   ? -5.767  13.184  0.419   1.00 30.51 ? 315 HOH A O   1 
HETATM 1649 O O   . HOH B 2 .   ? 0.596   12.098  -6.887  1.00 37.78 ? 316 HOH A O   1 
HETATM 1650 O O   . HOH B 2 .   ? -0.168  7.592   14.131  1.00 36.25 ? 317 HOH A O   1 
HETATM 1651 O O   . HOH B 2 .   ? 14.568  4.073   -13.076 0.50 32.89 ? 318 HOH A O   1 
HETATM 1652 O O   . HOH B 2 .   ? 15.646  10.561  -11.662 1.00 69.99 ? 319 HOH A O   1 
HETATM 1653 O O   . HOH B 2 .   ? 16.014  8.133   -9.248  1.00 49.66 ? 320 HOH A O   1 
HETATM 1654 O O   . HOH B 2 .   ? -5.983  -13.208 -22.470 1.00 77.00 ? 321 HOH A O   1 
HETATM 1655 O O   . HOH B 2 .   ? 11.694  3.462   6.429   1.00 34.19 ? 322 HOH A O   1 
HETATM 1656 O O   . HOH B 2 .   ? 14.896  1.580   4.857   1.00 47.27 ? 323 HOH A O   1 
HETATM 1657 O O   . HOH B 2 .   ? 13.723  1.615   2.566   1.00 38.32 ? 324 HOH A O   1 
HETATM 1658 O O   . HOH B 2 .   ? -21.571 2.995   3.117   1.00 31.86 ? 325 HOH A O   1 
HETATM 1659 O O   . HOH B 2 .   ? -7.719  -3.916  -9.718  1.00 40.63 ? 326 HOH A O   1 
HETATM 1660 O O   . HOH B 2 .   ? -16.080 27.284  14.049  1.00 30.32 ? 327 HOH A O   1 
HETATM 1661 O O   . HOH B 2 .   ? -5.436  17.142  2.497   1.00 35.23 ? 328 HOH A O   1 
HETATM 1662 O O   . HOH B 2 .   ? -8.392  3.962   0.804   1.00 50.13 ? 329 HOH A O   1 
HETATM 1663 O O   . HOH B 2 .   ? -8.252  1.461   15.026  1.00 39.13 ? 330 HOH A O   1 
HETATM 1664 O O   . HOH B 2 .   ? -9.900  8.725   3.949   1.00 40.28 ? 331 HOH A O   1 
HETATM 1665 O O   . HOH B 2 .   ? -27.606 -9.256  1.210   1.00 48.84 ? 332 HOH A O   1 
HETATM 1666 O O   . HOH B 2 .   ? -3.538  17.137  6.568   1.00 29.75 ? 333 HOH A O   1 
HETATM 1667 O O   . HOH B 2 .   ? 2.331   10.582  -8.286  1.00 32.52 ? 334 HOH A O   1 
HETATM 1668 O O   . HOH B 2 .   ? -15.097 27.048  10.622  1.00 53.92 ? 335 HOH A O   1 
HETATM 1669 O O   . HOH B 2 .   ? -6.016  17.902  10.043  1.00 46.41 ? 336 HOH A O   1 
HETATM 1670 O O   . HOH B 2 .   ? 4.125   -17.379 -9.949  1.00 52.78 ? 337 HOH A O   1 
HETATM 1671 O O   . HOH B 2 .   ? 14.661  14.005  -1.747  0.50 27.27 ? 338 HOH A O   1 
HETATM 1672 O O   . HOH B 2 .   ? -17.389 25.480  10.605  1.00 44.28 ? 339 HOH A O   1 
HETATM 1673 O O   . HOH B 2 .   ? -5.203  5.201   8.325   1.00 37.15 ? 340 HOH A O   1 
HETATM 1674 O O   . HOH B 2 .   ? -22.350 8.227   1.521   1.00 49.56 ? 341 HOH A O   1 
HETATM 1675 O O   . HOH B 2 .   ? -8.649  2.173   -19.867 1.00 39.98 ? 342 HOH A O   1 
HETATM 1676 O O   . HOH B 2 .   ? -1.617  9.076   -11.062 1.00 47.19 ? 343 HOH A O   1 
HETATM 1677 O O   . HOH B 2 .   ? -12.852 26.153  9.010   1.00 36.53 ? 344 HOH A O   1 
HETATM 1678 O O   . HOH B 2 .   ? -8.687  4.019   13.472  1.00 56.70 ? 345 HOH A O   1 
HETATM 1679 O O   . HOH B 2 .   ? -14.324 -1.781  0.781   1.00 41.00 ? 346 HOH A O   1 
HETATM 1680 O O   . HOH B 2 .   ? -9.980  -16.743 -1.588  1.00 38.54 ? 347 HOH A O   1 
HETATM 1681 O O   . HOH B 2 .   ? 5.808   -16.593 -1.089  1.00 55.10 ? 348 HOH A O   1 
HETATM 1682 O O   . HOH B 2 .   ? 22.681  9.685   3.766   1.00 45.25 ? 349 HOH A O   1 
HETATM 1683 O O   . HOH B 2 .   ? -6.349  6.892   9.740   1.00 32.97 ? 350 HOH A O   1 
HETATM 1684 O O   . HOH B 2 .   ? -23.357 5.617   2.967   1.00 54.71 ? 351 HOH A O   1 
HETATM 1685 O O   . HOH B 2 .   ? 13.346  -17.224 -4.038  1.00 47.45 ? 352 HOH A O   1 
HETATM 1686 O O   . HOH B 2 .   ? 16.601  -7.679  -4.940  1.00 44.34 ? 353 HOH A O   1 
HETATM 1687 O O   . HOH B 2 .   ? -5.892  -3.353  -4.918  1.00 49.27 ? 354 HOH A O   1 
HETATM 1688 O O   . HOH B 2 .   ? 1.772   17.645  -2.866  1.00 53.02 ? 355 HOH A O   1 
HETATM 1689 O O   . HOH B 2 .   ? -17.296 23.034  8.742   1.00 46.61 ? 356 HOH A O   1 
# 
loop_
_pdbx_poly_seq_scheme.asym_id 
_pdbx_poly_seq_scheme.entity_id 
_pdbx_poly_seq_scheme.seq_id 
_pdbx_poly_seq_scheme.mon_id 
_pdbx_poly_seq_scheme.ndb_seq_num 
_pdbx_poly_seq_scheme.pdb_seq_num 
_pdbx_poly_seq_scheme.auth_seq_num 
_pdbx_poly_seq_scheme.pdb_mon_id 
_pdbx_poly_seq_scheme.auth_mon_id 
_pdbx_poly_seq_scheme.pdb_strand_id 
_pdbx_poly_seq_scheme.pdb_ins_code 
_pdbx_poly_seq_scheme.hetero 
A 1 1   MET 1   1   ?   ?   ?   A . n 
A 1 2   ALA 2   2   ?   ?   ?   A . n 
A 1 3   GLY 3   3   ?   ?   ?   A . n 
A 1 4   ALA 4   4   ?   ?   ?   A . n 
A 1 5   GLU 5   5   ?   ?   ?   A . n 
A 1 6   GLN 6   6   ?   ?   ?   A . n 
A 1 7   SER 7   7   7   SER SER A . n 
A 1 8   GLN 8   8   8   GLN GLN A . n 
A 1 9   ARG 9   9   9   ARG ARG A . n 
A 1 10  TRP 10  10  10  TRP TRP A . n 
A 1 11  SER 11  11  11  SER SER A . n 
A 1 12  LEU 12  12  12  LEU LEU A . n 
A 1 13  LYS 13  13  13  LYS LYS A . n 
A 1 14  ALA 14  14  14  ALA ALA A . n 
A 1 15  LYS 15  15  15  LYS LYS A . n 
A 1 16  THR 16  16  16  THR THR A . n 
A 1 17  VAL 17  17  17  VAL VAL A . n 
A 1 18  LEU 18  18  18  LEU LEU A . n 
A 1 19  VAL 19  19  19  VAL VAL A . n 
A 1 20  THR 20  20  20  THR THR A . n 
A 1 21  GLY 21  21  21  GLY GLY A . n 
A 1 22  GLY 22  22  22  GLY GLY A . n 
A 1 23  THR 23  23  23  THR THR A . n 
A 1 24  LYS 24  24  24  LYS LYS A . n 
A 1 25  GLY 25  25  25  GLY GLY A . n 
A 1 26  ILE 26  26  26  ILE ILE A . n 
A 1 27  GLY 27  27  27  GLY GLY A . n 
A 1 28  HIS 28  28  28  HIS HIS A . n 
A 1 29  ALA 29  29  29  ALA ALA A . n 
A 1 30  ILE 30  30  30  ILE ILE A . n 
A 1 31  VAL 31  31  31  VAL VAL A . n 
A 1 32  GLU 32  32  32  GLU GLU A . n 
A 1 33  GLU 33  33  33  GLU GLU A . n 
A 1 34  PHE 34  34  34  PHE PHE A . n 
A 1 35  ALA 35  35  35  ALA ALA A . n 
A 1 36  GLY 36  36  36  GLY GLY A . n 
A 1 37  PHE 37  37  37  PHE PHE A . n 
A 1 38  GLY 38  38  38  GLY GLY A . n 
A 1 39  ALA 39  39  39  ALA ALA A . n 
A 1 40  VAL 40  40  40  VAL VAL A . n 
A 1 41  ILE 41  41  41  ILE ILE A . n 
A 1 42  HIS 42  42  42  HIS HIS A . n 
A 1 43  THR 43  43  43  THR THR A . n 
A 1 44  CYS 44  44  44  CYS CYS A . n 
A 1 45  ALA 45  45  45  ALA ALA A . n 
A 1 46  ARG 46  46  46  ARG ARG A . n 
A 1 47  ASN 47  47  47  ASN ASN A . n 
A 1 48  GLU 48  48  48  GLU GLU A . n 
A 1 49  TYR 49  49  49  TYR TYR A . n 
A 1 50  GLU 50  50  50  GLU GLU A . n 
A 1 51  LEU 51  51  51  LEU LEU A . n 
A 1 52  ASN 52  52  52  ASN ASN A . n 
A 1 53  GLU 53  53  53  GLU GLU A . n 
A 1 54  CYS 54  54  54  CYS CYS A . n 
A 1 55  LEU 55  55  55  LEU LEU A . n 
A 1 56  SER 56  56  56  SER SER A . n 
A 1 57  LYS 57  57  57  LYS LYS A . n 
A 1 58  TRP 58  58  58  TRP TRP A . n 
A 1 59  GLN 59  59  59  GLN GLN A . n 
A 1 60  LYS 60  60  60  LYS LYS A . n 
A 1 61  LYS 61  61  61  LYS LYS A . n 
A 1 62  GLY 62  62  62  GLY GLY A . n 
A 1 63  PHE 63  63  63  PHE PHE A . n 
A 1 64  GLN 64  64  64  GLN GLN A . n 
A 1 65  VAL 65  65  65  VAL VAL A . n 
A 1 66  THR 66  66  66  THR THR A . n 
A 1 67  GLY 67  67  67  GLY GLY A . n 
A 1 68  SER 68  68  68  SER SER A . n 
A 1 69  VAL 69  69  69  VAL VAL A . n 
A 1 70  CYS 70  70  70  CYS CYS A . n 
A 1 71  ASP 71  71  71  ASP ASP A . n 
A 1 72  ALA 72  72  72  ALA ALA A . n 
A 1 73  SER 73  73  73  SER SER A . n 
A 1 74  LEU 74  74  74  LEU LEU A . n 
A 1 75  ARG 75  75  75  ARG ARG A . n 
A 1 76  PRO 76  76  76  PRO PRO A . n 
A 1 77  GLU 77  77  77  GLU GLU A . n 
A 1 78  ARG 78  78  78  ARG ARG A . n 
A 1 79  GLU 79  79  79  GLU GLU A . n 
A 1 80  LYS 80  80  80  LYS LYS A . n 
A 1 81  LEU 81  81  81  LEU LEU A . n 
A 1 82  MET 82  82  82  MET MET A . n 
A 1 83  GLN 83  83  83  GLN GLN A . n 
A 1 84  THR 84  84  84  THR THR A . n 
A 1 85  VAL 85  85  85  VAL VAL A . n 
A 1 86  SER 86  86  86  SER SER A . n 
A 1 87  SER 87  87  87  SER SER A . n 
A 1 88  MET 88  88  88  MET MET A . n 
A 1 89  PHE 89  89  89  PHE PHE A . n 
A 1 90  GLY 90  90  90  GLY GLY A . n 
A 1 91  GLY 91  91  91  GLY GLY A . n 
A 1 92  LYS 92  92  92  LYS LYS A . n 
A 1 93  LEU 93  93  93  LEU LEU A . n 
A 1 94  ASP 94  94  94  ASP ASP A . n 
A 1 95  ILE 95  95  95  ILE ILE A . n 
A 1 96  LEU 96  96  96  LEU LEU A . n 
A 1 97  ILE 97  97  97  ILE ILE A . n 
A 1 98  ASN 98  98  98  ASN ASN A . n 
A 1 99  ASN 99  99  99  ASN ASN A . n 
A 1 100 LEU 100 100 100 LEU LEU A . n 
A 1 101 GLY 101 101 101 GLY GLY A . n 
A 1 102 ALA 102 102 102 ALA ALA A . n 
A 1 103 ILE 103 103 ?   ?   ?   A . n 
A 1 104 ARG 104 104 ?   ?   ?   A . n 
A 1 105 SER 105 105 ?   ?   ?   A . n 
A 1 106 LYS 106 106 ?   ?   ?   A . n 
A 1 107 PRO 107 107 ?   ?   ?   A . n 
A 1 108 THR 108 108 ?   ?   ?   A . n 
A 1 109 LEU 109 109 109 LEU LEU A . n 
A 1 110 ASP 110 110 110 ASP ASP A . n 
A 1 111 TYR 111 111 111 TYR TYR A . n 
A 1 112 THR 112 112 112 THR THR A . n 
A 1 113 ALA 113 113 113 ALA ALA A . n 
A 1 114 GLU 114 114 114 GLU GLU A . n 
A 1 115 ASP 115 115 115 ASP ASP A . n 
A 1 116 PHE 116 116 116 PHE PHE A . n 
A 1 117 SER 117 117 117 SER SER A . n 
A 1 118 PHE 118 118 118 PHE PHE A . n 
A 1 119 HIS 119 119 119 HIS HIS A . n 
A 1 120 ILE 120 120 120 ILE ILE A . n 
A 1 121 SER 121 121 121 SER SER A . n 
A 1 122 THR 122 122 122 THR THR A . n 
A 1 123 ASN 123 123 123 ASN ASN A . n 
A 1 124 LEU 124 124 124 LEU LEU A . n 
A 1 125 GLU 125 125 125 GLU GLU A . n 
A 1 126 SER 126 126 126 SER SER A . n 
A 1 127 ALA 127 127 127 ALA ALA A . n 
A 1 128 TYR 128 128 128 TYR TYR A . n 
A 1 129 HIS 129 129 129 HIS HIS A . n 
A 1 130 LEU 130 130 130 LEU LEU A . n 
A 1 131 SER 131 131 131 SER SER A . n 
A 1 132 GLN 132 132 132 GLN GLN A . n 
A 1 133 LEU 133 133 133 LEU LEU A . n 
A 1 134 ALA 134 134 134 ALA ALA A . n 
A 1 135 HIS 135 135 135 HIS HIS A . n 
A 1 136 PRO 136 136 136 PRO PRO A . n 
A 1 137 LEU 137 137 137 LEU LEU A . n 
A 1 138 LEU 138 138 138 LEU LEU A . n 
A 1 139 LYS 139 139 139 LYS LYS A . n 
A 1 140 ALA 140 140 140 ALA ALA A . n 
A 1 141 SER 141 141 141 SER SER A . n 
A 1 142 GLY 142 142 142 GLY GLY A . n 
A 1 143 CYS 143 143 143 CYS CYS A . n 
A 1 144 GLY 144 144 144 GLY GLY A . n 
A 1 145 ASN 145 145 145 ASN ASN A . n 
A 1 146 ILE 146 146 146 ILE ILE A . n 
A 1 147 ILE 147 147 147 ILE ILE A . n 
A 1 148 PHE 148 148 148 PHE PHE A . n 
A 1 149 MET 149 149 149 MET MET A . n 
A 1 150 SER 150 150 150 SER SER A . n 
A 1 151 SER 151 151 ?   ?   ?   A . n 
A 1 152 ILE 152 152 ?   ?   ?   A . n 
A 1 153 ALA 153 153 ?   ?   ?   A . n 
A 1 154 GLY 154 154 ?   ?   ?   A . n 
A 1 155 VAL 155 155 ?   ?   ?   A . n 
A 1 156 VAL 156 156 ?   ?   ?   A . n 
A 1 157 SER 157 157 ?   ?   ?   A . n 
A 1 158 ALA 158 158 ?   ?   ?   A . n 
A 1 159 SER 159 159 ?   ?   ?   A . n 
A 1 160 VAL 160 160 ?   ?   ?   A . n 
A 1 161 GLY 161 161 161 GLY GLY A . n 
A 1 162 SER 162 162 162 SER SER A . n 
A 1 163 ILE 163 163 163 ILE ILE A . n 
A 1 164 TYR 164 164 164 TYR TYR A . n 
A 1 165 SER 165 165 165 SER SER A . n 
A 1 166 ALA 166 166 166 ALA ALA A . n 
A 1 167 THR 167 167 167 THR THR A . n 
A 1 168 LYS 168 168 168 LYS LYS A . n 
A 1 169 GLY 169 169 169 GLY GLY A . n 
A 1 170 ALA 170 170 170 ALA ALA A . n 
A 1 171 LEU 171 171 171 LEU LEU A . n 
A 1 172 ASN 172 172 172 ASN ASN A . n 
A 1 173 GLN 173 173 173 GLN GLN A . n 
A 1 174 LEU 174 174 174 LEU LEU A . n 
A 1 175 ALA 175 175 175 ALA ALA A . n 
A 1 176 ARG 176 176 176 ARG ARG A . n 
A 1 177 ASN 177 177 177 ASN ASN A . n 
A 1 178 LEU 178 178 178 LEU LEU A . n 
A 1 179 ALA 179 179 179 ALA ALA A . n 
A 1 180 CYS 180 180 180 CYS CYS A . n 
A 1 181 GLU 181 181 181 GLU GLU A . n 
A 1 182 TRP 182 182 182 TRP TRP A . n 
A 1 183 ALA 183 183 183 ALA ALA A . n 
A 1 184 SER 184 184 184 SER SER A . n 
A 1 185 ASP 185 185 185 ASP ASP A . n 
A 1 186 GLY 186 186 186 GLY GLY A . n 
A 1 187 ILE 187 187 187 ILE ILE A . n 
A 1 188 ARG 188 188 188 ARG ARG A . n 
A 1 189 ALA 189 189 189 ALA ALA A . n 
A 1 190 ASN 190 190 190 ASN ASN A . n 
A 1 191 ALA 191 191 191 ALA ALA A . n 
A 1 192 VAL 192 192 192 VAL VAL A . n 
A 1 193 ALA 193 193 193 ALA ALA A . n 
A 1 194 PRO 194 194 194 PRO PRO A . n 
A 1 195 ALA 195 195 195 ALA ALA A . n 
A 1 196 VAL 196 196 196 VAL VAL A . n 
A 1 197 ILE 197 197 197 ILE ILE A . n 
A 1 198 ALA 198 198 198 ALA ALA A . n 
A 1 199 THR 199 199 ?   ?   ?   A . n 
A 1 200 PRO 200 200 ?   ?   ?   A . n 
A 1 201 LEU 201 201 ?   ?   ?   A . n 
A 1 202 ALA 202 202 ?   ?   ?   A . n 
A 1 203 GLU 203 203 ?   ?   ?   A . n 
A 1 204 ALA 204 204 ?   ?   ?   A . n 
A 1 205 VAL 205 205 ?   ?   ?   A . n 
A 1 206 TYR 206 206 ?   ?   ?   A . n 
A 1 207 ASP 207 207 ?   ?   ?   A . n 
A 1 208 ASP 208 208 ?   ?   ?   A . n 
A 1 209 GLU 209 209 ?   ?   ?   A . n 
A 1 210 PHE 210 210 ?   ?   ?   A . n 
A 1 211 LYS 211 211 ?   ?   ?   A . n 
A 1 212 LYS 212 212 ?   ?   ?   A . n 
A 1 213 VAL 213 213 ?   ?   ?   A . n 
A 1 214 VAL 214 214 ?   ?   ?   A . n 
A 1 215 ILE 215 215 ?   ?   ?   A . n 
A 1 216 SER 216 216 ?   ?   ?   A . n 
A 1 217 ARG 217 217 ?   ?   ?   A . n 
A 1 218 LYS 218 218 ?   ?   ?   A . n 
A 1 219 PRO 219 219 ?   ?   ?   A . n 
A 1 220 LEU 220 220 ?   ?   ?   A . n 
A 1 221 GLY 221 221 ?   ?   ?   A . n 
A 1 222 ARG 222 222 ?   ?   ?   A . n 
A 1 223 PHE 223 223 ?   ?   ?   A . n 
A 1 224 GLY 224 224 224 GLY GLY A . n 
A 1 225 GLU 225 225 225 GLU GLU A . n 
A 1 226 PRO 226 226 226 PRO PRO A . n 
A 1 227 GLU 227 227 227 GLU GLU A . n 
A 1 228 GLU 228 228 228 GLU GLU A . n 
A 1 229 VAL 229 229 229 VAL VAL A . n 
A 1 230 SER 230 230 230 SER SER A . n 
A 1 231 SER 231 231 231 SER SER A . n 
A 1 232 LEU 232 232 232 LEU LEU A . n 
A 1 233 VAL 233 233 233 VAL VAL A . n 
A 1 234 ALA 234 234 234 ALA ALA A . n 
A 1 235 PHE 235 235 235 PHE PHE A . n 
A 1 236 LEU 236 236 236 LEU LEU A . n 
A 1 237 CYS 237 237 237 CYS CYS A . n 
A 1 238 MET 238 238 238 MET MET A . n 
A 1 239 PRO 239 239 239 PRO PRO A . n 
A 1 240 ALA 240 240 240 ALA ALA A . n 
A 1 241 ALA 241 241 241 ALA ALA A . n 
A 1 242 SER 242 242 242 SER SER A . n 
A 1 243 TYR 243 243 243 TYR TYR A . n 
A 1 244 ILE 244 244 244 ILE ILE A . n 
A 1 245 THR 245 245 245 THR THR A . n 
A 1 246 GLY 246 246 246 GLY GLY A . n 
A 1 247 GLN 247 247 247 GLN GLN A . n 
A 1 248 THR 248 248 248 THR THR A . n 
A 1 249 ILE 249 249 249 ILE ILE A . n 
A 1 250 CYS 250 250 250 CYS CYS A . n 
A 1 251 VAL 251 251 251 VAL VAL A . n 
A 1 252 ASP 252 252 252 ASP ASP A . n 
A 1 253 GLY 253 253 253 GLY GLY A . n 
A 1 254 GLY 254 254 254 GLY GLY A . n 
A 1 255 LEU 255 255 255 LEU LEU A . n 
A 1 256 THR 256 256 256 THR THR A . n 
A 1 257 VAL 257 257 257 VAL VAL A . n 
A 1 258 ASN 258 258 258 ASN ASN A . n 
A 1 259 GLY 259 259 259 GLY GLY A . n 
A 1 260 PHE 260 260 260 PHE PHE A . n 
A 1 261 SER 261 261 261 SER SER A . n 
A 1 262 TYR 262 262 262 TYR TYR A . n 
A 1 263 GLN 263 263 263 GLN GLN A . n 
A 1 264 PRO 264 264 264 PRO PRO A . n 
A 1 265 GLN 265 265 265 GLN GLN A . n 
A 1 266 GLY 266 266 ?   ?   ?   A . n 
# 
_pdbx_SG_project.id                    1 
_pdbx_SG_project.project_name          'PSI, Protein Structure Initiative' 
_pdbx_SG_project.full_name_of_center   'Center for Eukaryotic Structural Genomics' 
_pdbx_SG_project.initial_of_center     CESG 
# 
loop_
_pdbx_nonpoly_scheme.asym_id 
_pdbx_nonpoly_scheme.entity_id 
_pdbx_nonpoly_scheme.mon_id 
_pdbx_nonpoly_scheme.ndb_seq_num 
_pdbx_nonpoly_scheme.pdb_seq_num 
_pdbx_nonpoly_scheme.auth_seq_num 
_pdbx_nonpoly_scheme.pdb_mon_id 
_pdbx_nonpoly_scheme.auth_mon_id 
_pdbx_nonpoly_scheme.pdb_strand_id 
_pdbx_nonpoly_scheme.pdb_ins_code 
B 2 HOH 1  300 300 HOH HOH A . 
B 2 HOH 2  301 301 HOH HOH A . 
B 2 HOH 3  302 303 HOH HOH A . 
B 2 HOH 4  303 306 HOH HOH A . 
B 2 HOH 5  304 307 HOH HOH A . 
B 2 HOH 6  305 308 HOH HOH A . 
B 2 HOH 7  306 309 HOH HOH A . 
B 2 HOH 8  307 311 HOH HOH A . 
B 2 HOH 9  308 313 HOH HOH A . 
B 2 HOH 10 309 314 HOH HOH A . 
B 2 HOH 11 310 315 HOH HOH A . 
B 2 HOH 12 311 316 HOH HOH A . 
B 2 HOH 13 312 317 HOH HOH A . 
B 2 HOH 14 313 318 HOH HOH A . 
B 2 HOH 15 314 319 HOH HOH A . 
B 2 HOH 16 315 320 HOH HOH A . 
B 2 HOH 17 316 321 HOH HOH A . 
B 2 HOH 18 317 322 HOH HOH A . 
B 2 HOH 19 318 323 HOH HOH A . 
B 2 HOH 20 319 324 HOH HOH A . 
B 2 HOH 21 320 325 HOH HOH A . 
B 2 HOH 22 321 326 HOH HOH A . 
B 2 HOH 23 322 327 HOH HOH A . 
B 2 HOH 24 323 328 HOH HOH A . 
B 2 HOH 25 324 329 HOH HOH A . 
B 2 HOH 26 325 1   HOH HOH A . 
B 2 HOH 27 326 2   HOH HOH A . 
B 2 HOH 28 327 3   HOH HOH A . 
B 2 HOH 29 328 4   HOH HOH A . 
B 2 HOH 30 329 5   HOH HOH A . 
B 2 HOH 31 330 6   HOH HOH A . 
B 2 HOH 32 331 7   HOH HOH A . 
B 2 HOH 33 332 9   HOH HOH A . 
B 2 HOH 34 333 10  HOH HOH A . 
B 2 HOH 35 334 11  HOH HOH A . 
B 2 HOH 36 335 12  HOH HOH A . 
B 2 HOH 37 336 13  HOH HOH A . 
B 2 HOH 38 337 14  HOH HOH A . 
B 2 HOH 39 338 15  HOH HOH A . 
B 2 HOH 40 339 16  HOH HOH A . 
B 2 HOH 41 340 17  HOH HOH A . 
B 2 HOH 42 341 18  HOH HOH A . 
B 2 HOH 43 342 19  HOH HOH A . 
B 2 HOH 44 343 20  HOH HOH A . 
B 2 HOH 45 344 21  HOH HOH A . 
B 2 HOH 46 345 22  HOH HOH A . 
B 2 HOH 47 346 23  HOH HOH A . 
B 2 HOH 48 347 24  HOH HOH A . 
B 2 HOH 49 348 25  HOH HOH A . 
B 2 HOH 50 349 26  HOH HOH A . 
B 2 HOH 51 350 27  HOH HOH A . 
B 2 HOH 52 351 28  HOH HOH A . 
B 2 HOH 53 352 29  HOH HOH A . 
B 2 HOH 54 353 30  HOH HOH A . 
B 2 HOH 55 354 31  HOH HOH A . 
B 2 HOH 56 355 32  HOH HOH A . 
B 2 HOH 57 356 33  HOH HOH A . 
# 
loop_
_pdbx_struct_assembly.id 
_pdbx_struct_assembly.details 
_pdbx_struct_assembly.method_details 
_pdbx_struct_assembly.oligomeric_details 
_pdbx_struct_assembly.oligomeric_count 
1 author_and_software_defined_assembly PISA     dimeric    2 
2 software_defined_assembly            PISA,PQS tetrameric 4 
# 
loop_
_pdbx_struct_assembly_gen.assembly_id 
_pdbx_struct_assembly_gen.oper_expression 
_pdbx_struct_assembly_gen.asym_id_list 
1 1,2     A,B 
2 1,2,3,4 A,B 
# 
loop_
_pdbx_struct_assembly_prop.biol_id 
_pdbx_struct_assembly_prop.type 
_pdbx_struct_assembly_prop.value 
_pdbx_struct_assembly_prop.details 
1 'ABSA (A^2)' 2030  ? 
1 MORE         -13   ? 
1 'SSA (A^2)'  20910 ? 
2 'ABSA (A^2)' 11960 ? 
2 MORE         -72   ? 
2 'SSA (A^2)'  33920 ? 
# 
loop_
_pdbx_struct_oper_list.id 
_pdbx_struct_oper_list.type 
_pdbx_struct_oper_list.name 
_pdbx_struct_oper_list.symmetry_operation 
_pdbx_struct_oper_list.matrix[1][1] 
_pdbx_struct_oper_list.matrix[1][2] 
_pdbx_struct_oper_list.matrix[1][3] 
_pdbx_struct_oper_list.vector[1] 
_pdbx_struct_oper_list.matrix[2][1] 
_pdbx_struct_oper_list.matrix[2][2] 
_pdbx_struct_oper_list.matrix[2][3] 
_pdbx_struct_oper_list.vector[2] 
_pdbx_struct_oper_list.matrix[3][1] 
_pdbx_struct_oper_list.matrix[3][2] 
_pdbx_struct_oper_list.matrix[3][3] 
_pdbx_struct_oper_list.vector[3] 
1 'identity operation'         1_555 x,y,z       1.0000000000  0.0000000000  0.0000000000  0.0000000000   0.0000000000  1.0000000000  0.0000000000  0.0000000000  0.0000000000  0.0000000000  1.0000000000  0.0000000000  
2 'crystal symmetry operation' 2_665 -x+1,-y+1,z -0.7853977971 0.5242347934  0.3291324685  -24.3847153047 0.5242347934  0.2806118242  0.8040117447  -5.3007172254 0.3291324685  0.8040117447  -0.4952140271 24.3422779262 
3 'crystal symmetry operation' 3_655 -x+1,y,-z   -0.0042484962 0.2066525250  -0.9784051738 10.1193644754  0.2066525250  -0.9571125267 -0.2030525677 24.0061936766 -0.9784051738 -0.2030525677 -0.0386389771 15.3692083137 
4 'crystal symmetry operation' 4_565 x,-y+1,-z   -0.2103537067 -0.7308873183 0.6492727054  -14.6890544194 -0.7308873183 -0.3234992975 -0.6009591770 19.0976515090 0.6492727054  -0.6009591770 -0.4661469957 39.3631034532 
# 
_pdbx_struct_special_symmetry.id              1 
_pdbx_struct_special_symmetry.PDB_model_num   1 
_pdbx_struct_special_symmetry.auth_asym_id    A 
_pdbx_struct_special_symmetry.auth_comp_id    HOH 
_pdbx_struct_special_symmetry.auth_seq_id     338 
_pdbx_struct_special_symmetry.PDB_ins_code    ? 
_pdbx_struct_special_symmetry.label_asym_id   B 
_pdbx_struct_special_symmetry.label_comp_id   HOH 
_pdbx_struct_special_symmetry.label_seq_id    . 
# 
loop_
_pdbx_audit_revision_history.ordinal 
_pdbx_audit_revision_history.data_content_type 
_pdbx_audit_revision_history.major_revision 
_pdbx_audit_revision_history.minor_revision 
_pdbx_audit_revision_history.revision_date 
1 'Structure model' 1 0 2004-10-19 
2 'Structure model' 1 1 2008-02-01 
3 'Structure model' 1 2 2011-07-13 
4 'Structure model' 1 3 2017-10-11 
5 'Structure model' 1 4 2023-08-23 
# 
_pdbx_audit_revision_details.ordinal             1 
_pdbx_audit_revision_details.revision_ordinal    1 
_pdbx_audit_revision_details.data_content_type   'Structure model' 
_pdbx_audit_revision_details.provider            repository 
_pdbx_audit_revision_details.type                'Initial release' 
_pdbx_audit_revision_details.description         ? 
_pdbx_audit_revision_details.details             ? 
# 
loop_
_pdbx_audit_revision_group.ordinal 
_pdbx_audit_revision_group.revision_ordinal 
_pdbx_audit_revision_group.data_content_type 
_pdbx_audit_revision_group.group 
1 2 'Structure model' 'Version format compliance' 
2 3 'Structure model' 'Derived calculations'      
3 3 'Structure model' 'Version format compliance' 
4 4 'Structure model' Advisory                    
5 4 'Structure model' 'Refinement description'    
6 5 'Structure model' Advisory                    
7 5 'Structure model' 'Data collection'           
8 5 'Structure model' 'Database references'       
9 5 'Structure model' 'Refinement description'    
# 
loop_
_pdbx_audit_revision_category.ordinal 
_pdbx_audit_revision_category.revision_ordinal 
_pdbx_audit_revision_category.data_content_type 
_pdbx_audit_revision_category.category 
1 4 'Structure model' pdbx_unobs_or_zero_occ_atoms  
2 4 'Structure model' software                      
3 5 'Structure model' chem_comp_atom                
4 5 'Structure model' chem_comp_bond                
5 5 'Structure model' database_2                    
6 5 'Structure model' pdbx_initial_refinement_model 
7 5 'Structure model' pdbx_unobs_or_zero_occ_atoms  
# 
loop_
_pdbx_audit_revision_item.ordinal 
_pdbx_audit_revision_item.revision_ordinal 
_pdbx_audit_revision_item.data_content_type 
_pdbx_audit_revision_item.item 
1 5 'Structure model' '_database_2.pdbx_DOI'                
2 5 'Structure model' '_database_2.pdbx_database_accession' 
# 
_pdbx_phasing_MR.entry_id              1XQ1 
_pdbx_phasing_MR.d_res_high_rotation   3.000 
_pdbx_phasing_MR.d_res_low_rotation    38.300 
# 
_phasing.method   MR 
# 
loop_
_software.name 
_software.version 
_software.date 
_software.type 
_software.contact_author 
_software.contact_author_email 
_software.classification 
_software.location 
_software.language 
_software.citation_id 
_software.pdbx_ordinal 
DENZO     .   ?    package 'Zbyszek Otwinowski' zbyszek@mix.swmed.edu  'data reduction' 
http://www.lnls.br/infra/linhasluz/denzo-hkl.htm ?          ? 1 
SCALEPACK .   ?    package 'Zbyszek Otwinowski' zbyszek@mix.swmed.edu  'data scaling'   
http://www.lnls.br/infra/linhasluz/denzo-hkl.htm ?          ? 2 
MOLREP    .   ?    program 'A. Vagin'           alexei@ysbl.york.ac.uk phasing          
http://www.ccp4.ac.uk/dist/html/molrep.html      Fortran    ? 3 
CNS       1.1 1998 package 'Axel T. Brunger'    axel.brunger@yale.edu  refinement       http://cns.csb.yale.edu/v1.1/ Fortran_77 ? 
4 
# 
loop_
_pdbx_validate_torsion.id 
_pdbx_validate_torsion.PDB_model_num 
_pdbx_validate_torsion.auth_comp_id 
_pdbx_validate_torsion.auth_asym_id 
_pdbx_validate_torsion.auth_seq_id 
_pdbx_validate_torsion.PDB_ins_code 
_pdbx_validate_torsion.label_alt_id 
_pdbx_validate_torsion.phi 
_pdbx_validate_torsion.psi 
1 1 ALA A 72  ? ? -55.47  -3.77  
2 1 CYS A 143 ? ? -149.67 51.41  
3 1 SER A 162 ? ? 69.52   -68.91 
# 
loop_
_pdbx_unobs_or_zero_occ_atoms.id 
_pdbx_unobs_or_zero_occ_atoms.PDB_model_num 
_pdbx_unobs_or_zero_occ_atoms.polymer_flag 
_pdbx_unobs_or_zero_occ_atoms.occupancy_flag 
_pdbx_unobs_or_zero_occ_atoms.auth_asym_id 
_pdbx_unobs_or_zero_occ_atoms.auth_comp_id 
_pdbx_unobs_or_zero_occ_atoms.auth_seq_id 
_pdbx_unobs_or_zero_occ_atoms.PDB_ins_code 
_pdbx_unobs_or_zero_occ_atoms.auth_atom_id 
_pdbx_unobs_or_zero_occ_atoms.label_alt_id 
_pdbx_unobs_or_zero_occ_atoms.label_asym_id 
_pdbx_unobs_or_zero_occ_atoms.label_comp_id 
_pdbx_unobs_or_zero_occ_atoms.label_seq_id 
_pdbx_unobs_or_zero_occ_atoms.label_atom_id 
1  1 Y 0 A LYS 13  ? CD  ? A LYS 13  CD  
2  1 Y 0 A LYS 24  ? CE  ? A LYS 24  CE  
3  1 Y 0 A LYS 24  ? NZ  ? A LYS 24  NZ  
4  1 Y 0 A ARG 46  ? NH2 ? A ARG 46  NH2 
5  1 Y 0 A LYS 60  ? CG  ? A LYS 60  CG  
6  1 Y 0 A LYS 60  ? CD  ? A LYS 60  CD  
7  1 Y 0 A GLN 64  ? NE2 ? A GLN 64  NE2 
8  1 Y 0 A PHE 89  ? N   ? A PHE 89  N   
9  1 Y 0 A ASN 99  ? O   ? A ASN 99  O   
10 1 Y 0 A ILE 120 ? CG2 ? A ILE 120 CG2 
11 1 Y 0 A THR 122 ? CG2 ? A THR 122 CG2 
12 1 Y 0 A LYS 139 ? CE  ? A LYS 139 CE  
13 1 Y 0 A CYS 143 ? CB  ? A CYS 143 CB  
# 
loop_
_pdbx_unobs_or_zero_occ_residues.id 
_pdbx_unobs_or_zero_occ_residues.PDB_model_num 
_pdbx_unobs_or_zero_occ_residues.polymer_flag 
_pdbx_unobs_or_zero_occ_residues.occupancy_flag 
_pdbx_unobs_or_zero_occ_residues.auth_asym_id 
_pdbx_unobs_or_zero_occ_residues.auth_comp_id 
_pdbx_unobs_or_zero_occ_residues.auth_seq_id 
_pdbx_unobs_or_zero_occ_residues.PDB_ins_code 
_pdbx_unobs_or_zero_occ_residues.label_asym_id 
_pdbx_unobs_or_zero_occ_residues.label_comp_id 
_pdbx_unobs_or_zero_occ_residues.label_seq_id 
1  1 Y 1 A MET 1   ? A MET 1   
2  1 Y 1 A ALA 2   ? A ALA 2   
3  1 Y 1 A GLY 3   ? A GLY 3   
4  1 Y 1 A ALA 4   ? A ALA 4   
5  1 Y 1 A GLU 5   ? A GLU 5   
6  1 Y 1 A GLN 6   ? A GLN 6   
7  1 Y 1 A ILE 103 ? A ILE 103 
8  1 Y 1 A ARG 104 ? A ARG 104 
9  1 Y 1 A SER 105 ? A SER 105 
10 1 Y 1 A LYS 106 ? A LYS 106 
11 1 Y 1 A PRO 107 ? A PRO 107 
12 1 Y 1 A THR 108 ? A THR 108 
13 1 Y 1 A SER 151 ? A SER 151 
14 1 Y 1 A ILE 152 ? A ILE 152 
15 1 Y 1 A ALA 153 ? A ALA 153 
16 1 Y 1 A GLY 154 ? A GLY 154 
17 1 Y 1 A VAL 155 ? A VAL 155 
18 1 Y 1 A VAL 156 ? A VAL 156 
19 1 Y 1 A SER 157 ? A SER 157 
20 1 Y 1 A ALA 158 ? A ALA 158 
21 1 Y 1 A SER 159 ? A SER 159 
22 1 Y 1 A VAL 160 ? A VAL 160 
23 1 Y 1 A THR 199 ? A THR 199 
24 1 Y 1 A PRO 200 ? A PRO 200 
25 1 Y 1 A LEU 201 ? A LEU 201 
26 1 Y 1 A ALA 202 ? A ALA 202 
27 1 Y 1 A GLU 203 ? A GLU 203 
28 1 Y 1 A ALA 204 ? A ALA 204 
29 1 Y 1 A VAL 205 ? A VAL 205 
30 1 Y 1 A TYR 206 ? A TYR 206 
31 1 Y 1 A ASP 207 ? A ASP 207 
32 1 Y 1 A ASP 208 ? A ASP 208 
33 1 Y 1 A GLU 209 ? A GLU 209 
34 1 Y 1 A PHE 210 ? A PHE 210 
35 1 Y 1 A LYS 211 ? A LYS 211 
36 1 Y 1 A LYS 212 ? A LYS 212 
37 1 Y 1 A VAL 213 ? A VAL 213 
38 1 Y 1 A VAL 214 ? A VAL 214 
39 1 Y 1 A ILE 215 ? A ILE 215 
40 1 Y 1 A SER 216 ? A SER 216 
41 1 Y 1 A ARG 217 ? A ARG 217 
42 1 Y 1 A LYS 218 ? A LYS 218 
43 1 Y 1 A PRO 219 ? A PRO 219 
44 1 Y 1 A LEU 220 ? A LEU 220 
45 1 Y 1 A GLY 221 ? A GLY 221 
46 1 Y 1 A ARG 222 ? A ARG 222 
47 1 Y 1 A PHE 223 ? A PHE 223 
48 1 Y 1 A GLY 266 ? A GLY 266 
# 
loop_
_chem_comp_atom.comp_id 
_chem_comp_atom.atom_id 
_chem_comp_atom.type_symbol 
_chem_comp_atom.pdbx_aromatic_flag 
_chem_comp_atom.pdbx_stereo_config 
_chem_comp_atom.pdbx_ordinal 
ALA N    N N N 1   
ALA CA   C N S 2   
ALA C    C N N 3   
ALA O    O N N 4   
ALA CB   C N N 5   
ALA OXT  O N N 6   
ALA H    H N N 7   
ALA H2   H N N 8   
ALA HA   H N N 9   
ALA HB1  H N N 10  
ALA HB2  H N N 11  
ALA HB3  H N N 12  
ALA HXT  H N N 13  
ARG N    N N N 14  
ARG CA   C N S 15  
ARG C    C N N 16  
ARG O    O N N 17  
ARG CB   C N N 18  
ARG CG   C N N 19  
ARG CD   C N N 20  
ARG NE   N N N 21  
ARG CZ   C N N 22  
ARG NH1  N N N 23  
ARG NH2  N N N 24  
ARG OXT  O N N 25  
ARG H    H N N 26  
ARG H2   H N N 27  
ARG HA   H N N 28  
ARG HB2  H N N 29  
ARG HB3  H N N 30  
ARG HG2  H N N 31  
ARG HG3  H N N 32  
ARG HD2  H N N 33  
ARG HD3  H N N 34  
ARG HE   H N N 35  
ARG HH11 H N N 36  
ARG HH12 H N N 37  
ARG HH21 H N N 38  
ARG HH22 H N N 39  
ARG HXT  H N N 40  
ASN N    N N N 41  
ASN CA   C N S 42  
ASN C    C N N 43  
ASN O    O N N 44  
ASN CB   C N N 45  
ASN CG   C N N 46  
ASN OD1  O N N 47  
ASN ND2  N N N 48  
ASN OXT  O N N 49  
ASN H    H N N 50  
ASN H2   H N N 51  
ASN HA   H N N 52  
ASN HB2  H N N 53  
ASN HB3  H N N 54  
ASN HD21 H N N 55  
ASN HD22 H N N 56  
ASN HXT  H N N 57  
ASP N    N N N 58  
ASP CA   C N S 59  
ASP C    C N N 60  
ASP O    O N N 61  
ASP CB   C N N 62  
ASP CG   C N N 63  
ASP OD1  O N N 64  
ASP OD2  O N N 65  
ASP OXT  O N N 66  
ASP H    H N N 67  
ASP H2   H N N 68  
ASP HA   H N N 69  
ASP HB2  H N N 70  
ASP HB3  H N N 71  
ASP HD2  H N N 72  
ASP HXT  H N N 73  
CYS N    N N N 74  
CYS CA   C N R 75  
CYS C    C N N 76  
CYS O    O N N 77  
CYS CB   C N N 78  
CYS SG   S N N 79  
CYS OXT  O N N 80  
CYS H    H N N 81  
CYS H2   H N N 82  
CYS HA   H N N 83  
CYS HB2  H N N 84  
CYS HB3  H N N 85  
CYS HG   H N N 86  
CYS HXT  H N N 87  
GLN N    N N N 88  
GLN CA   C N S 89  
GLN C    C N N 90  
GLN O    O N N 91  
GLN CB   C N N 92  
GLN CG   C N N 93  
GLN CD   C N N 94  
GLN OE1  O N N 95  
GLN NE2  N N N 96  
GLN OXT  O N N 97  
GLN H    H N N 98  
GLN H2   H N N 99  
GLN HA   H N N 100 
GLN HB2  H N N 101 
GLN HB3  H N N 102 
GLN HG2  H N N 103 
GLN HG3  H N N 104 
GLN HE21 H N N 105 
GLN HE22 H N N 106 
GLN HXT  H N N 107 
GLU N    N N N 108 
GLU CA   C N S 109 
GLU C    C N N 110 
GLU O    O N N 111 
GLU CB   C N N 112 
GLU CG   C N N 113 
GLU CD   C N N 114 
GLU OE1  O N N 115 
GLU OE2  O N N 116 
GLU OXT  O N N 117 
GLU H    H N N 118 
GLU H2   H N N 119 
GLU HA   H N N 120 
GLU HB2  H N N 121 
GLU HB3  H N N 122 
GLU HG2  H N N 123 
GLU HG3  H N N 124 
GLU HE2  H N N 125 
GLU HXT  H N N 126 
GLY N    N N N 127 
GLY CA   C N N 128 
GLY C    C N N 129 
GLY O    O N N 130 
GLY OXT  O N N 131 
GLY H    H N N 132 
GLY H2   H N N 133 
GLY HA2  H N N 134 
GLY HA3  H N N 135 
GLY HXT  H N N 136 
HIS N    N N N 137 
HIS CA   C N S 138 
HIS C    C N N 139 
HIS O    O N N 140 
HIS CB   C N N 141 
HIS CG   C Y N 142 
HIS ND1  N Y N 143 
HIS CD2  C Y N 144 
HIS CE1  C Y N 145 
HIS NE2  N Y N 146 
HIS OXT  O N N 147 
HIS H    H N N 148 
HIS H2   H N N 149 
HIS HA   H N N 150 
HIS HB2  H N N 151 
HIS HB3  H N N 152 
HIS HD1  H N N 153 
HIS HD2  H N N 154 
HIS HE1  H N N 155 
HIS HE2  H N N 156 
HIS HXT  H N N 157 
HOH O    O N N 158 
HOH H1   H N N 159 
HOH H2   H N N 160 
ILE N    N N N 161 
ILE CA   C N S 162 
ILE C    C N N 163 
ILE O    O N N 164 
ILE CB   C N S 165 
ILE CG1  C N N 166 
ILE CG2  C N N 167 
ILE CD1  C N N 168 
ILE OXT  O N N 169 
ILE H    H N N 170 
ILE H2   H N N 171 
ILE HA   H N N 172 
ILE HB   H N N 173 
ILE HG12 H N N 174 
ILE HG13 H N N 175 
ILE HG21 H N N 176 
ILE HG22 H N N 177 
ILE HG23 H N N 178 
ILE HD11 H N N 179 
ILE HD12 H N N 180 
ILE HD13 H N N 181 
ILE HXT  H N N 182 
LEU N    N N N 183 
LEU CA   C N S 184 
LEU C    C N N 185 
LEU O    O N N 186 
LEU CB   C N N 187 
LEU CG   C N N 188 
LEU CD1  C N N 189 
LEU CD2  C N N 190 
LEU OXT  O N N 191 
LEU H    H N N 192 
LEU H2   H N N 193 
LEU HA   H N N 194 
LEU HB2  H N N 195 
LEU HB3  H N N 196 
LEU HG   H N N 197 
LEU HD11 H N N 198 
LEU HD12 H N N 199 
LEU HD13 H N N 200 
LEU HD21 H N N 201 
LEU HD22 H N N 202 
LEU HD23 H N N 203 
LEU HXT  H N N 204 
LYS N    N N N 205 
LYS CA   C N S 206 
LYS C    C N N 207 
LYS O    O N N 208 
LYS CB   C N N 209 
LYS CG   C N N 210 
LYS CD   C N N 211 
LYS CE   C N N 212 
LYS NZ   N N N 213 
LYS OXT  O N N 214 
LYS H    H N N 215 
LYS H2   H N N 216 
LYS HA   H N N 217 
LYS HB2  H N N 218 
LYS HB3  H N N 219 
LYS HG2  H N N 220 
LYS HG3  H N N 221 
LYS HD2  H N N 222 
LYS HD3  H N N 223 
LYS HE2  H N N 224 
LYS HE3  H N N 225 
LYS HZ1  H N N 226 
LYS HZ2  H N N 227 
LYS HZ3  H N N 228 
LYS HXT  H N N 229 
MET N    N N N 230 
MET CA   C N S 231 
MET C    C N N 232 
MET O    O N N 233 
MET CB   C N N 234 
MET CG   C N N 235 
MET SD   S N N 236 
MET CE   C N N 237 
MET OXT  O N N 238 
MET H    H N N 239 
MET H2   H N N 240 
MET HA   H N N 241 
MET HB2  H N N 242 
MET HB3  H N N 243 
MET HG2  H N N 244 
MET HG3  H N N 245 
MET HE1  H N N 246 
MET HE2  H N N 247 
MET HE3  H N N 248 
MET HXT  H N N 249 
PHE N    N N N 250 
PHE CA   C N S 251 
PHE C    C N N 252 
PHE O    O N N 253 
PHE CB   C N N 254 
PHE CG   C Y N 255 
PHE CD1  C Y N 256 
PHE CD2  C Y N 257 
PHE CE1  C Y N 258 
PHE CE2  C Y N 259 
PHE CZ   C Y N 260 
PHE OXT  O N N 261 
PHE H    H N N 262 
PHE H2   H N N 263 
PHE HA   H N N 264 
PHE HB2  H N N 265 
PHE HB3  H N N 266 
PHE HD1  H N N 267 
PHE HD2  H N N 268 
PHE HE1  H N N 269 
PHE HE2  H N N 270 
PHE HZ   H N N 271 
PHE HXT  H N N 272 
PRO N    N N N 273 
PRO CA   C N S 274 
PRO C    C N N 275 
PRO O    O N N 276 
PRO CB   C N N 277 
PRO CG   C N N 278 
PRO CD   C N N 279 
PRO OXT  O N N 280 
PRO H    H N N 281 
PRO HA   H N N 282 
PRO HB2  H N N 283 
PRO HB3  H N N 284 
PRO HG2  H N N 285 
PRO HG3  H N N 286 
PRO HD2  H N N 287 
PRO HD3  H N N 288 
PRO HXT  H N N 289 
SER N    N N N 290 
SER CA   C N S 291 
SER C    C N N 292 
SER O    O N N 293 
SER CB   C N N 294 
SER OG   O N N 295 
SER OXT  O N N 296 
SER H    H N N 297 
SER H2   H N N 298 
SER HA   H N N 299 
SER HB2  H N N 300 
SER HB3  H N N 301 
SER HG   H N N 302 
SER HXT  H N N 303 
THR N    N N N 304 
THR CA   C N S 305 
THR C    C N N 306 
THR O    O N N 307 
THR CB   C N R 308 
THR OG1  O N N 309 
THR CG2  C N N 310 
THR OXT  O N N 311 
THR H    H N N 312 
THR H2   H N N 313 
THR HA   H N N 314 
THR HB   H N N 315 
THR HG1  H N N 316 
THR HG21 H N N 317 
THR HG22 H N N 318 
THR HG23 H N N 319 
THR HXT  H N N 320 
TRP N    N N N 321 
TRP CA   C N S 322 
TRP C    C N N 323 
TRP O    O N N 324 
TRP CB   C N N 325 
TRP CG   C Y N 326 
TRP CD1  C Y N 327 
TRP CD2  C Y N 328 
TRP NE1  N Y N 329 
TRP CE2  C Y N 330 
TRP CE3  C Y N 331 
TRP CZ2  C Y N 332 
TRP CZ3  C Y N 333 
TRP CH2  C Y N 334 
TRP OXT  O N N 335 
TRP H    H N N 336 
TRP H2   H N N 337 
TRP HA   H N N 338 
TRP HB2  H N N 339 
TRP HB3  H N N 340 
TRP HD1  H N N 341 
TRP HE1  H N N 342 
TRP HE3  H N N 343 
TRP HZ2  H N N 344 
TRP HZ3  H N N 345 
TRP HH2  H N N 346 
TRP HXT  H N N 347 
TYR N    N N N 348 
TYR CA   C N S 349 
TYR C    C N N 350 
TYR O    O N N 351 
TYR CB   C N N 352 
TYR CG   C Y N 353 
TYR CD1  C Y N 354 
TYR CD2  C Y N 355 
TYR CE1  C Y N 356 
TYR CE2  C Y N 357 
TYR CZ   C Y N 358 
TYR OH   O N N 359 
TYR OXT  O N N 360 
TYR H    H N N 361 
TYR H2   H N N 362 
TYR HA   H N N 363 
TYR HB2  H N N 364 
TYR HB3  H N N 365 
TYR HD1  H N N 366 
TYR HD2  H N N 367 
TYR HE1  H N N 368 
TYR HE2  H N N 369 
TYR HH   H N N 370 
TYR HXT  H N N 371 
VAL N    N N N 372 
VAL CA   C N S 373 
VAL C    C N N 374 
VAL O    O N N 375 
VAL CB   C N N 376 
VAL CG1  C N N 377 
VAL CG2  C N N 378 
VAL OXT  O N N 379 
VAL H    H N N 380 
VAL H2   H N N 381 
VAL HA   H N N 382 
VAL HB   H N N 383 
VAL HG11 H N N 384 
VAL HG12 H N N 385 
VAL HG13 H N N 386 
VAL HG21 H N N 387 
VAL HG22 H N N 388 
VAL HG23 H N N 389 
VAL HXT  H N N 390 
# 
loop_
_chem_comp_bond.comp_id 
_chem_comp_bond.atom_id_1 
_chem_comp_bond.atom_id_2 
_chem_comp_bond.value_order 
_chem_comp_bond.pdbx_aromatic_flag 
_chem_comp_bond.pdbx_stereo_config 
_chem_comp_bond.pdbx_ordinal 
ALA N   CA   sing N N 1   
ALA N   H    sing N N 2   
ALA N   H2   sing N N 3   
ALA CA  C    sing N N 4   
ALA CA  CB   sing N N 5   
ALA CA  HA   sing N N 6   
ALA C   O    doub N N 7   
ALA C   OXT  sing N N 8   
ALA CB  HB1  sing N N 9   
ALA CB  HB2  sing N N 10  
ALA CB  HB3  sing N N 11  
ALA OXT HXT  sing N N 12  
ARG N   CA   sing N N 13  
ARG N   H    sing N N 14  
ARG N   H2   sing N N 15  
ARG CA  C    sing N N 16  
ARG CA  CB   sing N N 17  
ARG CA  HA   sing N N 18  
ARG C   O    doub N N 19  
ARG C   OXT  sing N N 20  
ARG CB  CG   sing N N 21  
ARG CB  HB2  sing N N 22  
ARG CB  HB3  sing N N 23  
ARG CG  CD   sing N N 24  
ARG CG  HG2  sing N N 25  
ARG CG  HG3  sing N N 26  
ARG CD  NE   sing N N 27  
ARG CD  HD2  sing N N 28  
ARG CD  HD3  sing N N 29  
ARG NE  CZ   sing N N 30  
ARG NE  HE   sing N N 31  
ARG CZ  NH1  sing N N 32  
ARG CZ  NH2  doub N N 33  
ARG NH1 HH11 sing N N 34  
ARG NH1 HH12 sing N N 35  
ARG NH2 HH21 sing N N 36  
ARG NH2 HH22 sing N N 37  
ARG OXT HXT  sing N N 38  
ASN N   CA   sing N N 39  
ASN N   H    sing N N 40  
ASN N   H2   sing N N 41  
ASN CA  C    sing N N 42  
ASN CA  CB   sing N N 43  
ASN CA  HA   sing N N 44  
ASN C   O    doub N N 45  
ASN C   OXT  sing N N 46  
ASN CB  CG   sing N N 47  
ASN CB  HB2  sing N N 48  
ASN CB  HB3  sing N N 49  
ASN CG  OD1  doub N N 50  
ASN CG  ND2  sing N N 51  
ASN ND2 HD21 sing N N 52  
ASN ND2 HD22 sing N N 53  
ASN OXT HXT  sing N N 54  
ASP N   CA   sing N N 55  
ASP N   H    sing N N 56  
ASP N   H2   sing N N 57  
ASP CA  C    sing N N 58  
ASP CA  CB   sing N N 59  
ASP CA  HA   sing N N 60  
ASP C   O    doub N N 61  
ASP C   OXT  sing N N 62  
ASP CB  CG   sing N N 63  
ASP CB  HB2  sing N N 64  
ASP CB  HB3  sing N N 65  
ASP CG  OD1  doub N N 66  
ASP CG  OD2  sing N N 67  
ASP OD2 HD2  sing N N 68  
ASP OXT HXT  sing N N 69  
CYS N   CA   sing N N 70  
CYS N   H    sing N N 71  
CYS N   H2   sing N N 72  
CYS CA  C    sing N N 73  
CYS CA  CB   sing N N 74  
CYS CA  HA   sing N N 75  
CYS C   O    doub N N 76  
CYS C   OXT  sing N N 77  
CYS CB  SG   sing N N 78  
CYS CB  HB2  sing N N 79  
CYS CB  HB3  sing N N 80  
CYS SG  HG   sing N N 81  
CYS OXT HXT  sing N N 82  
GLN N   CA   sing N N 83  
GLN N   H    sing N N 84  
GLN N   H2   sing N N 85  
GLN CA  C    sing N N 86  
GLN CA  CB   sing N N 87  
GLN CA  HA   sing N N 88  
GLN C   O    doub N N 89  
GLN C   OXT  sing N N 90  
GLN CB  CG   sing N N 91  
GLN CB  HB2  sing N N 92  
GLN CB  HB3  sing N N 93  
GLN CG  CD   sing N N 94  
GLN CG  HG2  sing N N 95  
GLN CG  HG3  sing N N 96  
GLN CD  OE1  doub N N 97  
GLN CD  NE2  sing N N 98  
GLN NE2 HE21 sing N N 99  
GLN NE2 HE22 sing N N 100 
GLN OXT HXT  sing N N 101 
GLU N   CA   sing N N 102 
GLU N   H    sing N N 103 
GLU N   H2   sing N N 104 
GLU CA  C    sing N N 105 
GLU CA  CB   sing N N 106 
GLU CA  HA   sing N N 107 
GLU C   O    doub N N 108 
GLU C   OXT  sing N N 109 
GLU CB  CG   sing N N 110 
GLU CB  HB2  sing N N 111 
GLU CB  HB3  sing N N 112 
GLU CG  CD   sing N N 113 
GLU CG  HG2  sing N N 114 
GLU CG  HG3  sing N N 115 
GLU CD  OE1  doub N N 116 
GLU CD  OE2  sing N N 117 
GLU OE2 HE2  sing N N 118 
GLU OXT HXT  sing N N 119 
GLY N   CA   sing N N 120 
GLY N   H    sing N N 121 
GLY N   H2   sing N N 122 
GLY CA  C    sing N N 123 
GLY CA  HA2  sing N N 124 
GLY CA  HA3  sing N N 125 
GLY C   O    doub N N 126 
GLY C   OXT  sing N N 127 
GLY OXT HXT  sing N N 128 
HIS N   CA   sing N N 129 
HIS N   H    sing N N 130 
HIS N   H2   sing N N 131 
HIS CA  C    sing N N 132 
HIS CA  CB   sing N N 133 
HIS CA  HA   sing N N 134 
HIS C   O    doub N N 135 
HIS C   OXT  sing N N 136 
HIS CB  CG   sing N N 137 
HIS CB  HB2  sing N N 138 
HIS CB  HB3  sing N N 139 
HIS CG  ND1  sing Y N 140 
HIS CG  CD2  doub Y N 141 
HIS ND1 CE1  doub Y N 142 
HIS ND1 HD1  sing N N 143 
HIS CD2 NE2  sing Y N 144 
HIS CD2 HD2  sing N N 145 
HIS CE1 NE2  sing Y N 146 
HIS CE1 HE1  sing N N 147 
HIS NE2 HE2  sing N N 148 
HIS OXT HXT  sing N N 149 
HOH O   H1   sing N N 150 
HOH O   H2   sing N N 151 
ILE N   CA   sing N N 152 
ILE N   H    sing N N 153 
ILE N   H2   sing N N 154 
ILE CA  C    sing N N 155 
ILE CA  CB   sing N N 156 
ILE CA  HA   sing N N 157 
ILE C   O    doub N N 158 
ILE C   OXT  sing N N 159 
ILE CB  CG1  sing N N 160 
ILE CB  CG2  sing N N 161 
ILE CB  HB   sing N N 162 
ILE CG1 CD1  sing N N 163 
ILE CG1 HG12 sing N N 164 
ILE CG1 HG13 sing N N 165 
ILE CG2 HG21 sing N N 166 
ILE CG2 HG22 sing N N 167 
ILE CG2 HG23 sing N N 168 
ILE CD1 HD11 sing N N 169 
ILE CD1 HD12 sing N N 170 
ILE CD1 HD13 sing N N 171 
ILE OXT HXT  sing N N 172 
LEU N   CA   sing N N 173 
LEU N   H    sing N N 174 
LEU N   H2   sing N N 175 
LEU CA  C    sing N N 176 
LEU CA  CB   sing N N 177 
LEU CA  HA   sing N N 178 
LEU C   O    doub N N 179 
LEU C   OXT  sing N N 180 
LEU CB  CG   sing N N 181 
LEU CB  HB2  sing N N 182 
LEU CB  HB3  sing N N 183 
LEU CG  CD1  sing N N 184 
LEU CG  CD2  sing N N 185 
LEU CG  HG   sing N N 186 
LEU CD1 HD11 sing N N 187 
LEU CD1 HD12 sing N N 188 
LEU CD1 HD13 sing N N 189 
LEU CD2 HD21 sing N N 190 
LEU CD2 HD22 sing N N 191 
LEU CD2 HD23 sing N N 192 
LEU OXT HXT  sing N N 193 
LYS N   CA   sing N N 194 
LYS N   H    sing N N 195 
LYS N   H2   sing N N 196 
LYS CA  C    sing N N 197 
LYS CA  CB   sing N N 198 
LYS CA  HA   sing N N 199 
LYS C   O    doub N N 200 
LYS C   OXT  sing N N 201 
LYS CB  CG   sing N N 202 
LYS CB  HB2  sing N N 203 
LYS CB  HB3  sing N N 204 
LYS CG  CD   sing N N 205 
LYS CG  HG2  sing N N 206 
LYS CG  HG3  sing N N 207 
LYS CD  CE   sing N N 208 
LYS CD  HD2  sing N N 209 
LYS CD  HD3  sing N N 210 
LYS CE  NZ   sing N N 211 
LYS CE  HE2  sing N N 212 
LYS CE  HE3  sing N N 213 
LYS NZ  HZ1  sing N N 214 
LYS NZ  HZ2  sing N N 215 
LYS NZ  HZ3  sing N N 216 
LYS OXT HXT  sing N N 217 
MET N   CA   sing N N 218 
MET N   H    sing N N 219 
MET N   H2   sing N N 220 
MET CA  C    sing N N 221 
MET CA  CB   sing N N 222 
MET CA  HA   sing N N 223 
MET C   O    doub N N 224 
MET C   OXT  sing N N 225 
MET CB  CG   sing N N 226 
MET CB  HB2  sing N N 227 
MET CB  HB3  sing N N 228 
MET CG  SD   sing N N 229 
MET CG  HG2  sing N N 230 
MET CG  HG3  sing N N 231 
MET SD  CE   sing N N 232 
MET CE  HE1  sing N N 233 
MET CE  HE2  sing N N 234 
MET CE  HE3  sing N N 235 
MET OXT HXT  sing N N 236 
PHE N   CA   sing N N 237 
PHE N   H    sing N N 238 
PHE N   H2   sing N N 239 
PHE CA  C    sing N N 240 
PHE CA  CB   sing N N 241 
PHE CA  HA   sing N N 242 
PHE C   O    doub N N 243 
PHE C   OXT  sing N N 244 
PHE CB  CG   sing N N 245 
PHE CB  HB2  sing N N 246 
PHE CB  HB3  sing N N 247 
PHE CG  CD1  doub Y N 248 
PHE CG  CD2  sing Y N 249 
PHE CD1 CE1  sing Y N 250 
PHE CD1 HD1  sing N N 251 
PHE CD2 CE2  doub Y N 252 
PHE CD2 HD2  sing N N 253 
PHE CE1 CZ   doub Y N 254 
PHE CE1 HE1  sing N N 255 
PHE CE2 CZ   sing Y N 256 
PHE CE2 HE2  sing N N 257 
PHE CZ  HZ   sing N N 258 
PHE OXT HXT  sing N N 259 
PRO N   CA   sing N N 260 
PRO N   CD   sing N N 261 
PRO N   H    sing N N 262 
PRO CA  C    sing N N 263 
PRO CA  CB   sing N N 264 
PRO CA  HA   sing N N 265 
PRO C   O    doub N N 266 
PRO C   OXT  sing N N 267 
PRO CB  CG   sing N N 268 
PRO CB  HB2  sing N N 269 
PRO CB  HB3  sing N N 270 
PRO CG  CD   sing N N 271 
PRO CG  HG2  sing N N 272 
PRO CG  HG3  sing N N 273 
PRO CD  HD2  sing N N 274 
PRO CD  HD3  sing N N 275 
PRO OXT HXT  sing N N 276 
SER N   CA   sing N N 277 
SER N   H    sing N N 278 
SER N   H2   sing N N 279 
SER CA  C    sing N N 280 
SER CA  CB   sing N N 281 
SER CA  HA   sing N N 282 
SER C   O    doub N N 283 
SER C   OXT  sing N N 284 
SER CB  OG   sing N N 285 
SER CB  HB2  sing N N 286 
SER CB  HB3  sing N N 287 
SER OG  HG   sing N N 288 
SER OXT HXT  sing N N 289 
THR N   CA   sing N N 290 
THR N   H    sing N N 291 
THR N   H2   sing N N 292 
THR CA  C    sing N N 293 
THR CA  CB   sing N N 294 
THR CA  HA   sing N N 295 
THR C   O    doub N N 296 
THR C   OXT  sing N N 297 
THR CB  OG1  sing N N 298 
THR CB  CG2  sing N N 299 
THR CB  HB   sing N N 300 
THR OG1 HG1  sing N N 301 
THR CG2 HG21 sing N N 302 
THR CG2 HG22 sing N N 303 
THR CG2 HG23 sing N N 304 
THR OXT HXT  sing N N 305 
TRP N   CA   sing N N 306 
TRP N   H    sing N N 307 
TRP N   H2   sing N N 308 
TRP CA  C    sing N N 309 
TRP CA  CB   sing N N 310 
TRP CA  HA   sing N N 311 
TRP C   O    doub N N 312 
TRP C   OXT  sing N N 313 
TRP CB  CG   sing N N 314 
TRP CB  HB2  sing N N 315 
TRP CB  HB3  sing N N 316 
TRP CG  CD1  doub Y N 317 
TRP CG  CD2  sing Y N 318 
TRP CD1 NE1  sing Y N 319 
TRP CD1 HD1  sing N N 320 
TRP CD2 CE2  doub Y N 321 
TRP CD2 CE3  sing Y N 322 
TRP NE1 CE2  sing Y N 323 
TRP NE1 HE1  sing N N 324 
TRP CE2 CZ2  sing Y N 325 
TRP CE3 CZ3  doub Y N 326 
TRP CE3 HE3  sing N N 327 
TRP CZ2 CH2  doub Y N 328 
TRP CZ2 HZ2  sing N N 329 
TRP CZ3 CH2  sing Y N 330 
TRP CZ3 HZ3  sing N N 331 
TRP CH2 HH2  sing N N 332 
TRP OXT HXT  sing N N 333 
TYR N   CA   sing N N 334 
TYR N   H    sing N N 335 
TYR N   H2   sing N N 336 
TYR CA  C    sing N N 337 
TYR CA  CB   sing N N 338 
TYR CA  HA   sing N N 339 
TYR C   O    doub N N 340 
TYR C   OXT  sing N N 341 
TYR CB  CG   sing N N 342 
TYR CB  HB2  sing N N 343 
TYR CB  HB3  sing N N 344 
TYR CG  CD1  doub Y N 345 
TYR CG  CD2  sing Y N 346 
TYR CD1 CE1  sing Y N 347 
TYR CD1 HD1  sing N N 348 
TYR CD2 CE2  doub Y N 349 
TYR CD2 HD2  sing N N 350 
TYR CE1 CZ   doub Y N 351 
TYR CE1 HE1  sing N N 352 
TYR CE2 CZ   sing Y N 353 
TYR CE2 HE2  sing N N 354 
TYR CZ  OH   sing N N 355 
TYR OH  HH   sing N N 356 
TYR OXT HXT  sing N N 357 
VAL N   CA   sing N N 358 
VAL N   H    sing N N 359 
VAL N   H2   sing N N 360 
VAL CA  C    sing N N 361 
VAL CA  CB   sing N N 362 
VAL CA  HA   sing N N 363 
VAL C   O    doub N N 364 
VAL C   OXT  sing N N 365 
VAL CB  CG1  sing N N 366 
VAL CB  CG2  sing N N 367 
VAL CB  HB   sing N N 368 
VAL CG1 HG11 sing N N 369 
VAL CG1 HG12 sing N N 370 
VAL CG1 HG13 sing N N 371 
VAL CG2 HG21 sing N N 372 
VAL CG2 HG22 sing N N 373 
VAL CG2 HG23 sing N N 374 
VAL OXT HXT  sing N N 375 
# 
_pdbx_entity_nonpoly.entity_id   2 
_pdbx_entity_nonpoly.name        water 
_pdbx_entity_nonpoly.comp_id     HOH 
# 
_pdbx_initial_refinement_model.id               1 
_pdbx_initial_refinement_model.entity_id_list   ? 
_pdbx_initial_refinement_model.type             'experimental model' 
_pdbx_initial_refinement_model.source_name      PDB 
_pdbx_initial_refinement_model.accession_code   1AE1 
_pdbx_initial_refinement_model.details          'PDB entry 1AE1' 
# 
